data_8ES9
#
_entry.id   8ES9
#
_cell.length_a   1.00
_cell.length_b   1.00
_cell.length_c   1.00
_cell.angle_alpha   90.00
_cell.angle_beta   90.00
_cell.angle_gamma   90.00
#
_symmetry.space_group_name_H-M   'P 1'
#
loop_
_entity.id
_entity.type
_entity.pdbx_description
1 polymer 'PN45428 TCR alpha chain'
2 polymer 'PN45428 TCR beta chain'
3 polymer 'T-cell surface glycoprotein CD3 zeta chain'
4 polymer 'T-cell surface glycoprotein CD3 delta chain'
5 polymer 'T-cell surface glycoprotein CD3 epsilon chain'
6 polymer 'T-cell surface glycoprotein CD3 gamma chain'
7 polymer 'MHC class I antigen'
8 polymer Beta-2-microglobulin
9 polymer 'Melanoma-associated antigen 4'
10 branched beta-D-mannopyranose-(1-4)-2-acetamido-2-deoxy-beta-D-glucopyranose-(1-4)-2-acetamido-2-deoxy-beta-D-glucopyranose
11 branched 2-acetamido-2-deoxy-beta-D-glucopyranose-(1-4)-2-acetamido-2-deoxy-beta-D-glucopyranose
12 non-polymer 2-acetamido-2-deoxy-beta-D-glucopyranose
13 non-polymer 'CHOLESTEROL HEMISUCCINATE'
#
loop_
_entity_poly.entity_id
_entity_poly.type
_entity_poly.pdbx_seq_one_letter_code
_entity_poly.pdbx_strand_id
1 'polypeptide(L)'
;MSLSSLLKVVTASLWLGPGIEDQVTQSPEALRLQEGESSSLNCSYTVSGLRGLFWYRQDPGKGPEFLFTLYSAGEEKEKE
RLKATLTKKESFLHITAPKPEDSATYLCAVQPLNAGNNRKLIWGLGTSLAVNPNIQNPDPAVYQLRDSKSSDKSVCLFTD
FDSQTNVSQSKDSDVYITDKTVLDMRSMDFKSNSAVAWSNKSDFACANAFNNSIIPEDTFFPSPESSCDVKLVEKSFETD
TNLNFQNLSVIGFRILLLKVAGFNLLMTLRLWSS
;
A
2 'polypeptide(L)'
;MGFRLLCCVAFCLLGAGPVGAVVSQHPSWVICKSGTSVKIECRSLDFQATTMFWYRQFPKQSLMLMATSNEGSKATYEQG
VEKDKFLINHASLTLSTLTVTSAHPEDSSFYICSAREWGGTEAFFGQGTRLTVVEDLNKVFPPEVAVFEPSEAEISHTQK
ATLVCLATGFFPDHVELSWWVNGKEVHSGVSTDPQPLKEQPALNDSRYCLSSRLRVSATFWQNPRNHFRCQVQFYGLSEN
DEWTQDRAKPVTQIVSAEAWGRADCGFTSVSYQQGVLSATILYEILLGKATLYAVLVSALVLMAMVKRKDSRGRAKRGSG
;
B
3 'polypeptide(L)'
;MKWKALFTAAILQAQLPITEAQSFGLLDPKLCYLLDGILFIYGVILTALFLRVKFSRSADAPAYQQGQNQLYNELNLGRR
EEYDVLDKRRGRDPEMGGKPQRRKNPQEGLYNELQKDKMAEAYSEIGMKGERRRGKGHDGLYQGLSTATKDTYDALHMQA
LPPRGSGLEVLFQ
;
Z,Y
4 'polypeptide(L)'
;MEHSTFLSGLVLATLLSQVSPFKIPIEELEDRVFVNCNTSITWVEGTVGTLLSDITRLDLGKRILDPRGIYRCNGTDIYK
DKESTVQVHYRMCQSCVELDPATVAGIIVTDVIATLLLALGVFCFAGHETGRLSGAADTQALLRNDQVYQPLRDRDDAQY
SHLGGNWARNKGSG
;
D
5 'polypeptide(L)'
;MGQSGTHWRVLGLCLLSVGVWGQDGNEEMGGITQTPYKVSISGTTVILTCPQYPGSEILWQHNDKNIGGDEDDKNIGSDE
DHLSLKEFSELEQSGYYVCYPRGSKPEDANFYLYLRARVCENCMEMDVMSVATIVIVDICITGGLLLLVYYWSKNRKAKA
KPVTRGAGAGGRQRGQNKERPPPVPNPDYEPIRKGQRDLYSGLNQRRIGSG
;
F,E
6 'polypeptide(L)'
;MEQGKGLAVLILAIILLQGTLAQSIKGNHLVKVYDYQEDGSVLLTCDAEAKNITWFKDGKMIGFLTEDKKKWNLGSNAKD
PRGMYQCKGSQNKSKPLQVYYRMCQNCIELNAATISGFLFAEIVSIFVLAVGVYFIAGQDGVRQSRASDKQTLLPNDQLY
QPLKDREDDQYSHLQGNQLRRNGSG
;
G
7 'polypeptide(L)'
;MGSHSMRYFFTSVSRPGRGEPRFIAVGYVDDTQFVRFDSDAASQRMEPRAPWIEQEGPEYWDGETRKVKAHSQTHRVDLG
TLRGYYNQSEAGSHTVQRMYGCDVGSDWRFLRGYHQYAYDGKDYIALKEDLRSWTAADMAAQTTKHKWEAAHVAEQLRAY
LEGTCVEWLRRYLENGKETLQRTDAPKTHMTHHAVSDHEATLRCWALSFYPAEITLTWQRDGEDQTQDTELVETRPAGDG
TFQKWAAVVVPSGQEQRYTCHVQHEGLPKPLTLRWEP
;
N
8 'polypeptide(L)'
;MIQRTPKIQVYSRHPAENGKSNFLNCYVSGFHPSDIEVDLLKNGERIEKVEHSDLSFSKDWSFYLLYYTEFTPTEKDEYA
CRVNHVTLSQPKIVKWDRDM
;
M
9 'polypeptide(L)' GVYDGREHTV P
#
# COMPACT_ATOMS: atom_id res chain seq x y z
N ASP A 22 -29.88 -20.55 -16.60
CA ASP A 22 -30.42 -21.57 -17.49
C ASP A 22 -29.52 -21.74 -18.71
N GLN A 23 -29.16 -20.64 -19.36
CA GLN A 23 -28.30 -20.71 -20.54
C GLN A 23 -27.40 -19.49 -20.56
N VAL A 24 -26.17 -19.66 -20.07
CA VAL A 24 -25.10 -18.67 -20.19
C VAL A 24 -23.84 -19.43 -20.56
N THR A 25 -23.38 -19.28 -21.79
CA THR A 25 -22.17 -19.94 -22.28
C THR A 25 -21.13 -18.90 -22.63
N GLN A 26 -19.92 -19.10 -22.13
CA GLN A 26 -18.81 -18.17 -22.33
C GLN A 26 -17.73 -18.86 -23.14
N SER A 27 -17.34 -18.24 -24.26
CA SER A 27 -16.37 -18.80 -25.17
C SER A 27 -15.42 -17.70 -25.62
N PRO A 28 -14.18 -18.02 -25.97
CA PRO A 28 -13.54 -19.35 -25.99
C PRO A 28 -13.17 -19.84 -24.60
N GLU A 29 -13.07 -21.16 -24.43
CA GLU A 29 -12.75 -21.72 -23.12
C GLU A 29 -11.33 -21.39 -22.69
N ALA A 30 -10.43 -21.09 -23.62
CA ALA A 30 -9.05 -20.76 -23.29
C ALA A 30 -8.48 -19.91 -24.41
N LEU A 31 -7.64 -18.95 -24.05
CA LEU A 31 -7.06 -18.02 -25.00
C LEU A 31 -5.54 -17.97 -24.83
N ARG A 32 -4.87 -17.42 -25.83
CA ARG A 32 -3.41 -17.29 -25.80
C ARG A 32 -3.03 -16.16 -26.73
N LEU A 33 -2.44 -15.09 -26.18
CA LEU A 33 -2.20 -13.87 -26.92
C LEU A 33 -0.72 -13.52 -26.90
N GLN A 34 -0.34 -12.64 -27.82
CA GLN A 34 0.98 -12.01 -27.84
C GLN A 34 0.87 -10.60 -27.28
N GLU A 35 1.84 -10.20 -26.47
CA GLU A 35 1.80 -8.89 -25.84
C GLU A 35 1.74 -7.80 -26.89
N GLY A 36 0.65 -7.03 -26.88
CA GLY A 36 0.45 -5.96 -27.82
C GLY A 36 -0.62 -6.23 -28.87
N GLU A 37 -1.29 -7.37 -28.81
CA GLU A 37 -2.35 -7.69 -29.75
C GLU A 37 -3.65 -7.02 -29.28
N SER A 38 -4.78 -7.44 -29.83
CA SER A 38 -6.07 -6.92 -29.39
C SER A 38 -7.09 -8.03 -29.59
N SER A 39 -7.79 -8.41 -28.52
CA SER A 39 -8.70 -9.54 -28.57
C SER A 39 -10.02 -9.18 -27.90
N SER A 40 -10.96 -10.12 -27.96
CA SER A 40 -12.28 -9.89 -27.37
C SER A 40 -12.90 -11.22 -26.97
N LEU A 41 -13.36 -11.29 -25.72
CA LEU A 41 -14.11 -12.42 -25.21
C LEU A 41 -15.59 -12.11 -25.35
N ASN A 42 -16.43 -13.14 -25.32
CA ASN A 42 -17.84 -12.82 -25.28
C ASN A 42 -18.68 -13.91 -24.62
N CYS A 43 -19.78 -13.47 -24.05
CA CYS A 43 -20.63 -14.25 -23.15
C CYS A 43 -22.04 -14.20 -23.71
N SER A 44 -22.58 -15.36 -24.08
CA SER A 44 -23.92 -15.45 -24.65
C SER A 44 -24.89 -15.94 -23.59
N TYR A 45 -26.08 -15.35 -23.57
CA TYR A 45 -27.07 -15.64 -22.55
C TYR A 45 -28.46 -15.62 -23.16
N THR A 46 -29.35 -16.48 -22.65
CA THR A 46 -30.77 -16.41 -22.99
C THR A 46 -31.58 -16.50 -21.70
N VAL A 47 -32.18 -15.37 -21.31
CA VAL A 47 -33.07 -15.30 -20.16
C VAL A 47 -34.24 -14.40 -20.51
N SER A 48 -35.33 -14.56 -19.75
CA SER A 48 -36.45 -13.63 -19.74
C SER A 48 -36.30 -12.86 -18.43
N GLY A 49 -35.53 -11.78 -18.47
CA GLY A 49 -34.94 -11.23 -17.27
C GLY A 49 -33.92 -10.15 -17.54
N LEU A 50 -32.71 -10.36 -17.02
CA LEU A 50 -31.61 -9.39 -17.10
C LEU A 50 -31.91 -8.13 -16.31
N ARG A 51 -32.03 -8.27 -15.00
CA ARG A 51 -31.91 -7.13 -14.10
C ARG A 51 -30.49 -6.57 -14.09
N GLY A 52 -29.50 -7.35 -14.53
CA GLY A 52 -28.14 -6.84 -14.61
C GLY A 52 -27.23 -7.91 -15.19
N LEU A 53 -26.02 -7.50 -15.53
CA LEU A 53 -25.02 -8.40 -16.09
C LEU A 53 -23.65 -7.97 -15.58
N PHE A 54 -22.94 -8.88 -14.91
CA PHE A 54 -21.73 -8.56 -14.19
C PHE A 54 -20.52 -9.28 -14.79
N TRP A 55 -19.42 -8.55 -14.93
CA TRP A 55 -18.14 -9.09 -15.37
C TRP A 55 -17.17 -9.06 -14.20
N TYR A 56 -16.58 -10.21 -13.89
CA TYR A 56 -15.62 -10.40 -12.81
C TYR A 56 -14.30 -10.96 -13.35
N ARG A 57 -13.27 -10.90 -12.52
CA ARG A 57 -11.94 -11.42 -12.85
C ARG A 57 -11.34 -12.08 -11.63
N GLN A 58 -10.80 -13.28 -11.80
CA GLN A 58 -10.33 -14.10 -10.69
C GLN A 58 -8.89 -14.55 -10.90
N ASP A 59 -8.06 -14.36 -9.89
CA ASP A 59 -6.70 -14.90 -9.83
C ASP A 59 -6.73 -16.34 -9.33
N PRO A 60 -5.64 -17.09 -9.51
CA PRO A 60 -5.67 -18.52 -9.15
C PRO A 60 -6.09 -18.82 -7.72
N GLY A 61 -5.65 -18.02 -6.75
CA GLY A 61 -5.94 -18.36 -5.37
C GLY A 61 -6.50 -17.23 -4.54
N LYS A 62 -7.27 -16.34 -5.15
CA LYS A 62 -7.87 -15.21 -4.46
C LYS A 62 -9.33 -15.10 -4.86
N GLY A 63 -10.03 -14.14 -4.24
CA GLY A 63 -11.41 -13.90 -4.55
C GLY A 63 -11.57 -13.11 -5.83
N PRO A 64 -12.70 -13.27 -6.50
CA PRO A 64 -12.93 -12.56 -7.76
C PRO A 64 -12.90 -11.05 -7.57
N GLU A 65 -12.40 -10.35 -8.58
CA GLU A 65 -12.35 -8.89 -8.57
C GLU A 65 -13.42 -8.35 -9.50
N PHE A 66 -14.24 -7.45 -8.96
CA PHE A 66 -15.37 -6.93 -9.72
C PHE A 66 -14.88 -5.97 -10.80
N LEU A 67 -15.36 -6.17 -12.03
CA LEU A 67 -14.93 -5.37 -13.18
C LEU A 67 -16.03 -4.48 -13.72
N PHE A 68 -17.18 -5.04 -14.11
CA PHE A 68 -18.19 -4.23 -14.78
C PHE A 68 -19.59 -4.66 -14.39
N THR A 69 -20.53 -3.71 -14.52
CA THR A 69 -21.97 -3.98 -14.45
C THR A 69 -22.64 -3.26 -15.61
N LEU A 70 -23.46 -3.99 -16.36
CA LEU A 70 -24.14 -3.47 -17.54
C LEU A 70 -25.64 -3.69 -17.36
N TYR A 71 -26.36 -2.65 -16.96
CA TYR A 71 -27.75 -2.81 -16.53
C TYR A 71 -28.70 -3.02 -17.71
N SER A 72 -28.53 -2.25 -18.78
CA SER A 72 -29.43 -2.32 -19.92
C SER A 72 -28.66 -2.69 -21.18
N ALA A 73 -29.40 -3.05 -22.22
CA ALA A 73 -28.78 -3.39 -23.49
C ALA A 73 -28.53 -2.12 -24.30
N GLY A 74 -27.30 -1.95 -24.75
CA GLY A 74 -26.96 -0.84 -25.62
C GLY A 74 -25.76 -0.03 -25.17
N GLU A 75 -25.61 0.16 -23.86
CA GLU A 75 -24.55 1.02 -23.39
C GLU A 75 -23.24 0.25 -23.30
N GLU A 76 -22.15 1.01 -23.15
CA GLU A 76 -20.81 0.43 -23.13
C GLU A 76 -19.95 1.16 -22.11
N LYS A 77 -19.32 0.40 -21.23
CA LYS A 77 -18.39 0.93 -20.25
C LYS A 77 -16.96 0.78 -20.74
N GLU A 78 -16.05 1.52 -20.12
CA GLU A 78 -14.64 1.45 -20.50
C GLU A 78 -13.78 1.85 -19.32
N LYS A 79 -12.99 0.90 -18.83
CA LYS A 79 -11.99 1.15 -17.81
C LYS A 79 -10.67 1.49 -18.50
N GLU A 80 -9.56 1.43 -17.76
CA GLU A 80 -8.26 1.86 -18.28
C GLU A 80 -7.92 1.21 -19.62
N ARG A 81 -8.05 -0.12 -19.71
CA ARG A 81 -7.79 -0.79 -20.98
C ARG A 81 -8.95 -1.70 -21.40
N LEU A 82 -9.70 -2.23 -20.44
CA LEU A 82 -10.82 -3.09 -20.75
C LEU A 82 -12.00 -2.28 -21.27
N LYS A 83 -12.87 -2.96 -22.02
CA LYS A 83 -14.08 -2.32 -22.52
C LYS A 83 -15.19 -3.37 -22.54
N ALA A 84 -16.41 -2.97 -22.21
CA ALA A 84 -17.52 -3.90 -22.17
C ALA A 84 -18.71 -3.31 -22.91
N THR A 85 -19.44 -4.18 -23.62
CA THR A 85 -20.67 -3.80 -24.29
C THR A 85 -21.74 -4.83 -23.98
N LEU A 86 -23.00 -4.43 -24.15
CA LEU A 86 -24.14 -5.31 -23.94
C LEU A 86 -25.12 -5.13 -25.08
N THR A 87 -25.64 -6.25 -25.61
CA THR A 87 -26.68 -6.23 -26.62
C THR A 87 -27.79 -7.18 -26.20
N LYS A 88 -28.78 -7.34 -27.09
CA LYS A 88 -29.94 -8.16 -26.74
C LYS A 88 -29.59 -9.63 -26.58
N LYS A 89 -28.52 -10.10 -27.22
CA LYS A 89 -28.22 -11.52 -27.25
C LYS A 89 -26.94 -11.91 -26.52
N GLU A 90 -25.96 -11.01 -26.44
CA GLU A 90 -24.67 -11.39 -25.88
C GLU A 90 -23.91 -10.13 -25.47
N SER A 91 -22.82 -10.33 -24.74
CA SER A 91 -21.97 -9.24 -24.29
C SER A 91 -20.53 -9.53 -24.66
N PHE A 92 -19.76 -8.47 -24.89
CA PHE A 92 -18.38 -8.58 -25.33
C PHE A 92 -17.46 -7.85 -24.36
N LEU A 93 -16.28 -8.41 -24.15
CA LEU A 93 -15.22 -7.79 -23.36
C LEU A 93 -14.01 -7.63 -24.27
N HIS A 94 -13.74 -6.38 -24.67
CA HIS A 94 -12.61 -6.05 -25.51
C HIS A 94 -11.39 -5.77 -24.64
N ILE A 95 -10.27 -6.39 -24.98
CA ILE A 95 -8.98 -6.10 -24.37
C ILE A 95 -8.05 -5.60 -25.46
N THR A 96 -7.48 -4.41 -25.26
CA THR A 96 -6.61 -3.78 -26.24
C THR A 96 -5.21 -3.67 -25.66
N ALA A 97 -4.23 -4.16 -26.42
CA ALA A 97 -2.82 -4.14 -26.02
C ALA A 97 -2.61 -4.79 -24.64
N PRO A 98 -2.87 -6.09 -24.53
CA PRO A 98 -2.71 -6.75 -23.22
C PRO A 98 -1.26 -6.78 -22.79
N LYS A 99 -1.08 -6.75 -21.49
CA LYS A 99 0.21 -6.95 -20.85
C LYS A 99 0.27 -8.34 -20.24
N PRO A 100 1.46 -8.85 -19.96
CA PRO A 100 1.56 -10.19 -19.35
C PRO A 100 1.02 -10.28 -17.93
N GLU A 101 0.46 -9.21 -17.36
CA GLU A 101 -0.21 -9.31 -16.08
C GLU A 101 -1.73 -9.34 -16.21
N ASP A 102 -2.26 -9.27 -17.43
CA ASP A 102 -3.69 -9.47 -17.65
C ASP A 102 -3.99 -10.95 -17.85
N SER A 103 -3.55 -11.77 -16.92
CA SER A 103 -3.72 -13.22 -17.00
C SER A 103 -4.53 -13.66 -15.79
N ALA A 104 -5.77 -14.06 -16.04
CA ALA A 104 -6.68 -14.47 -14.98
C ALA A 104 -7.82 -15.26 -15.63
N THR A 105 -8.87 -15.53 -14.85
CA THR A 105 -10.10 -16.13 -15.37
C THR A 105 -11.17 -15.06 -15.40
N TYR A 106 -11.80 -14.88 -16.56
CA TYR A 106 -12.78 -13.82 -16.74
C TYR A 106 -14.19 -14.41 -16.70
N LEU A 107 -14.98 -13.98 -15.73
CA LEU A 107 -16.25 -14.60 -15.42
C LEU A 107 -17.42 -13.68 -15.75
N CYS A 108 -18.52 -14.30 -16.15
CA CYS A 108 -19.73 -13.63 -16.60
C CYS A 108 -20.90 -14.12 -15.75
N ALA A 109 -21.70 -13.19 -15.23
CA ALA A 109 -22.86 -13.56 -14.43
C ALA A 109 -24.05 -12.73 -14.84
N VAL A 110 -25.24 -13.32 -14.73
CA VAL A 110 -26.49 -12.65 -15.08
C VAL A 110 -27.48 -12.84 -13.95
N GLN A 111 -28.25 -11.79 -13.65
CA GLN A 111 -29.26 -11.84 -12.61
C GLN A 111 -30.65 -11.74 -13.24
N PRO A 112 -31.42 -12.83 -13.30
CA PRO A 112 -32.75 -12.75 -13.91
C PRO A 112 -33.75 -12.02 -13.05
N LEU A 113 -34.79 -11.50 -13.71
CA LEU A 113 -35.81 -10.72 -13.02
C LEU A 113 -36.59 -11.57 -12.05
N ASN A 114 -36.96 -10.98 -10.91
CA ASN A 114 -37.81 -11.65 -9.93
C ASN A 114 -38.45 -10.60 -9.05
N ALA A 115 -39.73 -10.81 -8.73
CA ALA A 115 -40.46 -9.92 -7.83
C ALA A 115 -40.03 -10.24 -6.41
N GLY A 116 -38.89 -9.65 -6.03
CA GLY A 116 -38.33 -9.87 -4.71
C GLY A 116 -36.84 -10.13 -4.79
N ASN A 117 -36.35 -10.39 -6.00
CA ASN A 117 -34.94 -10.64 -6.29
C ASN A 117 -34.39 -11.85 -5.55
N ASN A 118 -35.26 -12.73 -5.08
CA ASN A 118 -34.81 -13.95 -4.39
C ASN A 118 -34.63 -15.08 -5.39
N ARG A 119 -33.80 -14.83 -6.39
CA ARG A 119 -33.47 -15.81 -7.42
C ARG A 119 -31.99 -15.72 -7.72
N LYS A 120 -31.29 -16.85 -7.62
CA LYS A 120 -29.84 -16.85 -7.65
C LYS A 120 -29.31 -16.55 -9.05
N LEU A 121 -28.05 -16.11 -9.10
CA LEU A 121 -27.42 -15.74 -10.36
C LEU A 121 -27.10 -16.98 -11.18
N ILE A 122 -26.67 -16.74 -12.41
CA ILE A 122 -26.29 -17.78 -13.35
C ILE A 122 -24.86 -17.49 -13.78
N TRP A 123 -23.96 -18.42 -13.52
CA TRP A 123 -22.53 -18.18 -13.67
C TRP A 123 -21.98 -18.86 -14.92
N GLY A 124 -21.23 -18.12 -15.71
CA GLY A 124 -20.47 -18.72 -16.79
C GLY A 124 -19.26 -19.48 -16.26
N LEU A 125 -18.74 -20.38 -17.09
CA LEU A 125 -17.68 -21.27 -16.62
C LEU A 125 -16.34 -20.56 -16.50
N GLY A 126 -16.02 -19.67 -17.43
CA GLY A 126 -14.78 -18.91 -17.36
C GLY A 126 -14.04 -18.94 -18.68
N THR A 127 -12.89 -18.27 -18.67
CA THR A 127 -12.03 -18.21 -19.85
C THR A 127 -10.61 -17.92 -19.38
N SER A 128 -9.74 -18.92 -19.43
CA SER A 128 -8.35 -18.71 -19.07
C SER A 128 -7.65 -17.91 -20.16
N LEU A 129 -7.16 -16.73 -19.79
CA LEU A 129 -6.40 -15.87 -20.68
C LEU A 129 -4.93 -15.91 -20.29
N ALA A 130 -4.07 -16.21 -21.26
CA ALA A 130 -2.63 -16.28 -21.04
C ALA A 130 -1.95 -15.37 -22.04
N VAL A 131 -1.18 -14.40 -21.54
CA VAL A 131 -0.50 -13.42 -22.37
C VAL A 131 0.99 -13.74 -22.38
N ASN A 132 1.56 -13.94 -23.55
CA ASN A 132 2.98 -14.26 -23.64
C ASN A 132 3.77 -13.02 -24.00
N PRO A 133 5.00 -12.90 -23.49
CA PRO A 133 5.80 -11.70 -23.77
C PRO A 133 6.45 -11.77 -25.13
N ASN A 134 6.77 -10.59 -25.65
CA ASN A 134 7.63 -10.46 -26.83
C ASN A 134 9.06 -10.30 -26.29
N ILE A 135 9.82 -11.39 -26.35
CA ILE A 135 11.09 -11.47 -25.64
C ILE A 135 12.20 -10.90 -26.52
N GLN A 136 11.82 -10.29 -27.64
CA GLN A 136 12.74 -9.62 -28.56
C GLN A 136 13.74 -10.66 -29.07
N ASN A 137 15.05 -10.49 -28.84
CA ASN A 137 16.00 -11.47 -29.36
C ASN A 137 16.20 -12.59 -28.36
N PRO A 138 16.06 -13.85 -28.78
CA PRO A 138 16.25 -14.97 -27.86
C PRO A 138 17.73 -15.19 -27.55
N ASP A 139 17.98 -15.93 -26.48
CA ASP A 139 19.32 -16.29 -26.08
C ASP A 139 19.25 -17.48 -25.13
N PRO A 140 18.78 -18.64 -25.58
CA PRO A 140 18.56 -19.76 -24.65
C PRO A 140 19.86 -20.20 -24.01
N ALA A 141 19.78 -20.60 -22.74
CA ALA A 141 20.98 -21.11 -22.08
C ALA A 141 20.58 -21.95 -20.87
N VAL A 142 21.51 -22.79 -20.44
CA VAL A 142 21.33 -23.65 -19.27
C VAL A 142 22.54 -23.47 -18.36
N TYR A 143 22.30 -22.98 -17.14
CA TYR A 143 23.36 -22.70 -16.19
C TYR A 143 23.19 -23.54 -14.94
N GLN A 144 24.27 -24.14 -14.46
CA GLN A 144 24.26 -24.94 -13.24
C GLN A 144 24.54 -24.02 -12.06
N LEU A 145 23.57 -23.86 -11.17
CA LEU A 145 23.73 -22.91 -10.08
C LEU A 145 24.55 -23.51 -8.94
N ARG A 146 25.26 -22.64 -8.23
CA ARG A 146 26.13 -23.06 -7.15
C ARG A 146 25.32 -23.73 -6.04
N ASP A 147 25.98 -24.62 -5.30
CA ASP A 147 25.33 -25.23 -4.16
C ASP A 147 25.13 -24.19 -3.05
N SER A 148 24.24 -24.52 -2.13
CA SER A 148 23.90 -23.64 -1.03
C SER A 148 24.69 -23.93 0.23
N LYS A 149 25.55 -24.96 0.22
CA LYS A 149 26.39 -25.32 1.36
C LYS A 149 25.54 -25.73 2.56
N SER A 150 24.23 -25.80 2.38
CA SER A 150 23.30 -26.21 3.44
C SER A 150 22.38 -27.33 3.01
N SER A 151 22.26 -27.61 1.72
CA SER A 151 21.45 -28.72 1.22
C SER A 151 22.24 -29.45 0.15
N ASP A 152 21.88 -30.71 -0.05
CA ASP A 152 22.56 -31.57 -1.01
C ASP A 152 21.93 -31.53 -2.40
N LYS A 153 20.91 -30.71 -2.60
CA LYS A 153 20.23 -30.68 -3.88
C LYS A 153 21.07 -29.99 -4.94
N SER A 154 20.94 -30.46 -6.17
CA SER A 154 21.61 -29.88 -7.32
C SER A 154 20.57 -29.20 -8.19
N VAL A 155 20.85 -27.95 -8.58
CA VAL A 155 19.87 -27.08 -9.23
C VAL A 155 20.50 -26.46 -10.47
N CYS A 156 19.76 -26.44 -11.56
CA CYS A 156 20.17 -25.63 -12.70
C CYS A 156 18.96 -24.98 -13.34
N LEU A 157 19.24 -24.01 -14.20
CA LEU A 157 18.28 -23.02 -14.62
C LEU A 157 18.36 -22.87 -16.14
N PHE A 158 17.21 -22.96 -16.79
CA PHE A 158 17.09 -22.82 -18.24
C PHE A 158 16.40 -21.50 -18.52
N THR A 159 17.09 -20.59 -19.22
CA THR A 159 16.62 -19.22 -19.35
C THR A 159 16.61 -18.73 -20.78
N ASP A 160 15.66 -17.81 -21.02
CA ASP A 160 15.67 -16.86 -22.13
C ASP A 160 15.49 -17.56 -23.47
N PHE A 161 14.47 -18.41 -23.55
CA PHE A 161 14.10 -19.03 -24.80
C PHE A 161 13.03 -18.19 -25.51
N ASP A 162 12.67 -18.60 -26.73
CA ASP A 162 11.87 -17.79 -27.65
C ASP A 162 10.41 -17.58 -27.20
N SER A 163 10.00 -18.03 -26.01
CA SER A 163 8.65 -17.85 -25.48
C SER A 163 7.60 -18.71 -26.19
N GLN A 164 7.98 -19.39 -27.26
CA GLN A 164 7.18 -20.46 -27.85
C GLN A 164 8.02 -21.74 -27.72
N THR A 165 7.92 -22.39 -26.57
CA THR A 165 8.74 -23.56 -26.30
C THR A 165 8.09 -24.34 -25.17
N ASN A 166 7.71 -25.59 -25.45
CA ASN A 166 7.11 -26.40 -24.40
C ASN A 166 8.17 -26.79 -23.38
N VAL A 167 7.75 -26.91 -22.13
CA VAL A 167 8.62 -27.41 -21.07
C VAL A 167 7.92 -28.62 -20.47
N SER A 168 8.41 -29.80 -20.81
CA SER A 168 7.76 -31.05 -20.45
C SER A 168 8.37 -31.60 -19.16
N GLN A 169 7.52 -32.21 -18.34
CA GLN A 169 7.98 -32.78 -17.08
C GLN A 169 8.97 -33.90 -17.33
N SER A 170 9.87 -34.10 -16.37
CA SER A 170 10.89 -35.13 -16.49
C SER A 170 10.28 -36.51 -16.25
N LYS A 171 10.61 -37.45 -17.13
CA LYS A 171 10.13 -38.82 -16.95
C LYS A 171 10.73 -39.46 -15.70
N ASP A 172 11.91 -39.00 -15.27
CA ASP A 172 12.51 -39.51 -14.05
C ASP A 172 11.68 -39.11 -12.85
N SER A 173 11.59 -40.01 -11.87
CA SER A 173 10.77 -39.77 -10.69
C SER A 173 11.43 -38.82 -9.70
N ASP A 174 12.76 -38.79 -9.67
CA ASP A 174 13.50 -38.04 -8.65
C ASP A 174 14.01 -36.69 -9.15
N VAL A 175 13.58 -36.25 -10.32
CA VAL A 175 13.97 -34.95 -10.87
C VAL A 175 12.72 -34.09 -10.99
N TYR A 176 12.76 -32.90 -10.39
CA TYR A 176 11.62 -31.99 -10.39
C TYR A 176 11.89 -30.84 -11.34
N ILE A 177 10.92 -30.55 -12.19
CA ILE A 177 10.99 -29.46 -13.17
C ILE A 177 9.70 -28.66 -13.07
N THR A 178 9.85 -27.34 -12.93
CA THR A 178 8.69 -26.45 -12.88
C THR A 178 8.36 -25.93 -14.26
N ASP A 179 7.17 -25.34 -14.38
CA ASP A 179 6.72 -24.82 -15.66
C ASP A 179 7.44 -23.51 -15.99
N LYS A 180 7.27 -23.06 -17.23
CA LYS A 180 7.89 -21.80 -17.64
C LYS A 180 7.24 -20.64 -16.91
N THR A 181 8.05 -19.63 -16.58
CA THR A 181 7.58 -18.47 -15.85
C THR A 181 8.17 -17.22 -16.48
N VAL A 182 7.40 -16.13 -16.42
CA VAL A 182 7.81 -14.85 -17.01
C VAL A 182 8.31 -13.93 -15.91
N LEU A 183 9.47 -13.32 -16.15
CA LEU A 183 10.12 -12.43 -15.19
C LEU A 183 10.32 -11.06 -15.84
N ASP A 184 10.08 -10.01 -15.06
CA ASP A 184 10.15 -8.63 -15.52
C ASP A 184 11.13 -7.84 -14.66
N MET A 185 12.10 -7.20 -15.31
CA MET A 185 13.04 -6.31 -14.65
C MET A 185 12.68 -4.88 -15.04
N ARG A 186 12.11 -4.14 -14.08
CA ARG A 186 11.80 -2.74 -14.34
C ARG A 186 13.03 -1.85 -14.34
N SER A 187 14.12 -2.30 -13.71
CA SER A 187 15.35 -1.52 -13.71
C SER A 187 16.00 -1.48 -15.09
N MET A 188 15.74 -2.47 -15.93
CA MET A 188 16.26 -2.50 -17.28
C MET A 188 15.19 -2.94 -18.28
N ASP A 189 13.92 -2.72 -17.95
CA ASP A 189 12.73 -3.08 -18.73
C ASP A 189 12.96 -4.34 -19.56
N PHE A 190 13.30 -5.43 -18.89
CA PHE A 190 13.75 -6.65 -19.55
C PHE A 190 12.81 -7.79 -19.17
N LYS A 191 12.13 -8.36 -20.16
CA LYS A 191 11.24 -9.49 -19.96
C LYS A 191 11.95 -10.77 -20.38
N SER A 192 11.73 -11.85 -19.62
CA SER A 192 12.39 -13.10 -19.94
C SER A 192 11.53 -14.26 -19.46
N ASN A 193 11.84 -15.45 -19.98
CA ASN A 193 11.22 -16.69 -19.56
C ASN A 193 12.26 -17.55 -18.83
N SER A 194 11.79 -18.41 -17.94
CA SER A 194 12.74 -19.22 -17.19
C SER A 194 12.07 -20.48 -16.67
N ALA A 195 12.91 -21.48 -16.39
CA ALA A 195 12.47 -22.71 -15.74
C ALA A 195 13.62 -23.26 -14.92
N VAL A 196 13.29 -24.07 -13.92
CA VAL A 196 14.25 -24.58 -12.96
C VAL A 196 14.13 -26.09 -12.88
N ALA A 197 15.25 -26.80 -12.91
CA ALA A 197 15.26 -28.24 -12.75
C ALA A 197 16.22 -28.62 -11.63
N TRP A 198 15.76 -29.47 -10.71
CA TRP A 198 16.59 -29.82 -9.58
C TRP A 198 16.36 -31.26 -9.17
N SER A 199 17.38 -31.84 -8.55
CA SER A 199 17.29 -33.23 -8.08
C SER A 199 18.42 -33.53 -7.12
N ASN A 200 18.29 -34.65 -6.41
CA ASN A 200 19.33 -35.13 -5.50
C ASN A 200 19.86 -36.44 -6.06
N LYS A 201 20.85 -36.35 -6.94
CA LYS A 201 21.51 -37.55 -7.43
C LYS A 201 22.91 -37.18 -7.90
N SER A 202 23.86 -38.10 -7.69
CA SER A 202 25.26 -37.81 -7.97
C SER A 202 25.52 -37.56 -9.45
N ASP A 203 24.94 -38.38 -10.32
CA ASP A 203 25.18 -38.27 -11.75
C ASP A 203 24.38 -37.16 -12.40
N PHE A 204 23.79 -36.25 -11.63
CA PHE A 204 22.93 -35.21 -12.21
C PHE A 204 23.78 -34.05 -12.67
N ALA A 205 24.24 -34.16 -13.92
CA ALA A 205 24.78 -33.02 -14.66
C ALA A 205 23.72 -32.68 -15.71
N CYS A 206 23.22 -31.45 -15.66
CA CYS A 206 21.96 -31.16 -16.34
C CYS A 206 22.15 -30.76 -17.79
N ALA A 207 23.22 -31.23 -18.42
CA ALA A 207 23.25 -31.28 -19.88
C ALA A 207 22.19 -32.24 -20.40
N ASN A 208 21.65 -33.10 -19.54
CA ASN A 208 20.63 -34.07 -19.90
C ASN A 208 19.32 -33.90 -19.12
N ALA A 209 19.21 -32.90 -18.24
CA ALA A 209 18.01 -32.78 -17.42
C ALA A 209 16.81 -32.35 -18.25
N PHE A 210 17.01 -31.43 -19.20
CA PHE A 210 15.94 -30.98 -20.07
C PHE A 210 15.86 -31.80 -21.35
N ASN A 211 16.25 -33.08 -21.29
CA ASN A 211 16.18 -33.94 -22.46
C ASN A 211 14.75 -34.13 -22.93
N ASN A 212 13.83 -34.35 -22.00
CA ASN A 212 12.47 -34.71 -22.37
C ASN A 212 11.76 -33.60 -23.13
N SER A 213 12.15 -32.36 -22.91
CA SER A 213 11.58 -31.24 -23.64
C SER A 213 12.35 -31.01 -24.94
N ILE A 214 11.68 -30.36 -25.90
CA ILE A 214 12.30 -30.04 -27.18
C ILE A 214 12.90 -28.65 -27.02
N ILE A 215 14.16 -28.61 -26.57
CA ILE A 215 14.89 -27.36 -26.42
C ILE A 215 15.23 -26.85 -27.81
N PRO A 216 15.37 -25.54 -28.00
CA PRO A 216 15.68 -25.02 -29.34
C PRO A 216 17.10 -25.34 -29.76
N GLU A 217 17.49 -24.90 -30.96
CA GLU A 217 18.84 -25.10 -31.43
C GLU A 217 19.76 -24.02 -30.85
N ASP A 218 21.06 -24.16 -31.13
CA ASP A 218 22.10 -23.26 -30.66
C ASP A 218 21.93 -22.85 -29.21
N THR A 219 21.48 -23.78 -28.37
CA THR A 219 21.39 -23.51 -26.94
C THR A 219 22.77 -23.53 -26.31
N PHE A 220 23.06 -22.53 -25.48
CA PHE A 220 24.39 -22.36 -24.92
C PHE A 220 24.58 -23.23 -23.69
N PHE A 221 25.62 -24.06 -23.71
CA PHE A 221 26.04 -24.83 -22.54
C PHE A 221 27.40 -24.32 -22.10
N PRO A 222 27.50 -23.74 -20.90
CA PRO A 222 28.76 -23.09 -20.53
C PRO A 222 29.88 -24.09 -20.29
N SER A 223 31.11 -23.60 -20.49
CA SER A 223 32.28 -24.40 -20.23
C SER A 223 32.43 -24.65 -18.73
N PRO A 224 33.03 -25.78 -18.33
CA PRO A 224 33.20 -26.06 -16.90
C PRO A 224 34.14 -25.10 -16.20
N GLU A 225 34.99 -24.38 -16.94
CA GLU A 225 35.91 -23.44 -16.34
C GLU A 225 35.17 -22.16 -15.95
N SER A 226 35.89 -21.27 -15.27
CA SER A 226 35.34 -20.00 -14.83
C SER A 226 36.07 -18.85 -15.52
N SER A 227 35.33 -17.77 -15.78
CA SER A 227 35.86 -16.59 -16.44
C SER A 227 35.80 -15.40 -15.51
N CYS A 228 36.67 -14.43 -15.77
CA CYS A 228 36.77 -13.22 -14.97
C CYS A 228 36.80 -11.99 -15.85
N ASP A 229 36.19 -10.91 -15.36
CA ASP A 229 36.29 -9.58 -15.97
C ASP A 229 36.51 -8.61 -14.82
N VAL A 230 37.78 -8.35 -14.50
CA VAL A 230 38.11 -7.52 -13.34
C VAL A 230 37.55 -6.11 -13.49
N LYS A 231 37.41 -5.63 -14.72
CA LYS A 231 36.81 -4.32 -14.94
C LYS A 231 35.36 -4.31 -14.47
N LEU A 232 34.61 -5.37 -14.77
CA LEU A 232 33.23 -5.46 -14.31
C LEU A 232 33.17 -5.48 -12.78
N VAL A 233 34.07 -6.21 -12.15
CA VAL A 233 34.07 -6.29 -10.69
C VAL A 233 34.42 -4.94 -10.08
N GLU A 234 35.31 -4.18 -10.72
CA GLU A 234 35.68 -2.89 -10.18
C GLU A 234 34.69 -1.78 -10.55
N LYS A 235 33.73 -2.06 -11.44
CA LYS A 235 32.65 -1.10 -11.64
C LYS A 235 31.79 -0.96 -10.38
N SER A 236 31.62 -2.05 -9.64
CA SER A 236 30.77 -2.06 -8.45
C SER A 236 31.62 -1.91 -7.19
N PHE A 237 32.14 -0.70 -6.99
CA PHE A 237 32.96 -0.38 -5.84
C PHE A 237 32.44 0.90 -5.19
N GLU A 238 32.39 0.90 -3.86
CA GLU A 238 31.96 2.07 -3.11
C GLU A 238 32.56 2.01 -1.72
N THR A 239 32.65 3.16 -1.07
CA THR A 239 33.32 3.29 0.22
C THR A 239 32.39 3.93 1.24
N ASP A 240 32.92 4.16 2.44
CA ASP A 240 32.19 4.80 3.52
C ASP A 240 33.13 5.75 4.24
N THR A 241 32.72 6.21 5.42
CA THR A 241 33.51 7.19 6.16
C THR A 241 34.78 6.59 6.74
N ASN A 242 34.70 5.36 7.25
CA ASN A 242 35.83 4.77 7.95
C ASN A 242 37.04 4.58 7.05
N LEU A 243 36.81 4.17 5.80
CA LEU A 243 37.93 4.03 4.88
C LEU A 243 38.58 5.38 4.60
N ASN A 244 37.77 6.43 4.46
CA ASN A 244 38.32 7.77 4.27
C ASN A 244 39.19 8.16 5.46
N PHE A 245 38.69 7.95 6.67
CA PHE A 245 39.44 8.34 7.87
C PHE A 245 40.74 7.54 7.98
N GLN A 246 40.69 6.25 7.67
CA GLN A 246 41.91 5.45 7.76
C GLN A 246 42.93 5.85 6.70
N ASN A 247 42.48 6.19 5.50
CA ASN A 247 43.42 6.69 4.49
C ASN A 247 44.05 8.01 4.93
N LEU A 248 43.25 8.90 5.52
CA LEU A 248 43.80 10.14 6.03
C LEU A 248 44.83 9.88 7.13
N SER A 249 44.55 8.91 8.01
CA SER A 249 45.51 8.57 9.06
C SER A 249 46.80 8.03 8.46
N VAL A 250 46.70 7.22 7.41
CA VAL A 250 47.91 6.73 6.74
C VAL A 250 48.72 7.89 6.19
N ILE A 251 48.05 8.85 5.55
CA ILE A 251 48.75 10.01 4.99
C ILE A 251 49.45 10.79 6.09
N GLY A 252 48.76 11.03 7.21
CA GLY A 252 49.37 11.77 8.31
C GLY A 252 50.57 11.06 8.90
N PHE A 253 50.46 9.75 9.11
CA PHE A 253 51.59 8.99 9.62
C PHE A 253 52.77 9.06 8.67
N ARG A 254 52.50 8.98 7.36
CA ARG A 254 53.59 9.04 6.39
C ARG A 254 54.30 10.39 6.46
N ILE A 255 53.53 11.49 6.56
CA ILE A 255 54.14 12.81 6.62
C ILE A 255 55.00 12.95 7.88
N LEU A 256 54.45 12.53 9.02
CA LEU A 256 55.21 12.65 10.26
C LEU A 256 56.48 11.81 10.23
N LEU A 257 56.40 10.59 9.68
CA LEU A 257 57.58 9.76 9.58
C LEU A 257 58.63 10.38 8.67
N LEU A 258 58.19 10.97 7.56
CA LEU A 258 59.14 11.63 6.67
C LEU A 258 59.86 12.77 7.38
N LYS A 259 59.11 13.59 8.11
CA LYS A 259 59.73 14.72 8.81
C LYS A 259 60.73 14.23 9.86
N VAL A 260 60.34 13.23 10.65
CA VAL A 260 61.22 12.75 11.70
C VAL A 260 62.46 12.09 11.12
N ALA A 261 62.30 11.36 10.00
CA ALA A 261 63.45 10.75 9.35
C ALA A 261 64.41 11.80 8.82
N GLY A 262 63.87 12.88 8.24
CA GLY A 262 64.74 13.97 7.83
C GLY A 262 65.52 14.58 8.98
N PHE A 263 64.83 14.79 10.11
CA PHE A 263 65.52 15.31 11.30
C PHE A 263 66.62 14.38 11.77
N ASN A 264 66.34 13.07 11.81
CA ASN A 264 67.34 12.11 12.27
C ASN A 264 68.53 12.05 11.32
N LEU A 265 68.29 12.10 10.01
CA LEU A 265 69.39 12.11 9.06
C LEU A 265 70.24 13.36 9.22
N LEU A 266 69.60 14.51 9.44
CA LEU A 266 70.36 15.73 9.68
C LEU A 266 71.21 15.62 10.93
N MET A 267 70.67 15.02 11.99
CA MET A 267 71.47 14.85 13.21
C MET A 267 72.65 13.91 12.99
N THR A 268 72.42 12.78 12.32
CA THR A 268 73.50 11.82 12.11
C THR A 268 74.54 12.34 11.13
N LEU A 269 74.20 13.34 10.31
CA LEU A 269 75.20 13.98 9.49
C LEU A 269 75.92 15.11 10.21
N ARG A 270 75.24 15.81 11.12
CA ARG A 270 75.91 16.79 11.97
C ARG A 270 76.97 16.13 12.83
N LEU A 271 76.62 15.00 13.46
CA LEU A 271 77.54 14.36 14.39
C LEU A 271 78.72 13.71 13.66
N TRP A 272 78.46 13.01 12.56
CA TRP A 272 79.51 12.32 11.84
C TRP A 272 80.23 13.24 10.85
N VAL B 22 -15.61 -2.82 1.27
CA VAL B 22 -14.74 -3.98 1.14
C VAL B 22 -15.17 -5.08 2.10
N VAL B 23 -15.37 -6.28 1.57
CA VAL B 23 -15.72 -7.44 2.37
C VAL B 23 -14.44 -8.19 2.73
N SER B 24 -14.31 -8.56 4.00
CA SER B 24 -13.12 -9.25 4.48
C SER B 24 -13.52 -10.44 5.33
N GLN B 25 -12.87 -11.56 5.09
CA GLN B 25 -13.09 -12.77 5.86
C GLN B 25 -12.02 -12.90 6.94
N HIS B 26 -12.27 -13.82 7.87
CA HIS B 26 -11.32 -14.18 8.90
C HIS B 26 -11.77 -15.48 9.55
N PRO B 27 -10.88 -16.48 9.71
CA PRO B 27 -9.47 -16.52 9.32
C PRO B 27 -9.25 -16.76 7.83
N SER B 28 -8.03 -16.54 7.35
CA SER B 28 -7.70 -16.76 5.95
C SER B 28 -7.03 -18.10 5.68
N TRP B 29 -6.58 -18.80 6.72
CA TRP B 29 -5.98 -20.12 6.58
C TRP B 29 -6.40 -20.96 7.78
N VAL B 30 -6.92 -22.15 7.53
CA VAL B 30 -7.44 -23.01 8.59
C VAL B 30 -6.89 -24.42 8.43
N ILE B 31 -6.49 -25.03 9.53
CA ILE B 31 -6.14 -26.44 9.58
C ILE B 31 -6.71 -27.02 10.86
N CYS B 32 -7.26 -28.24 10.77
CA CYS B 32 -7.92 -28.82 11.93
C CYS B 32 -7.92 -30.34 11.85
N LYS B 33 -7.88 -30.96 13.02
CA LYS B 33 -8.04 -32.41 13.13
C LYS B 33 -9.47 -32.80 12.77
N SER B 34 -9.62 -33.93 12.07
CA SER B 34 -10.93 -34.35 11.59
C SER B 34 -11.81 -34.74 12.77
N GLY B 35 -12.84 -33.96 13.05
CA GLY B 35 -13.74 -34.24 14.15
C GLY B 35 -14.18 -33.02 14.91
N THR B 36 -13.57 -31.88 14.59
CA THR B 36 -13.87 -30.61 15.26
C THR B 36 -14.65 -29.70 14.32
N SER B 37 -15.11 -28.59 14.88
CA SER B 37 -15.93 -27.63 14.15
C SER B 37 -15.09 -26.43 13.71
N VAL B 38 -15.45 -25.88 12.56
CA VAL B 38 -14.74 -24.76 11.96
C VAL B 38 -15.71 -23.59 11.80
N LYS B 39 -15.28 -22.40 12.16
CA LYS B 39 -16.12 -21.21 12.12
C LYS B 39 -15.43 -20.12 11.31
N ILE B 40 -16.11 -19.64 10.27
CA ILE B 40 -15.58 -18.63 9.36
C ILE B 40 -16.55 -17.45 9.36
N GLU B 41 -16.00 -16.24 9.31
CA GLU B 41 -16.79 -15.03 9.40
C GLU B 41 -16.61 -14.17 8.15
N CYS B 42 -17.61 -13.35 7.87
CA CYS B 42 -17.70 -12.58 6.64
C CYS B 42 -18.09 -11.14 6.93
N ARG B 43 -17.35 -10.49 7.83
CA ARG B 43 -17.59 -9.09 8.15
C ARG B 43 -17.67 -8.25 6.88
N SER B 44 -18.74 -7.47 6.76
CA SER B 44 -18.96 -6.59 5.63
C SER B 44 -18.72 -5.16 6.04
N LEU B 45 -17.96 -4.43 5.23
CA LEU B 45 -17.63 -3.05 5.50
C LEU B 45 -18.04 -2.20 4.30
N ASP B 46 -18.06 -0.88 4.52
CA ASP B 46 -18.37 0.18 3.56
C ASP B 46 -19.88 0.27 3.27
N PHE B 47 -20.70 -0.67 3.72
CA PHE B 47 -22.15 -0.56 3.63
C PHE B 47 -22.78 -1.60 4.53
N GLN B 48 -24.10 -1.59 4.59
CA GLN B 48 -24.89 -2.56 5.34
C GLN B 48 -25.42 -3.57 4.33
N ALA B 49 -24.80 -4.75 4.30
CA ALA B 49 -25.17 -5.75 3.29
C ALA B 49 -26.55 -6.31 3.58
N THR B 50 -27.39 -6.39 2.56
CA THR B 50 -28.69 -7.00 2.70
C THR B 50 -28.67 -8.48 2.38
N THR B 51 -27.84 -8.91 1.43
CA THR B 51 -27.76 -10.31 1.05
C THR B 51 -26.32 -10.78 1.14
N MET B 52 -26.12 -11.97 1.71
CA MET B 52 -24.79 -12.55 1.88
C MET B 52 -24.78 -13.96 1.30
N PHE B 53 -23.88 -14.20 0.36
CA PHE B 53 -23.75 -15.49 -0.31
C PHE B 53 -22.48 -16.20 0.15
N TRP B 54 -22.60 -17.50 0.37
CA TRP B 54 -21.47 -18.36 0.69
C TRP B 54 -21.26 -19.33 -0.46
N TYR B 55 -20.09 -19.27 -1.07
CA TYR B 55 -19.69 -20.10 -2.19
C TYR B 55 -18.74 -21.21 -1.74
N ARG B 56 -18.19 -21.95 -2.69
CA ARG B 56 -17.21 -22.99 -2.43
C ARG B 56 -16.52 -23.32 -3.74
N GLN B 57 -15.22 -23.57 -3.68
CA GLN B 57 -14.46 -23.85 -4.91
C GLN B 57 -13.42 -24.92 -4.61
N PHE B 58 -13.62 -26.11 -5.15
CA PHE B 58 -12.60 -27.14 -5.11
C PHE B 58 -11.49 -26.81 -6.09
N PRO B 59 -10.27 -27.29 -5.85
CA PRO B 59 -9.14 -26.91 -6.72
C PRO B 59 -9.36 -27.35 -8.16
N LYS B 60 -8.97 -26.47 -9.08
CA LYS B 60 -9.04 -26.69 -10.53
C LYS B 60 -10.46 -26.80 -11.05
N GLN B 61 -11.47 -26.32 -10.31
CA GLN B 61 -12.85 -26.35 -10.76
C GLN B 61 -13.51 -25.02 -10.43
N SER B 62 -14.66 -24.78 -11.06
CA SER B 62 -15.32 -23.48 -11.02
C SER B 62 -16.10 -23.29 -9.74
N LEU B 63 -16.59 -22.06 -9.55
CA LEU B 63 -17.33 -21.68 -8.35
C LEU B 63 -18.65 -22.42 -8.27
N MET B 64 -19.01 -22.84 -7.06
CA MET B 64 -20.30 -23.46 -6.80
C MET B 64 -20.94 -22.76 -5.60
N LEU B 65 -22.15 -22.27 -5.79
CA LEU B 65 -22.86 -21.59 -4.71
C LEU B 65 -23.29 -22.59 -3.65
N MET B 66 -23.02 -22.26 -2.39
CA MET B 66 -23.44 -23.10 -1.27
C MET B 66 -24.76 -22.63 -0.67
N ALA B 67 -24.83 -21.37 -0.24
CA ALA B 67 -26.05 -20.91 0.41
C ALA B 67 -26.17 -19.41 0.31
N THR B 68 -27.39 -18.92 0.58
CA THR B 68 -27.74 -17.52 0.51
C THR B 68 -28.50 -17.13 1.77
N SER B 69 -28.15 -15.99 2.35
CA SER B 69 -28.86 -15.45 3.51
C SER B 69 -29.36 -14.05 3.18
N ASN B 70 -30.64 -13.81 3.43
CA ASN B 70 -31.33 -12.60 3.02
C ASN B 70 -31.85 -11.85 4.24
N GLU B 71 -31.60 -10.54 4.28
CA GLU B 71 -32.07 -9.65 5.33
C GLU B 71 -31.78 -10.21 6.72
N GLY B 72 -32.79 -10.79 7.35
CA GLY B 72 -32.63 -11.39 8.66
C GLY B 72 -33.39 -12.69 8.80
N SER B 73 -33.84 -13.25 7.69
CA SER B 73 -34.60 -14.49 7.67
C SER B 73 -33.64 -15.67 7.78
N LYS B 74 -34.15 -16.87 7.53
CA LYS B 74 -33.35 -18.07 7.59
C LYS B 74 -32.75 -18.38 6.22
N ALA B 75 -31.55 -18.94 6.22
CA ALA B 75 -30.82 -19.14 4.99
C ALA B 75 -31.50 -20.17 4.10
N THR B 76 -31.25 -20.07 2.80
CA THR B 76 -31.78 -20.98 1.80
C THR B 76 -30.62 -21.78 1.22
N TYR B 77 -30.63 -23.08 1.42
CA TYR B 77 -29.53 -23.94 1.01
C TYR B 77 -29.78 -24.52 -0.38
N GLU B 78 -28.77 -25.22 -0.88
CA GLU B 78 -28.80 -25.75 -2.24
C GLU B 78 -29.02 -27.27 -2.17
N GLN B 79 -29.02 -27.90 -3.35
CA GLN B 79 -29.39 -29.31 -3.41
C GLN B 79 -28.37 -30.21 -2.71
N GLY B 80 -27.08 -29.92 -2.87
CA GLY B 80 -26.07 -30.81 -2.34
C GLY B 80 -25.28 -30.24 -1.18
N VAL B 81 -25.97 -29.58 -0.25
CA VAL B 81 -25.29 -28.87 0.84
C VAL B 81 -25.53 -29.51 2.20
N GLU B 82 -26.58 -30.33 2.35
CA GLU B 82 -26.80 -31.16 3.55
C GLU B 82 -26.77 -30.33 4.84
N LYS B 83 -27.86 -29.56 5.01
CA LYS B 83 -28.07 -28.60 6.08
C LYS B 83 -27.42 -28.98 7.41
N ASP B 84 -27.52 -30.23 7.84
CA ASP B 84 -26.96 -30.59 9.14
C ASP B 84 -25.45 -30.43 9.19
N LYS B 85 -24.78 -30.27 8.05
CA LYS B 85 -23.33 -30.09 8.03
C LYS B 85 -22.94 -28.61 8.19
N PHE B 86 -23.40 -27.76 7.27
CA PHE B 86 -23.07 -26.35 7.28
C PHE B 86 -24.19 -25.54 7.94
N LEU B 87 -23.80 -24.58 8.77
CA LEU B 87 -24.73 -23.71 9.47
C LEU B 87 -24.42 -22.25 9.16
N ILE B 88 -25.46 -21.45 8.97
CA ILE B 88 -25.31 -20.03 8.67
C ILE B 88 -26.15 -19.24 9.66
N ASN B 89 -25.54 -18.21 10.25
CA ASN B 89 -26.19 -17.37 11.26
C ASN B 89 -25.98 -15.90 10.89
N HIS B 90 -26.97 -15.31 10.22
CA HIS B 90 -26.93 -13.89 9.85
C HIS B 90 -27.37 -13.08 11.06
N ALA B 91 -26.44 -12.90 12.01
CA ALA B 91 -26.76 -12.25 13.26
C ALA B 91 -27.06 -10.76 13.06
N SER B 92 -26.07 -10.01 12.60
CA SER B 92 -26.22 -8.59 12.38
C SER B 92 -26.45 -8.30 10.90
N LEU B 93 -26.45 -7.03 10.53
CA LEU B 93 -26.56 -6.63 9.15
C LEU B 93 -25.20 -6.58 8.45
N THR B 94 -24.11 -6.78 9.18
CA THR B 94 -22.76 -6.73 8.62
C THR B 94 -21.91 -7.91 9.08
N LEU B 95 -22.54 -9.06 9.36
CA LEU B 95 -21.79 -10.21 9.84
C LEU B 95 -22.57 -11.49 9.55
N SER B 96 -22.05 -12.31 8.66
CA SER B 96 -22.49 -13.68 8.47
C SER B 96 -21.44 -14.61 9.05
N THR B 97 -21.86 -15.84 9.37
CA THR B 97 -20.96 -16.76 10.06
C THR B 97 -21.26 -18.18 9.58
N LEU B 98 -20.38 -18.71 8.73
CA LEU B 98 -20.49 -20.10 8.31
C LEU B 98 -19.83 -21.00 9.35
N THR B 99 -20.42 -22.15 9.61
CA THR B 99 -19.88 -23.09 10.58
C THR B 99 -20.01 -24.50 10.04
N VAL B 100 -18.88 -25.16 9.85
CA VAL B 100 -18.85 -26.57 9.48
C VAL B 100 -18.79 -27.38 10.78
N THR B 101 -19.80 -28.22 11.00
CA THR B 101 -19.97 -28.85 12.29
C THR B 101 -18.97 -29.98 12.50
N SER B 102 -19.03 -31.02 11.67
CA SER B 102 -18.17 -32.19 11.80
C SER B 102 -17.23 -32.21 10.60
N ALA B 103 -16.04 -31.64 10.78
CA ALA B 103 -15.11 -31.53 9.66
C ALA B 103 -14.66 -32.91 9.22
N HIS B 104 -14.51 -33.07 7.91
CA HIS B 104 -14.09 -34.31 7.27
C HIS B 104 -13.07 -33.96 6.20
N PRO B 105 -12.10 -34.85 5.93
CA PRO B 105 -11.06 -34.51 4.95
C PRO B 105 -11.60 -34.23 3.55
N GLU B 106 -12.81 -34.68 3.23
CA GLU B 106 -13.42 -34.32 1.95
C GLU B 106 -13.90 -32.89 1.91
N ASP B 107 -13.93 -32.19 3.05
CA ASP B 107 -14.34 -30.80 3.12
C ASP B 107 -13.17 -29.83 3.05
N SER B 108 -12.10 -30.20 2.35
CA SER B 108 -10.92 -29.36 2.21
C SER B 108 -11.04 -28.63 0.88
N SER B 109 -11.42 -27.36 0.93
CA SER B 109 -11.70 -26.61 -0.28
C SER B 109 -11.39 -25.14 -0.02
N PHE B 110 -11.89 -24.27 -0.88
CA PHE B 110 -11.61 -22.84 -0.87
C PHE B 110 -12.94 -22.10 -0.73
N TYR B 111 -13.22 -21.56 0.45
CA TYR B 111 -14.50 -20.94 0.74
C TYR B 111 -14.43 -19.43 0.54
N ILE B 112 -15.36 -18.90 -0.23
CA ILE B 112 -15.42 -17.47 -0.52
C ILE B 112 -16.79 -16.97 -0.06
N CYS B 113 -16.86 -15.66 0.21
CA CYS B 113 -18.09 -15.03 0.68
C CYS B 113 -18.29 -13.71 -0.02
N SER B 114 -19.51 -13.45 -0.46
CA SER B 114 -19.85 -12.21 -1.14
C SER B 114 -21.04 -11.54 -0.46
N ALA B 115 -21.14 -10.24 -0.66
CA ALA B 115 -22.21 -9.46 -0.04
C ALA B 115 -22.68 -8.36 -0.98
N ARG B 116 -23.99 -8.08 -0.93
CA ARG B 116 -24.55 -6.96 -1.68
C ARG B 116 -25.56 -6.22 -0.82
N GLU B 117 -25.68 -4.92 -1.08
CA GLU B 117 -26.72 -4.07 -0.52
C GLU B 117 -27.70 -3.73 -1.62
N TRP B 118 -29.00 -3.83 -1.32
CA TRP B 118 -30.07 -3.61 -2.28
C TRP B 118 -30.05 -4.71 -3.32
N GLY B 119 -31.22 -5.29 -3.62
CA GLY B 119 -31.27 -6.40 -4.54
C GLY B 119 -30.94 -6.10 -5.98
N GLY B 120 -30.52 -4.88 -6.28
CA GLY B 120 -30.25 -4.51 -7.64
C GLY B 120 -28.79 -4.21 -7.96
N THR B 121 -27.95 -4.11 -6.93
CA THR B 121 -26.55 -3.79 -7.11
C THR B 121 -25.71 -5.07 -7.12
N GLU B 122 -24.45 -4.91 -7.51
CA GLU B 122 -23.54 -6.03 -7.66
C GLU B 122 -22.96 -6.46 -6.32
N ALA B 123 -22.51 -7.70 -6.26
CA ALA B 123 -21.96 -8.29 -5.05
C ALA B 123 -20.44 -8.15 -5.02
N PHE B 124 -19.89 -8.25 -3.82
CA PHE B 124 -18.45 -8.09 -3.61
C PHE B 124 -17.91 -9.29 -2.84
N PHE B 125 -16.75 -9.78 -3.27
CA PHE B 125 -16.17 -11.02 -2.80
C PHE B 125 -14.99 -10.74 -1.88
N GLY B 126 -14.88 -11.48 -0.78
CA GLY B 126 -13.71 -11.26 0.05
C GLY B 126 -12.72 -12.41 0.20
N GLN B 127 -11.62 -12.35 -0.55
CA GLN B 127 -10.29 -12.92 -0.30
C GLN B 127 -10.25 -14.43 -0.09
N GLY B 128 -11.39 -15.11 -0.14
CA GLY B 128 -11.39 -16.54 0.11
C GLY B 128 -10.88 -16.99 1.47
N THR B 129 -10.88 -18.30 1.70
CA THR B 129 -10.41 -18.88 2.96
C THR B 129 -10.01 -20.33 2.71
N ARG B 130 -8.71 -20.60 2.66
CA ARG B 130 -8.23 -21.95 2.41
C ARG B 130 -8.42 -22.80 3.65
N LEU B 131 -9.18 -23.89 3.52
CA LEU B 131 -9.40 -24.84 4.60
C LEU B 131 -8.81 -26.19 4.20
N THR B 132 -8.05 -26.78 5.12
CA THR B 132 -7.47 -28.11 4.89
C THR B 132 -7.63 -28.93 6.16
N VAL B 133 -8.31 -30.07 6.05
CA VAL B 133 -8.58 -30.94 7.18
C VAL B 133 -7.84 -32.25 6.97
N VAL B 134 -7.12 -32.69 7.99
CA VAL B 134 -6.36 -33.93 7.97
C VAL B 134 -6.74 -34.73 9.22
N GLU B 135 -6.81 -36.05 9.07
CA GLU B 135 -7.26 -36.88 10.19
C GLU B 135 -6.15 -37.18 11.19
N ASP B 136 -4.94 -36.68 10.97
CA ASP B 136 -3.86 -36.85 11.93
C ASP B 136 -3.00 -35.60 11.92
N LEU B 137 -2.65 -35.12 13.10
CA LEU B 137 -1.82 -33.92 13.22
C LEU B 137 -0.34 -34.22 13.07
N ASN B 138 0.05 -35.48 12.88
CA ASN B 138 1.44 -35.85 12.69
C ASN B 138 1.82 -35.85 11.22
N LYS B 139 1.19 -34.98 10.43
CA LYS B 139 1.50 -34.84 9.01
C LYS B 139 1.84 -33.41 8.63
N VAL B 140 1.91 -32.49 9.59
CA VAL B 140 2.20 -31.10 9.32
C VAL B 140 3.70 -30.87 9.46
N PHE B 141 4.31 -30.25 8.44
CA PHE B 141 5.74 -30.11 8.37
C PHE B 141 6.10 -28.69 7.92
N PRO B 142 6.95 -27.99 8.67
CA PRO B 142 7.38 -26.67 8.22
C PRO B 142 8.23 -26.78 6.97
N PRO B 143 8.26 -25.75 6.14
CA PRO B 143 9.07 -25.81 4.92
C PRO B 143 10.56 -25.70 5.23
N GLU B 144 11.37 -26.19 4.29
CA GLU B 144 12.81 -25.99 4.34
C GLU B 144 13.23 -25.12 3.16
N VAL B 145 13.96 -24.04 3.45
CA VAL B 145 14.27 -23.01 2.48
C VAL B 145 15.78 -22.97 2.26
N ALA B 146 16.18 -22.93 0.99
CA ALA B 146 17.58 -22.76 0.62
C ALA B 146 17.68 -21.77 -0.52
N VAL B 147 18.82 -21.09 -0.61
CA VAL B 147 19.06 -20.08 -1.63
C VAL B 147 20.31 -20.46 -2.42
N PHE B 148 20.23 -20.37 -3.73
CA PHE B 148 21.30 -20.74 -4.63
C PHE B 148 21.73 -19.53 -5.43
N GLU B 149 23.03 -19.23 -5.39
CA GLU B 149 23.69 -18.06 -5.95
C GLU B 149 23.97 -18.24 -7.44
N PRO B 150 24.02 -17.16 -8.20
CA PRO B 150 24.18 -17.26 -9.64
C PRO B 150 25.53 -17.82 -10.04
N SER B 151 25.57 -18.41 -11.23
CA SER B 151 26.79 -18.97 -11.80
C SER B 151 27.56 -17.90 -12.55
N GLU B 152 28.89 -17.92 -12.39
CA GLU B 152 29.74 -16.89 -12.99
C GLU B 152 29.69 -16.92 -14.51
N ALA B 153 29.37 -18.08 -15.10
CA ALA B 153 29.20 -18.14 -16.54
C ALA B 153 28.04 -17.26 -16.99
N GLU B 154 26.95 -17.26 -16.23
CA GLU B 154 25.83 -16.38 -16.55
C GLU B 154 26.23 -14.91 -16.49
N ILE B 155 26.98 -14.53 -15.45
CA ILE B 155 27.40 -13.14 -15.29
C ILE B 155 28.31 -12.72 -16.44
N SER B 156 29.22 -13.61 -16.86
CA SER B 156 30.08 -13.29 -17.98
C SER B 156 29.29 -13.20 -19.29
N HIS B 157 28.34 -14.12 -19.49
CA HIS B 157 27.63 -14.16 -20.77
C HIS B 157 26.68 -12.99 -20.94
N THR B 158 25.86 -12.70 -19.93
CA THR B 158 24.75 -11.77 -20.11
C THR B 158 24.71 -10.62 -19.11
N GLN B 159 25.69 -10.52 -18.21
CA GLN B 159 25.77 -9.41 -17.25
C GLN B 159 24.55 -9.33 -16.35
N LYS B 160 23.98 -10.48 -15.98
CA LYS B 160 22.85 -10.52 -15.06
C LYS B 160 23.00 -11.72 -14.15
N ALA B 161 22.39 -11.63 -12.98
CA ALA B 161 22.47 -12.67 -11.97
C ALA B 161 21.06 -13.10 -11.58
N THR B 162 20.89 -14.39 -11.28
CA THR B 162 19.59 -14.95 -10.95
C THR B 162 19.74 -15.83 -9.70
N LEU B 163 19.28 -15.32 -8.56
CA LEU B 163 19.24 -16.12 -7.35
C LEU B 163 17.96 -16.95 -7.33
N VAL B 164 18.05 -18.16 -6.81
CA VAL B 164 16.92 -19.08 -6.78
C VAL B 164 16.65 -19.49 -5.34
N CYS B 165 15.40 -19.35 -4.92
CA CYS B 165 14.96 -19.77 -3.59
C CYS B 165 14.07 -20.99 -3.72
N LEU B 166 14.40 -22.04 -2.97
CA LEU B 166 13.66 -23.30 -3.01
C LEU B 166 13.11 -23.59 -1.62
N ALA B 167 11.79 -23.75 -1.54
CA ALA B 167 11.12 -24.19 -0.32
C ALA B 167 10.51 -25.55 -0.58
N THR B 168 10.90 -26.54 0.22
CA THR B 168 10.48 -27.91 -0.03
C THR B 168 9.98 -28.57 1.25
N GLY B 169 9.12 -29.56 1.06
CA GLY B 169 8.78 -30.49 2.12
C GLY B 169 7.78 -30.02 3.15
N PHE B 170 6.86 -29.15 2.76
CA PHE B 170 5.89 -28.62 3.70
C PHE B 170 4.49 -29.15 3.41
N PHE B 171 3.67 -29.22 4.46
CA PHE B 171 2.30 -29.65 4.37
C PHE B 171 1.56 -28.97 5.51
N PRO B 172 0.43 -28.29 5.24
CA PRO B 172 -0.25 -28.10 3.96
C PRO B 172 0.46 -27.11 3.06
N ASP B 173 -0.23 -26.65 2.01
CA ASP B 173 0.35 -25.70 1.07
C ASP B 173 0.01 -24.26 1.43
N HIS B 174 -0.18 -23.95 2.71
CA HIS B 174 -0.42 -22.58 3.16
C HIS B 174 0.91 -21.91 3.44
N VAL B 175 1.50 -21.29 2.42
CA VAL B 175 2.74 -20.54 2.57
C VAL B 175 2.67 -19.28 1.73
N GLU B 176 3.53 -18.32 2.08
CA GLU B 176 3.65 -17.05 1.36
C GLU B 176 5.11 -16.66 1.30
N LEU B 177 5.66 -16.54 0.09
CA LEU B 177 7.08 -16.33 -0.12
C LEU B 177 7.36 -14.90 -0.54
N SER B 178 8.47 -14.36 -0.06
CA SER B 178 8.82 -12.96 -0.32
C SER B 178 10.33 -12.79 -0.37
N TRP B 179 10.76 -11.72 -1.03
CA TRP B 179 12.17 -11.39 -1.23
C TRP B 179 12.49 -10.06 -0.58
N TRP B 180 13.52 -10.04 0.26
CA TRP B 180 13.91 -8.83 0.99
C TRP B 180 15.37 -8.51 0.67
N VAL B 181 15.61 -7.31 0.17
CA VAL B 181 16.95 -6.82 -0.12
C VAL B 181 17.21 -5.60 0.75
N ASN B 182 18.31 -5.62 1.49
CA ASN B 182 18.71 -4.52 2.36
C ASN B 182 17.58 -4.13 3.32
N GLY B 183 16.88 -5.15 3.83
CA GLY B 183 15.81 -4.93 4.78
C GLY B 183 14.52 -4.42 4.20
N LYS B 184 14.41 -4.27 2.88
CA LYS B 184 13.22 -3.76 2.23
C LYS B 184 12.67 -4.83 1.30
N GLU B 185 11.36 -5.05 1.36
CA GLU B 185 10.74 -6.00 0.44
C GLU B 185 10.85 -5.50 -0.99
N VAL B 186 11.15 -6.40 -1.92
CA VAL B 186 11.35 -6.05 -3.32
C VAL B 186 10.21 -6.64 -4.13
N HIS B 187 9.82 -5.93 -5.20
CA HIS B 187 8.74 -6.38 -6.07
C HIS B 187 9.14 -6.51 -7.53
N SER B 188 10.19 -5.83 -7.98
CA SER B 188 10.60 -5.86 -9.38
C SER B 188 11.69 -6.90 -9.59
N GLY B 189 11.57 -7.68 -10.66
CA GLY B 189 12.53 -8.71 -10.95
C GLY B 189 12.30 -10.02 -10.24
N VAL B 190 11.14 -10.20 -9.62
CA VAL B 190 10.82 -11.41 -8.86
C VAL B 190 9.75 -12.19 -9.59
N SER B 191 9.94 -13.50 -9.73
CA SER B 191 8.92 -14.36 -10.30
C SER B 191 8.76 -15.61 -9.45
N THR B 192 7.53 -15.92 -9.07
CA THR B 192 7.21 -17.06 -8.22
C THR B 192 6.14 -17.89 -8.90
N ASP B 193 6.21 -19.20 -8.67
CA ASP B 193 5.21 -20.10 -9.24
C ASP B 193 3.83 -19.75 -8.70
N PRO B 194 2.78 -19.81 -9.53
CA PRO B 194 1.45 -19.43 -9.05
C PRO B 194 0.95 -20.30 -7.91
N GLN B 195 1.26 -21.59 -7.92
CA GLN B 195 0.75 -22.50 -6.92
C GLN B 195 1.82 -23.53 -6.59
N PRO B 196 1.84 -24.04 -5.36
CA PRO B 196 2.74 -25.14 -5.02
C PRO B 196 2.40 -26.40 -5.79
N LEU B 197 3.42 -27.22 -6.03
CA LEU B 197 3.28 -28.46 -6.76
C LEU B 197 3.72 -29.62 -5.89
N LYS B 198 3.03 -30.75 -6.01
CA LYS B 198 3.32 -31.90 -5.17
C LYS B 198 4.68 -32.51 -5.51
N GLU B 199 5.31 -33.12 -4.51
CA GLU B 199 6.54 -33.85 -4.76
C GLU B 199 6.26 -35.15 -5.53
N GLN B 200 5.43 -36.02 -4.95
CA GLN B 200 4.93 -37.18 -5.67
C GLN B 200 3.49 -36.90 -6.07
N PRO B 201 3.21 -36.62 -7.34
CA PRO B 201 1.83 -36.23 -7.71
C PRO B 201 0.80 -37.30 -7.43
N ALA B 202 1.16 -38.58 -7.50
CA ALA B 202 0.17 -39.64 -7.41
C ALA B 202 -0.21 -39.92 -5.96
N LEU B 203 0.78 -40.17 -5.10
CA LEU B 203 0.50 -40.66 -3.76
C LEU B 203 -0.20 -39.60 -2.91
N ASN B 204 -1.03 -40.07 -1.98
CA ASN B 204 -1.64 -39.18 -1.01
C ASN B 204 -0.60 -38.67 -0.02
N ASP B 205 -0.97 -37.60 0.70
CA ASP B 205 -0.19 -37.07 1.81
C ASP B 205 1.18 -36.57 1.37
N SER B 206 1.36 -36.30 0.08
CA SER B 206 2.65 -35.86 -0.41
C SER B 206 2.95 -34.43 0.05
N ARG B 207 4.23 -34.10 0.08
CA ARG B 207 4.68 -32.78 0.47
C ARG B 207 4.51 -31.82 -0.71
N TYR B 208 5.07 -30.62 -0.60
CA TYR B 208 4.94 -29.64 -1.67
C TYR B 208 6.28 -28.96 -1.90
N CYS B 209 6.43 -28.39 -3.08
CA CYS B 209 7.63 -27.66 -3.47
C CYS B 209 7.25 -26.34 -4.10
N LEU B 210 8.05 -25.31 -3.83
CA LEU B 210 7.84 -23.99 -4.40
C LEU B 210 9.19 -23.37 -4.71
N SER B 211 9.26 -22.65 -5.83
CA SER B 211 10.50 -22.07 -6.31
C SER B 211 10.26 -20.61 -6.66
N SER B 212 11.27 -19.79 -6.41
CA SER B 212 11.19 -18.36 -6.69
C SER B 212 12.51 -17.92 -7.31
N ARG B 213 12.43 -16.95 -8.20
CA ARG B 213 13.60 -16.46 -8.91
C ARG B 213 13.69 -14.95 -8.79
N LEU B 214 14.87 -14.45 -8.50
CA LEU B 214 15.13 -13.01 -8.44
C LEU B 214 16.28 -12.68 -9.38
N ARG B 215 16.05 -11.71 -10.27
CA ARG B 215 17.04 -11.32 -11.25
C ARG B 215 17.54 -9.92 -10.97
N VAL B 216 18.85 -9.73 -11.09
CA VAL B 216 19.54 -8.53 -10.64
C VAL B 216 20.63 -8.21 -11.65
N SER B 217 20.95 -6.92 -11.79
CA SER B 217 22.08 -6.54 -12.63
C SER B 217 23.38 -7.10 -12.06
N ALA B 218 24.36 -7.28 -12.93
CA ALA B 218 25.61 -7.91 -12.51
C ALA B 218 26.32 -7.07 -11.45
N THR B 219 26.37 -5.75 -11.63
CA THR B 219 27.09 -4.89 -10.70
C THR B 219 26.46 -4.91 -9.32
N PHE B 220 25.12 -4.94 -9.26
CA PHE B 220 24.46 -4.93 -7.95
C PHE B 220 24.76 -6.19 -7.16
N TRP B 221 24.84 -7.34 -7.84
CA TRP B 221 25.00 -8.59 -7.11
C TRP B 221 26.38 -8.69 -6.47
N GLN B 222 27.44 -8.39 -7.22
CA GLN B 222 28.80 -8.63 -6.77
C GLN B 222 29.39 -7.44 -6.03
N ASN B 223 28.56 -6.64 -5.38
CA ASN B 223 29.01 -5.65 -4.41
C ASN B 223 28.82 -6.23 -3.03
N PRO B 224 29.88 -6.59 -2.31
CA PRO B 224 29.71 -7.36 -1.06
C PRO B 224 28.97 -6.61 0.04
N ARG B 225 28.52 -5.39 -0.21
CA ARG B 225 27.76 -4.63 0.77
C ARG B 225 26.26 -4.91 0.73
N ASN B 226 25.80 -5.70 -0.23
CA ASN B 226 24.38 -5.95 -0.43
C ASN B 226 23.98 -7.27 0.22
N HIS B 227 22.84 -7.26 0.90
CA HIS B 227 22.33 -8.41 1.63
C HIS B 227 21.01 -8.85 1.01
N PHE B 228 20.94 -10.11 0.61
CA PHE B 228 19.74 -10.68 0.00
C PHE B 228 19.14 -11.73 0.93
N ARG B 229 17.81 -11.78 1.01
CA ARG B 229 17.16 -12.73 1.89
C ARG B 229 15.87 -13.21 1.24
N CYS B 230 15.60 -14.50 1.38
CA CYS B 230 14.35 -15.11 0.95
C CYS B 230 13.60 -15.57 2.18
N GLN B 231 12.33 -15.19 2.28
CA GLN B 231 11.52 -15.49 3.46
C GLN B 231 10.28 -16.27 3.04
N VAL B 232 9.91 -17.27 3.83
CA VAL B 232 8.70 -18.03 3.61
C VAL B 232 7.91 -18.02 4.91
N GLN B 233 6.70 -17.49 4.87
CA GLN B 233 5.78 -17.45 6.00
C GLN B 233 4.86 -18.65 5.91
N PHE B 234 4.75 -19.40 7.00
CA PHE B 234 4.03 -20.67 7.02
C PHE B 234 2.96 -20.62 8.10
N TYR B 235 1.72 -20.96 7.74
CA TYR B 235 0.60 -20.96 8.67
C TYR B 235 0.24 -22.39 9.01
N GLY B 236 0.42 -22.75 10.27
CA GLY B 236 0.26 -24.13 10.68
C GLY B 236 -0.54 -24.32 11.95
N LEU B 237 -0.09 -25.27 12.78
CA LEU B 237 -0.84 -25.65 13.97
C LEU B 237 -1.02 -24.46 14.90
N SER B 238 -2.20 -24.37 15.50
CA SER B 238 -2.51 -23.24 16.36
C SER B 238 -1.75 -23.33 17.68
N GLU B 239 -1.99 -22.34 18.55
CA GLU B 239 -1.25 -22.25 19.80
C GLU B 239 -1.68 -23.30 20.82
N ASN B 240 -2.89 -23.85 20.70
CA ASN B 240 -3.38 -24.87 21.62
C ASN B 240 -3.87 -26.12 20.86
N ASP B 241 -2.91 -26.96 20.50
CA ASP B 241 -3.18 -28.24 19.85
C ASP B 241 -2.28 -29.29 20.48
N GLU B 242 -2.86 -30.42 20.87
CA GLU B 242 -2.11 -31.42 21.62
C GLU B 242 -1.03 -32.04 20.75
N TRP B 243 0.21 -32.01 21.23
CA TRP B 243 1.37 -32.47 20.48
C TRP B 243 2.09 -33.54 21.31
N THR B 244 2.09 -34.77 20.80
CA THR B 244 2.71 -35.90 21.49
C THR B 244 3.80 -36.54 20.62
N GLN B 245 4.64 -35.71 20.00
CA GLN B 245 5.73 -36.19 19.17
C GLN B 245 7.05 -35.56 19.61
N ASP B 246 8.14 -36.27 19.35
CA ASP B 246 9.45 -35.80 19.79
C ASP B 246 9.87 -34.53 19.08
N ARG B 247 9.58 -34.43 17.79
CA ARG B 247 10.05 -33.30 16.99
C ARG B 247 9.30 -32.03 17.35
N ALA B 248 9.69 -30.93 16.72
CA ALA B 248 9.14 -29.63 17.05
C ALA B 248 7.69 -29.52 16.61
N LYS B 249 6.93 -28.67 17.29
CA LYS B 249 5.55 -28.44 16.94
C LYS B 249 5.47 -27.47 15.76
N PRO B 250 4.90 -27.87 14.63
CA PRO B 250 4.87 -27.01 13.43
C PRO B 250 3.83 -25.90 13.50
N VAL B 251 4.19 -24.82 14.18
CA VAL B 251 3.31 -23.68 14.34
C VAL B 251 3.66 -22.66 13.26
N THR B 252 2.78 -21.68 13.08
CA THR B 252 3.03 -20.63 12.11
C THR B 252 4.34 -19.93 12.42
N GLN B 253 5.16 -19.74 11.39
CA GLN B 253 6.52 -19.26 11.60
C GLN B 253 7.04 -18.66 10.30
N ILE B 254 8.31 -18.26 10.33
CA ILE B 254 8.97 -17.64 9.20
C ILE B 254 10.34 -18.29 9.05
N VAL B 255 10.63 -18.81 7.85
CA VAL B 255 11.89 -19.47 7.57
C VAL B 255 12.62 -18.67 6.51
N SER B 256 13.88 -18.32 6.77
CA SER B 256 14.64 -17.42 5.92
C SER B 256 15.89 -18.10 5.41
N ALA B 257 16.44 -17.52 4.34
CA ALA B 257 17.75 -17.92 3.82
C ALA B 257 18.43 -16.68 3.28
N GLU B 258 19.64 -16.39 3.78
CA GLU B 258 20.32 -15.14 3.48
C GLU B 258 21.57 -15.38 2.63
N ALA B 259 22.05 -14.30 2.04
CA ALA B 259 23.27 -14.34 1.23
C ALA B 259 23.87 -12.95 1.16
N TRP B 260 25.19 -12.91 1.06
CA TRP B 260 25.95 -11.67 0.87
C TRP B 260 26.38 -11.56 -0.58
N GLY B 261 26.51 -10.33 -1.06
CA GLY B 261 27.08 -10.12 -2.38
C GLY B 261 28.46 -10.74 -2.47
N ARG B 262 28.83 -11.19 -3.67
CA ARG B 262 30.03 -12.00 -3.83
C ARG B 262 30.78 -11.56 -5.07
N ALA B 263 32.03 -11.15 -4.90
CA ALA B 263 32.94 -10.85 -6.00
C ALA B 263 34.10 -11.83 -5.88
N ASP B 264 34.09 -12.86 -6.72
CA ASP B 264 35.03 -13.97 -6.54
C ASP B 264 36.44 -13.57 -6.94
N CYS B 265 36.58 -12.84 -8.04
CA CYS B 265 37.88 -12.49 -8.60
C CYS B 265 37.89 -11.00 -8.94
N GLY B 266 38.72 -10.26 -8.21
CA GLY B 266 38.82 -8.83 -8.39
C GLY B 266 39.17 -8.17 -7.07
N PHE B 267 39.25 -6.83 -7.13
CA PHE B 267 39.60 -6.03 -5.96
C PHE B 267 38.33 -5.40 -5.40
N THR B 268 37.99 -5.76 -4.16
CA THR B 268 36.79 -5.28 -3.50
C THR B 268 37.16 -4.37 -2.33
N SER B 269 36.14 -3.95 -1.58
CA SER B 269 36.39 -3.08 -0.43
C SER B 269 37.08 -3.81 0.70
N VAL B 270 36.81 -5.10 0.87
CA VAL B 270 37.40 -5.84 1.99
C VAL B 270 38.92 -5.88 1.85
N SER B 271 39.40 -6.17 0.64
CA SER B 271 40.84 -6.21 0.40
C SER B 271 41.48 -4.86 0.67
N TYR B 272 40.83 -3.78 0.21
CA TYR B 272 41.39 -2.46 0.42
C TYR B 272 41.45 -2.12 1.90
N GLN B 273 40.42 -2.50 2.66
CA GLN B 273 40.41 -2.26 4.09
C GLN B 273 41.54 -3.01 4.79
N GLN B 274 41.74 -4.28 4.42
CA GLN B 274 42.82 -5.05 5.03
C GLN B 274 44.17 -4.43 4.70
N GLY B 275 44.37 -4.01 3.45
CA GLY B 275 45.63 -3.37 3.10
C GLY B 275 45.87 -2.08 3.86
N VAL B 276 44.83 -1.26 4.00
CA VAL B 276 44.98 -0.01 4.74
C VAL B 276 45.31 -0.27 6.20
N LEU B 277 44.66 -1.27 6.81
CA LEU B 277 44.95 -1.58 8.21
C LEU B 277 46.39 -2.04 8.38
N SER B 278 46.86 -2.93 7.51
CA SER B 278 48.24 -3.40 7.60
C SER B 278 49.23 -2.25 7.41
N ALA B 279 48.96 -1.37 6.45
CA ALA B 279 49.84 -0.24 6.23
C ALA B 279 49.87 0.69 7.44
N THR B 280 48.71 0.93 8.05
CA THR B 280 48.67 1.77 9.25
C THR B 280 49.53 1.18 10.35
N ILE B 281 49.39 -0.13 10.60
CA ILE B 281 50.15 -0.76 11.67
C ILE B 281 51.65 -0.65 11.39
N LEU B 282 52.06 -0.95 10.15
CA LEU B 282 53.49 -0.95 9.85
C LEU B 282 54.08 0.45 9.92
N TYR B 283 53.35 1.45 9.41
CA TYR B 283 53.85 2.83 9.49
C TYR B 283 53.93 3.30 10.94
N GLU B 284 52.97 2.90 11.78
CA GLU B 284 53.06 3.27 13.18
C GLU B 284 54.28 2.65 13.84
N ILE B 285 54.58 1.39 13.51
CA ILE B 285 55.78 0.72 14.02
C ILE B 285 57.04 1.50 13.60
N LEU B 286 57.12 1.83 12.31
CA LEU B 286 58.31 2.51 11.81
C LEU B 286 58.47 3.88 12.44
N LEU B 287 57.37 4.61 12.62
CA LEU B 287 57.45 5.92 13.27
C LEU B 287 57.91 5.79 14.72
N GLY B 288 57.41 4.78 15.43
CA GLY B 288 57.88 4.55 16.79
C GLY B 288 59.37 4.29 16.85
N LYS B 289 59.87 3.46 15.92
CA LYS B 289 61.30 3.18 15.89
C LYS B 289 62.10 4.44 15.59
N ALA B 290 61.62 5.26 14.64
CA ALA B 290 62.34 6.47 14.28
C ALA B 290 62.38 7.45 15.45
N THR B 291 61.26 7.62 16.15
CA THR B 291 61.27 8.53 17.30
C THR B 291 62.06 7.96 18.48
N LEU B 292 62.21 6.64 18.56
CA LEU B 292 63.17 6.09 19.52
C LEU B 292 64.59 6.49 19.16
N TYR B 293 64.95 6.36 17.88
CA TYR B 293 66.29 6.73 17.44
C TYR B 293 66.56 8.22 17.68
N ALA B 294 65.53 9.05 17.51
CA ALA B 294 65.69 10.50 17.65
C ALA B 294 66.13 10.89 19.04
N VAL B 295 65.52 10.29 20.07
CA VAL B 295 65.86 10.65 21.45
C VAL B 295 67.33 10.35 21.72
N LEU B 296 67.78 9.16 21.31
CA LEU B 296 69.17 8.77 21.53
C LEU B 296 70.13 9.72 20.81
N VAL B 297 69.84 10.02 19.54
CA VAL B 297 70.79 10.84 18.79
C VAL B 297 70.83 12.26 19.34
N SER B 298 69.67 12.82 19.73
CA SER B 298 69.66 14.16 20.30
C SER B 298 70.35 14.20 21.66
N ALA B 299 70.17 13.15 22.48
CA ALA B 299 70.85 13.11 23.76
C ALA B 299 72.37 13.08 23.58
N LEU B 300 72.85 12.30 22.60
CA LEU B 300 74.29 12.26 22.40
C LEU B 300 74.79 13.58 21.80
N VAL B 301 73.96 14.24 20.97
CA VAL B 301 74.29 15.58 20.49
C VAL B 301 74.51 16.52 21.67
N LEU B 302 73.56 16.52 22.61
CA LEU B 302 73.65 17.42 23.75
C LEU B 302 74.87 17.09 24.61
N MET B 303 75.15 15.80 24.82
CA MET B 303 76.32 15.43 25.61
C MET B 303 77.61 15.89 24.93
N ALA B 304 77.71 15.68 23.62
CA ALA B 304 78.92 16.10 22.89
C ALA B 304 79.10 17.61 22.94
N MET B 305 78.01 18.36 22.80
CA MET B 305 78.11 19.82 22.88
C MET B 305 78.51 20.27 24.27
N VAL B 306 77.96 19.62 25.31
CA VAL B 306 78.28 20.00 26.68
C VAL B 306 79.74 19.74 26.99
N LYS B 307 80.26 18.59 26.56
CA LYS B 307 81.65 18.24 26.86
C LYS B 307 82.65 19.21 26.23
N ARG B 308 82.23 19.99 25.25
CA ARG B 308 83.09 21.01 24.67
C ARG B 308 83.40 22.08 25.70
N GLN C 22 31.63 2.68 -8.60
CA GLN C 22 33.01 3.09 -8.82
C GLN C 22 33.27 4.44 -8.18
N SER C 23 32.81 4.60 -6.94
CA SER C 23 32.96 5.84 -6.20
C SER C 23 34.08 5.67 -5.18
N PHE C 24 35.16 6.42 -5.35
CA PHE C 24 36.30 6.30 -4.45
C PHE C 24 36.17 7.20 -3.22
N GLY C 25 35.58 8.37 -3.34
CA GLY C 25 35.60 9.30 -2.23
C GLY C 25 37.03 9.71 -1.92
N LEU C 26 37.43 9.56 -0.66
CA LEU C 26 38.81 9.83 -0.26
C LEU C 26 39.66 8.57 -0.32
N LEU C 27 39.56 7.87 -1.45
CA LEU C 27 40.36 6.68 -1.73
C LEU C 27 41.04 6.74 -3.08
N ASP C 28 40.95 7.88 -3.76
CA ASP C 28 41.56 8.04 -5.07
C ASP C 28 43.07 7.80 -4.97
N PRO C 29 43.64 6.88 -5.74
CA PRO C 29 45.08 6.65 -5.67
C PRO C 29 45.93 7.83 -6.10
N LYS C 30 45.29 8.95 -6.43
CA LYS C 30 46.03 10.16 -6.75
C LYS C 30 46.82 10.71 -5.57
N LEU C 31 46.40 10.40 -4.34
CA LEU C 31 47.03 11.02 -3.17
C LEU C 31 48.37 10.38 -2.84
N CYS C 32 48.41 9.06 -2.68
CA CYS C 32 49.67 8.39 -2.42
C CYS C 32 50.61 8.54 -3.60
N TYR C 33 50.06 8.49 -4.82
CA TYR C 33 50.88 8.75 -6.00
C TYR C 33 51.44 10.16 -5.99
N LEU C 34 50.67 11.13 -5.49
CA LEU C 34 51.15 12.51 -5.39
C LEU C 34 52.33 12.59 -4.43
N LEU C 35 52.18 11.98 -3.25
CA LEU C 35 53.28 12.00 -2.28
C LEU C 35 54.52 11.29 -2.84
N ASP C 36 54.32 10.15 -3.50
CA ASP C 36 55.44 9.43 -4.09
C ASP C 36 56.12 10.26 -5.17
N GLY C 37 55.34 10.95 -6.00
CA GLY C 37 55.93 11.80 -7.02
C GLY C 37 56.69 12.97 -6.46
N ILE C 38 56.19 13.56 -5.36
CA ILE C 38 56.92 14.65 -4.72
C ILE C 38 58.25 14.15 -4.18
N LEU C 39 58.24 13.00 -3.49
CA LEU C 39 59.48 12.45 -2.97
C LEU C 39 60.42 12.05 -4.10
N PHE C 40 59.86 11.56 -5.21
CA PHE C 40 60.66 11.18 -6.37
C PHE C 40 61.33 12.39 -6.99
N ILE C 41 60.60 13.50 -7.13
CA ILE C 41 61.19 14.73 -7.66
C ILE C 41 62.32 15.21 -6.76
N TYR C 42 62.07 15.19 -5.45
CA TYR C 42 63.12 15.58 -4.50
C TYR C 42 64.36 14.70 -4.66
N GLY C 43 64.16 13.38 -4.73
CA GLY C 43 65.29 12.48 -4.86
C GLY C 43 66.06 12.66 -6.15
N VAL C 44 65.34 12.84 -7.28
CA VAL C 44 66.04 12.95 -8.55
C VAL C 44 66.79 14.26 -8.66
N ILE C 45 66.20 15.36 -8.17
CA ILE C 45 66.93 16.62 -8.23
C ILE C 45 68.14 16.58 -7.31
N LEU C 46 68.01 15.94 -6.14
CA LEU C 46 69.12 15.88 -5.22
C LEU C 46 70.25 15.00 -5.76
N THR C 47 69.92 13.87 -6.38
CA THR C 47 70.96 13.03 -6.94
C THR C 47 71.58 13.65 -8.18
N ALA C 48 70.81 14.43 -8.96
CA ALA C 48 71.40 15.19 -10.05
C ALA C 48 72.41 16.20 -9.54
N LEU C 49 72.06 16.90 -8.46
CA LEU C 49 73.01 17.83 -7.85
C LEU C 49 74.25 17.11 -7.34
N PHE C 50 74.06 15.93 -6.73
CA PHE C 50 75.20 15.17 -6.23
C PHE C 50 76.14 14.75 -7.36
N LEU C 51 75.57 14.25 -8.46
CA LEU C 51 76.40 13.88 -9.61
C LEU C 51 77.11 15.09 -10.19
N ARG C 52 76.40 16.23 -10.29
CA ARG C 52 77.04 17.44 -10.81
C ARG C 52 78.21 17.87 -9.94
N VAL C 53 78.03 17.84 -8.61
CA VAL C 53 79.11 18.23 -7.71
C VAL C 53 80.28 17.26 -7.83
N LYS C 54 80.00 15.96 -7.89
CA LYS C 54 81.08 14.97 -7.98
C LYS C 54 81.84 15.10 -9.29
N PHE C 55 81.14 15.32 -10.39
CA PHE C 55 81.82 15.42 -11.69
C PHE C 55 82.55 16.75 -11.87
N SER C 56 82.03 17.83 -11.28
CA SER C 56 82.71 19.11 -11.39
C SER C 56 84.07 19.08 -10.70
N ARG C 57 84.15 18.44 -9.54
CA ARG C 57 85.40 18.33 -8.80
C ARG C 57 86.20 17.12 -9.26
N GLY D 25 43.58 1.60 -14.51
CA GLY D 25 43.06 1.35 -13.17
C GLY D 25 44.15 1.16 -12.13
N LEU D 26 44.34 -0.07 -11.69
CA LEU D 26 45.35 -0.44 -10.70
C LEU D 26 45.20 0.39 -9.42
N LEU D 27 44.06 0.20 -8.77
CA LEU D 27 43.75 0.88 -7.52
C LEU D 27 44.33 0.16 -6.30
N ASP D 28 45.04 -0.94 -6.50
CA ASP D 28 45.72 -1.61 -5.40
C ASP D 28 46.81 -0.70 -4.84
N PRO D 29 46.76 -0.36 -3.55
CA PRO D 29 47.79 0.51 -2.98
C PRO D 29 49.11 -0.19 -2.70
N LYS D 30 49.17 -1.51 -2.84
CA LYS D 30 50.40 -2.24 -2.52
C LYS D 30 51.55 -1.80 -3.43
N LEU D 31 51.26 -1.61 -4.72
CA LEU D 31 52.28 -1.13 -5.63
C LEU D 31 52.75 0.27 -5.24
N CYS D 32 51.80 1.15 -4.89
CA CYS D 32 52.16 2.49 -4.45
C CYS D 32 53.07 2.46 -3.23
N TYR D 33 52.80 1.56 -2.29
CA TYR D 33 53.58 1.53 -1.06
C TYR D 33 54.96 0.91 -1.28
N LEU D 34 55.05 -0.12 -2.11
CA LEU D 34 56.37 -0.61 -2.49
C LEU D 34 57.18 0.49 -3.17
N LEU D 35 56.53 1.23 -4.07
CA LEU D 35 57.22 2.31 -4.77
C LEU D 35 57.72 3.37 -3.81
N ASP D 36 56.90 3.79 -2.85
CA ASP D 36 57.33 4.89 -1.99
C ASP D 36 58.39 4.42 -1.00
N GLY D 37 58.34 3.16 -0.56
CA GLY D 37 59.41 2.65 0.27
C GLY D 37 60.74 2.61 -0.45
N ILE D 38 60.75 2.10 -1.68
CA ILE D 38 61.98 2.06 -2.46
C ILE D 38 62.51 3.48 -2.71
N LEU D 39 61.61 4.39 -3.10
CA LEU D 39 62.03 5.77 -3.34
C LEU D 39 62.55 6.41 -2.06
N PHE D 40 61.94 6.10 -0.91
CA PHE D 40 62.38 6.66 0.36
C PHE D 40 63.81 6.24 0.68
N ILE D 41 64.08 4.93 0.60
CA ILE D 41 65.43 4.47 0.96
C ILE D 41 66.45 5.03 -0.02
N TYR D 42 66.13 5.01 -1.33
CA TYR D 42 67.05 5.57 -2.32
C TYR D 42 67.32 7.03 -2.04
N GLY D 43 66.27 7.81 -1.75
CA GLY D 43 66.43 9.23 -1.52
C GLY D 43 67.24 9.55 -0.28
N VAL D 44 67.01 8.81 0.81
CA VAL D 44 67.77 9.10 2.03
C VAL D 44 69.23 8.71 1.84
N ILE D 45 69.51 7.61 1.14
CA ILE D 45 70.91 7.24 0.91
C ILE D 45 71.61 8.31 0.07
N LEU D 46 70.97 8.74 -1.01
CA LEU D 46 71.57 9.78 -1.84
C LEU D 46 71.70 11.09 -1.09
N THR D 47 70.74 11.41 -0.23
CA THR D 47 70.81 12.62 0.58
C THR D 47 72.02 12.60 1.49
N ALA D 48 72.23 11.47 2.19
CA ALA D 48 73.39 11.35 3.07
C ALA D 48 74.68 11.49 2.28
N LEU D 49 74.77 10.80 1.14
CA LEU D 49 75.99 10.86 0.34
C LEU D 49 76.28 12.29 -0.12
N PHE D 50 75.28 12.96 -0.71
CA PHE D 50 75.49 14.30 -1.23
C PHE D 50 75.82 15.28 -0.11
N LEU D 51 75.13 15.19 1.03
CA LEU D 51 75.36 16.18 2.07
C LEU D 51 76.70 15.95 2.77
N ARG D 52 77.21 14.71 2.77
CA ARG D 52 78.56 14.52 3.27
C ARG D 52 79.60 14.99 2.25
N VAL D 53 79.33 14.80 0.96
CA VAL D 53 80.27 15.25 -0.07
C VAL D 53 80.39 16.78 -0.04
N LYS D 54 79.26 17.47 0.08
CA LYS D 54 79.29 18.93 0.12
C LYS D 54 79.95 19.44 1.40
N PHE D 55 79.60 18.87 2.54
CA PHE D 55 80.15 19.32 3.82
C PHE D 55 81.60 18.89 3.99
N PHE E 22 -0.61 15.54 -7.32
CA PHE E 22 -0.01 15.64 -8.65
C PHE E 22 1.48 15.91 -8.54
N LYS E 23 2.19 14.91 -8.02
CA LYS E 23 3.63 14.94 -7.87
C LYS E 23 4.24 13.95 -8.85
N ILE E 24 5.38 14.31 -9.45
CA ILE E 24 6.07 13.39 -10.35
C ILE E 24 6.60 12.23 -9.51
N PRO E 25 6.19 11.00 -9.79
CA PRO E 25 6.69 9.87 -9.01
C PRO E 25 8.17 9.61 -9.25
N ILE E 26 8.85 9.16 -8.20
CA ILE E 26 10.26 8.81 -8.26
C ILE E 26 10.40 7.40 -7.70
N GLU E 27 11.03 6.52 -8.45
CA GLU E 27 11.19 5.13 -8.06
C GLU E 27 12.66 4.84 -7.75
N GLU E 28 12.91 4.28 -6.58
CA GLU E 28 14.26 3.93 -6.16
C GLU E 28 14.39 2.41 -6.24
N LEU E 29 14.82 1.94 -7.41
CA LEU E 29 15.01 0.52 -7.64
C LEU E 29 16.34 0.08 -7.05
N GLU E 30 16.82 -1.10 -7.47
CA GLU E 30 17.90 -1.81 -6.79
C GLU E 30 19.05 -0.90 -6.33
N ASP E 31 19.69 -0.19 -7.26
CA ASP E 31 20.72 0.77 -6.86
C ASP E 31 20.69 2.05 -7.69
N ARG E 32 19.71 2.21 -8.56
CA ARG E 32 19.57 3.39 -9.40
C ARG E 32 18.28 4.11 -9.05
N VAL E 33 18.12 5.31 -9.60
CA VAL E 33 16.94 6.12 -9.35
C VAL E 33 16.30 6.49 -10.68
N PHE E 34 14.98 6.35 -10.76
CA PHE E 34 14.22 6.59 -11.99
C PHE E 34 13.13 7.61 -11.74
N VAL E 35 12.83 8.39 -12.77
CA VAL E 35 11.77 9.38 -12.75
C VAL E 35 10.62 8.85 -13.59
N ASN E 36 9.41 8.84 -13.03
CA ASN E 36 8.26 8.23 -13.67
C ASN E 36 7.31 9.32 -14.13
N CYS E 37 7.01 9.35 -15.43
CA CYS E 37 6.00 10.22 -15.99
C CYS E 37 5.20 9.45 -17.03
N ASN E 38 4.07 10.02 -17.43
CA ASN E 38 3.21 9.42 -18.44
C ASN E 38 3.52 9.91 -19.84
N THR E 39 4.42 10.89 -19.98
CA THR E 39 4.82 11.40 -21.28
C THR E 39 6.34 11.51 -21.36
N SER E 40 6.85 12.13 -22.42
CA SER E 40 8.28 12.41 -22.51
C SER E 40 8.69 13.33 -21.38
N ILE E 41 9.80 13.00 -20.74
CA ILE E 41 10.29 13.78 -19.60
C ILE E 41 11.29 14.82 -20.12
N THR E 42 11.00 16.08 -19.85
CA THR E 42 11.82 17.19 -20.32
C THR E 42 12.91 17.50 -19.30
N TRP E 43 14.15 17.52 -19.76
CA TRP E 43 15.29 17.82 -18.89
C TRP E 43 15.35 19.33 -18.66
N VAL E 44 15.07 19.75 -17.42
CA VAL E 44 15.23 21.16 -17.08
C VAL E 44 16.70 21.47 -16.83
N GLU E 45 17.30 20.82 -15.84
CA GLU E 45 18.72 21.00 -15.57
C GLU E 45 19.19 19.90 -14.63
N GLY E 46 20.51 19.84 -14.43
CA GLY E 46 21.09 18.85 -13.53
C GLY E 46 21.70 17.67 -14.26
N THR E 47 21.47 16.47 -13.73
CA THR E 47 21.99 15.27 -14.37
C THR E 47 21.24 14.99 -15.66
N VAL E 48 21.98 14.75 -16.75
CA VAL E 48 21.35 14.55 -18.05
C VAL E 48 20.59 13.24 -18.09
N GLY E 49 21.11 12.21 -17.44
CA GLY E 49 20.44 10.92 -17.43
C GLY E 49 20.61 10.14 -18.72
N THR E 50 19.93 9.00 -18.78
CA THR E 50 19.95 8.14 -19.95
C THR E 50 18.62 7.43 -20.07
N LEU E 51 18.07 7.39 -21.28
CA LEU E 51 16.79 6.73 -21.50
C LEU E 51 16.94 5.22 -21.48
N LEU E 52 15.83 4.54 -21.18
CA LEU E 52 15.79 3.08 -21.09
C LEU E 52 15.22 2.45 -22.36
N SER E 53 15.13 3.19 -23.45
CA SER E 53 14.37 2.87 -24.66
C SER E 53 12.88 2.92 -24.40
N ASP E 54 12.45 3.17 -23.17
CA ASP E 54 11.07 3.51 -22.85
C ASP E 54 11.02 5.02 -22.65
N ILE E 55 10.23 5.69 -23.50
CA ILE E 55 10.27 7.15 -23.54
C ILE E 55 9.81 7.75 -22.22
N THR E 56 8.95 7.04 -21.48
CA THR E 56 8.34 7.59 -20.28
C THR E 56 9.18 7.38 -19.03
N ARG E 57 10.43 6.95 -19.15
CA ARG E 57 11.29 6.70 -18.00
C ARG E 57 12.67 7.30 -18.24
N LEU E 58 13.21 7.94 -17.22
CA LEU E 58 14.54 8.53 -17.26
C LEU E 58 15.36 7.96 -16.12
N ASP E 59 16.57 7.51 -16.43
CA ASP E 59 17.45 6.88 -15.46
C ASP E 59 18.51 7.91 -15.07
N LEU E 60 18.49 8.33 -13.81
CA LEU E 60 19.44 9.33 -13.33
C LEU E 60 20.72 8.71 -12.80
N GLY E 61 20.81 7.40 -12.74
CA GLY E 61 22.01 6.72 -12.27
C GLY E 61 21.92 6.27 -10.83
N LYS E 62 23.09 5.95 -10.29
CA LYS E 62 23.21 5.42 -8.94
C LYS E 62 22.87 6.49 -7.91
N ARG E 63 22.49 6.04 -6.72
CA ARG E 63 22.20 6.99 -5.64
C ARG E 63 23.48 7.56 -5.04
N ILE E 64 24.50 6.71 -4.82
CA ILE E 64 25.68 7.16 -4.10
C ILE E 64 26.45 8.22 -4.88
N LEU E 65 26.27 8.29 -6.20
CA LEU E 65 26.89 9.36 -6.97
C LEU E 65 26.21 10.71 -6.74
N ASP E 66 25.18 10.76 -5.89
CA ASP E 66 24.48 11.97 -5.53
C ASP E 66 23.90 12.66 -6.77
N PRO E 67 22.87 12.09 -7.40
CA PRO E 67 22.26 12.74 -8.56
C PRO E 67 21.36 13.88 -8.13
N ARG E 68 21.52 15.04 -8.78
CA ARG E 68 20.71 16.20 -8.47
C ARG E 68 20.26 16.84 -9.78
N GLY E 69 19.03 17.33 -9.78
CA GLY E 69 18.53 18.00 -10.98
C GLY E 69 17.09 18.42 -10.81
N ILE E 70 16.59 19.07 -11.87
CA ILE E 70 15.21 19.52 -11.98
C ILE E 70 14.68 19.02 -13.31
N TYR E 71 13.46 18.47 -13.28
CA TYR E 71 12.83 17.87 -14.45
C TYR E 71 11.38 18.30 -14.54
N ARG E 72 10.81 18.20 -15.74
CA ARG E 72 9.45 18.63 -16.05
C ARG E 72 8.78 17.61 -16.94
N CYS E 73 7.51 17.33 -16.69
CA CYS E 73 6.72 16.49 -17.58
C CYS E 73 5.25 16.82 -17.43
N ASN E 74 4.45 16.28 -18.36
CA ASN E 74 3.02 16.49 -18.42
C ASN E 74 2.30 15.33 -17.72
N GLY E 75 0.98 15.27 -17.89
CA GLY E 75 0.21 14.15 -17.39
C GLY E 75 -0.87 13.75 -18.38
N THR E 76 -1.14 12.44 -18.43
CA THR E 76 -2.17 11.88 -19.29
C THR E 76 -3.36 11.35 -18.50
N ASP E 77 -3.58 11.87 -17.30
CA ASP E 77 -4.76 11.52 -16.52
C ASP E 77 -5.45 12.83 -16.16
N ILE E 78 -6.40 12.82 -15.22
CA ILE E 78 -7.32 13.92 -14.96
C ILE E 78 -6.61 15.27 -14.96
N TYR E 79 -5.31 15.26 -14.67
CA TYR E 79 -4.44 16.42 -14.84
C TYR E 79 -4.07 16.59 -16.31
N LYS E 80 -5.09 16.90 -17.11
CA LYS E 80 -4.95 16.99 -18.57
C LYS E 80 -3.85 17.93 -19.03
N ASP E 81 -4.01 19.23 -18.77
CA ASP E 81 -3.19 20.23 -19.43
C ASP E 81 -2.45 21.11 -18.43
N LYS E 82 -1.84 20.49 -17.43
CA LYS E 82 -1.07 21.22 -16.43
C LYS E 82 0.35 20.66 -16.39
N GLU E 83 1.34 21.54 -16.40
CA GLU E 83 2.72 21.12 -16.29
C GLU E 83 3.00 20.55 -14.91
N SER E 84 4.09 19.79 -14.82
CA SER E 84 4.57 19.31 -13.53
C SER E 84 6.07 19.41 -13.50
N THR E 85 6.61 19.88 -12.37
CA THR E 85 8.03 19.99 -12.16
C THR E 85 8.41 19.29 -10.87
N VAL E 86 9.62 18.74 -10.85
CA VAL E 86 10.16 18.09 -9.66
C VAL E 86 11.65 18.36 -9.59
N GLN E 87 12.17 18.44 -8.37
CA GLN E 87 13.60 18.56 -8.13
C GLN E 87 14.04 17.37 -7.30
N VAL E 88 15.00 16.62 -7.84
CA VAL E 88 15.59 15.48 -7.15
C VAL E 88 16.92 15.93 -6.57
N HIS E 89 17.07 15.77 -5.26
CA HIS E 89 18.28 16.16 -4.56
C HIS E 89 18.64 15.07 -3.54
N TYR E 90 19.72 14.35 -3.80
CA TYR E 90 20.25 13.35 -2.89
C TYR E 90 21.56 13.83 -2.30
N ARG E 91 21.85 13.34 -1.09
CA ARG E 91 23.12 13.63 -0.43
C ARG E 91 23.49 12.40 0.40
N MET E 92 24.26 11.51 -0.21
CA MET E 92 24.87 10.40 0.50
C MET E 92 26.32 10.68 0.88
N CYS E 93 27.00 11.54 0.11
CA CYS E 93 28.29 12.12 0.45
C CYS E 93 29.32 11.04 0.78
N GLN E 94 29.67 10.29 -0.26
CA GLN E 94 30.75 9.32 -0.17
C GLN E 94 32.05 9.95 0.32
N SER E 95 32.17 11.28 0.25
CA SER E 95 33.37 11.99 0.68
C SER E 95 33.28 12.51 2.10
N CYS E 96 32.19 12.25 2.82
CA CYS E 96 32.09 12.67 4.21
C CYS E 96 33.07 11.91 5.09
N VAL E 97 33.56 12.59 6.12
CA VAL E 97 34.43 11.99 7.13
C VAL E 97 34.16 12.70 8.45
N GLU E 98 34.17 11.93 9.53
CA GLU E 98 33.93 12.49 10.86
C GLU E 98 35.24 12.95 11.48
N LEU E 99 35.27 14.18 11.96
CA LEU E 99 36.47 14.77 12.55
C LEU E 99 36.06 15.55 13.79
N ASP E 100 36.22 14.93 14.96
CA ASP E 100 35.96 15.63 16.20
C ASP E 100 37.00 16.74 16.40
N PRO E 101 36.60 17.89 16.95
CA PRO E 101 37.58 18.98 17.14
C PRO E 101 38.78 18.59 17.99
N ALA E 102 38.60 17.69 18.96
CA ALA E 102 39.74 17.24 19.76
C ALA E 102 40.76 16.52 18.89
N THR E 103 40.29 15.66 17.98
CA THR E 103 41.22 14.93 17.11
C THR E 103 41.98 15.86 16.17
N VAL E 104 41.29 16.82 15.57
CA VAL E 104 41.97 17.73 14.64
C VAL E 104 42.93 18.64 15.41
N ALA E 105 42.55 19.04 16.63
CA ALA E 105 43.48 19.81 17.45
C ALA E 105 44.72 19.01 17.79
N GLY E 106 44.56 17.74 18.14
CA GLY E 106 45.73 16.90 18.38
C GLY E 106 46.60 16.76 17.15
N ILE E 107 45.98 16.58 15.98
CA ILE E 107 46.74 16.45 14.75
C ILE E 107 47.55 17.72 14.48
N ILE E 108 46.91 18.88 14.63
CA ILE E 108 47.60 20.12 14.29
C ILE E 108 48.71 20.42 15.29
N VAL E 109 48.49 20.13 16.58
CA VAL E 109 49.55 20.39 17.56
C VAL E 109 50.72 19.43 17.34
N THR E 110 50.43 18.17 16.96
CA THR E 110 51.52 17.26 16.64
C THR E 110 52.30 17.73 15.41
N ASP E 111 51.60 18.26 14.41
CA ASP E 111 52.30 18.79 13.24
C ASP E 111 53.18 19.97 13.61
N VAL E 112 52.68 20.86 14.47
CA VAL E 112 53.49 21.99 14.91
C VAL E 112 54.71 21.51 15.69
N ILE E 113 54.54 20.51 16.55
CA ILE E 113 55.67 19.97 17.29
C ILE E 113 56.71 19.38 16.34
N ALA E 114 56.25 18.65 15.32
CA ALA E 114 57.17 18.04 14.37
C ALA E 114 57.96 19.09 13.60
N THR E 115 57.28 20.12 13.11
CA THR E 115 57.98 21.14 12.32
C THR E 115 58.92 21.96 13.19
N LEU E 116 58.54 22.23 14.45
CA LEU E 116 59.45 22.93 15.35
C LEU E 116 60.67 22.08 15.67
N LEU E 117 60.48 20.76 15.83
CA LEU E 117 61.61 19.87 16.06
C LEU E 117 62.56 19.87 14.87
N LEU E 118 62.01 19.86 13.66
CA LEU E 118 62.88 19.91 12.47
C LEU E 118 63.64 21.22 12.40
N ALA E 119 62.97 22.35 12.70
CA ALA E 119 63.66 23.63 12.68
C ALA E 119 64.76 23.69 13.73
N LEU E 120 64.49 23.19 14.93
CA LEU E 120 65.52 23.15 15.98
C LEU E 120 66.69 22.27 15.57
N GLY E 121 66.41 21.13 14.92
CA GLY E 121 67.49 20.28 14.47
C GLY E 121 68.36 20.94 13.43
N VAL E 122 67.75 21.64 12.47
CA VAL E 122 68.53 22.36 11.47
C VAL E 122 69.36 23.46 12.13
N PHE E 123 68.76 24.16 13.12
CA PHE E 123 69.51 25.18 13.84
C PHE E 123 70.74 24.58 14.51
N CYS E 124 70.57 23.42 15.14
CA CYS E 124 71.70 22.75 15.78
C CYS E 124 72.74 22.32 14.76
N PHE E 125 72.30 21.83 13.61
CA PHE E 125 73.23 21.40 12.57
C PHE E 125 74.00 22.57 11.97
N ALA E 126 73.42 23.78 11.99
CA ALA E 126 74.09 24.92 11.40
C ALA E 126 75.42 25.21 12.10
N GLY E 127 75.44 25.11 13.43
CA GLY E 127 76.66 25.33 14.18
C GLY E 127 77.63 24.17 14.11
N GLN F 34 19.75 -7.56 35.50
CA GLN F 34 20.66 -8.28 36.38
C GLN F 34 22.03 -8.45 35.74
N THR F 35 22.53 -9.69 35.73
CA THR F 35 23.83 -9.99 35.15
C THR F 35 23.64 -10.50 33.73
N PRO F 36 24.20 -9.83 32.72
CA PRO F 36 24.03 -10.30 31.34
C PRO F 36 24.83 -11.56 31.08
N TYR F 37 24.57 -12.17 29.93
CA TYR F 37 25.31 -13.35 29.50
C TYR F 37 26.77 -13.00 29.26
N LYS F 38 27.66 -13.97 29.44
CA LYS F 38 29.05 -13.81 29.07
C LYS F 38 29.31 -14.39 27.69
N VAL F 39 30.08 -13.67 26.89
CA VAL F 39 30.47 -14.11 25.56
C VAL F 39 31.99 -14.26 25.53
N SER F 40 32.46 -15.42 25.11
CA SER F 40 33.88 -15.69 24.93
C SER F 40 34.09 -16.20 23.52
N ILE F 41 35.14 -15.73 22.86
CA ILE F 41 35.39 -16.12 21.48
C ILE F 41 36.86 -16.52 21.33
N SER F 42 37.10 -17.63 20.66
CA SER F 42 38.46 -18.08 20.35
C SER F 42 38.45 -18.66 18.95
N GLY F 43 39.13 -17.99 18.03
CA GLY F 43 39.18 -18.48 16.66
C GLY F 43 37.81 -18.46 16.03
N THR F 44 37.28 -19.64 15.72
CA THR F 44 35.94 -19.79 15.17
C THR F 44 35.00 -20.46 16.16
N THR F 45 35.30 -20.40 17.45
CA THR F 45 34.47 -21.00 18.49
C THR F 45 33.92 -19.90 19.38
N VAL F 46 32.63 -19.95 19.68
CA VAL F 46 31.97 -18.97 20.52
C VAL F 46 31.31 -19.71 21.67
N ILE F 47 31.58 -19.27 22.90
CA ILE F 47 31.04 -19.87 24.10
C ILE F 47 30.19 -18.83 24.84
N LEU F 48 28.94 -19.19 25.11
CA LEU F 48 28.00 -18.32 25.80
C LEU F 48 27.72 -18.88 27.19
N THR F 49 27.70 -17.98 28.17
CA THR F 49 27.50 -18.32 29.57
C THR F 49 26.24 -17.64 30.09
N CYS F 50 25.37 -18.43 30.71
CA CYS F 50 24.10 -17.96 31.27
C CYS F 50 24.13 -18.12 32.78
N PRO F 51 24.42 -17.05 33.54
CA PRO F 51 24.55 -17.20 34.99
C PRO F 51 23.23 -17.35 35.72
N GLN F 52 22.11 -17.04 35.07
CA GLN F 52 20.82 -17.06 35.74
C GLN F 52 20.40 -18.47 36.09
N TYR F 53 19.57 -18.57 37.14
CA TYR F 53 18.99 -19.82 37.61
C TYR F 53 20.07 -20.84 37.95
N PRO F 54 20.85 -20.60 39.01
CA PRO F 54 21.93 -21.54 39.36
C PRO F 54 21.37 -22.87 39.83
N GLY F 55 22.15 -23.92 39.61
CA GLY F 55 21.74 -25.27 39.98
C GLY F 55 20.86 -25.98 38.98
N SER F 56 19.79 -25.33 38.54
CA SER F 56 18.90 -25.92 37.55
C SER F 56 19.58 -26.02 36.20
N GLU F 57 19.21 -27.05 35.43
CA GLU F 57 19.79 -27.23 34.11
C GLU F 57 19.28 -26.14 33.16
N ILE F 58 20.02 -25.96 32.07
CA ILE F 58 19.83 -24.84 31.16
C ILE F 58 19.55 -25.38 29.76
N LEU F 59 18.53 -24.82 29.11
CA LEU F 59 18.21 -25.12 27.72
C LEU F 59 18.28 -23.84 26.91
N TRP F 60 18.73 -23.98 25.68
CA TRP F 60 19.11 -22.85 24.82
C TRP F 60 18.18 -22.80 23.61
N GLN F 61 17.68 -21.60 23.32
CA GLN F 61 16.83 -21.37 22.15
C GLN F 61 17.47 -20.33 21.25
N HIS F 62 17.48 -20.60 19.95
CA HIS F 62 17.93 -19.65 18.94
C HIS F 62 16.79 -19.48 17.95
N ASN F 63 16.32 -18.25 17.80
CA ASN F 63 15.18 -17.93 16.93
C ASN F 63 14.01 -18.87 17.20
N ASP F 64 13.70 -19.05 18.48
CA ASP F 64 12.59 -19.88 18.96
C ASP F 64 12.75 -21.35 18.58
N LYS F 65 13.97 -21.81 18.32
CA LYS F 65 14.24 -23.21 18.04
C LYS F 65 15.20 -23.74 19.11
N ASN F 66 14.83 -24.86 19.73
CA ASN F 66 15.69 -25.46 20.74
C ASN F 66 16.96 -25.99 20.09
N ILE F 67 18.12 -25.63 20.66
CA ILE F 67 19.40 -26.09 20.15
C ILE F 67 20.26 -26.54 21.33
N GLY F 68 21.30 -27.29 21.02
CA GLY F 68 22.21 -27.78 22.03
C GLY F 68 21.79 -29.05 22.72
N GLY F 69 20.65 -29.62 22.37
CA GLY F 69 20.21 -30.85 22.95
C GLY F 69 21.01 -32.04 22.43
N ASP F 70 20.51 -33.24 22.77
CA ASP F 70 21.16 -34.48 22.35
C ASP F 70 20.86 -34.73 20.86
N GLU F 71 21.44 -33.87 20.03
CA GLU F 71 21.24 -33.89 18.59
C GLU F 71 22.54 -34.26 17.89
N ASP F 72 22.41 -34.88 16.72
CA ASP F 72 23.55 -35.37 15.95
C ASP F 72 24.26 -34.20 15.26
N ASP F 73 25.03 -33.47 16.05
CA ASP F 73 25.84 -32.37 15.54
C ASP F 73 26.99 -32.13 16.51
N LYS F 74 28.21 -32.12 15.98
CA LYS F 74 29.39 -31.90 16.81
C LYS F 74 29.81 -30.43 16.88
N ASN F 75 29.27 -29.58 16.01
CA ASN F 75 29.61 -28.16 16.04
C ASN F 75 28.88 -27.42 17.15
N ILE F 76 27.88 -28.04 17.77
CA ILE F 76 27.10 -27.45 18.84
C ILE F 76 27.22 -28.35 20.07
N GLY F 77 27.53 -27.77 21.22
CA GLY F 77 27.66 -28.53 22.44
C GLY F 77 27.08 -27.78 23.62
N SER F 78 26.55 -28.55 24.56
CA SER F 78 25.95 -27.99 25.77
C SER F 78 26.38 -28.78 26.99
N ASP F 79 26.74 -28.06 28.05
CA ASP F 79 27.08 -28.65 29.33
C ASP F 79 26.28 -27.94 30.43
N GLU F 80 26.68 -28.12 31.68
CA GLU F 80 25.99 -27.53 32.82
C GLU F 80 25.56 -26.09 32.59
N ASP F 81 26.50 -25.19 32.23
CA ASP F 81 26.17 -23.79 32.14
C ASP F 81 26.80 -23.06 30.96
N HIS F 82 27.29 -23.78 29.95
CA HIS F 82 27.93 -23.17 28.79
C HIS F 82 27.34 -23.71 27.51
N LEU F 83 27.33 -22.87 26.48
CA LEU F 83 26.92 -23.27 25.14
C LEU F 83 28.06 -22.99 24.17
N SER F 84 28.55 -24.01 23.50
CA SER F 84 29.69 -23.89 22.61
C SER F 84 29.23 -24.08 21.17
N LEU F 85 29.52 -23.09 20.32
CA LEU F 85 29.21 -23.12 18.90
C LEU F 85 30.54 -23.09 18.15
N LYS F 86 30.85 -24.19 17.48
CA LYS F 86 32.09 -24.32 16.72
C LYS F 86 31.82 -24.04 15.24
N GLU F 87 32.78 -23.37 14.60
CA GLU F 87 32.67 -22.95 13.21
C GLU F 87 31.39 -22.12 13.02
N PHE F 88 31.42 -20.96 13.67
CA PHE F 88 30.30 -20.03 13.61
C PHE F 88 30.10 -19.53 12.19
N SER F 89 28.84 -19.50 11.76
CA SER F 89 28.46 -19.00 10.44
C SER F 89 27.63 -17.74 10.62
N GLU F 90 28.08 -16.64 10.01
CA GLU F 90 27.48 -15.33 10.30
C GLU F 90 26.02 -15.29 9.89
N LEU F 91 25.68 -15.86 8.74
CA LEU F 91 24.38 -15.62 8.13
C LEU F 91 23.26 -16.36 8.83
N GLU F 92 23.52 -17.58 9.32
CA GLU F 92 22.46 -18.40 9.89
C GLU F 92 22.55 -18.61 11.40
N GLN F 93 23.72 -18.43 12.00
CA GLN F 93 23.88 -18.62 13.43
C GLN F 93 23.78 -17.32 14.22
N SER F 94 23.53 -16.20 13.56
CA SER F 94 23.31 -14.94 14.25
C SER F 94 21.87 -14.86 14.73
N GLY F 95 21.62 -13.91 15.62
CA GLY F 95 20.25 -13.61 15.99
C GLY F 95 19.94 -13.60 17.48
N TYR F 96 18.73 -14.01 17.82
CA TYR F 96 18.24 -13.96 19.19
C TYR F 96 18.51 -15.27 19.90
N TYR F 97 19.05 -15.18 21.10
CA TYR F 97 19.34 -16.33 21.95
C TYR F 97 18.63 -16.16 23.28
N VAL F 98 18.07 -17.25 23.78
CA VAL F 98 17.32 -17.28 25.03
C VAL F 98 17.80 -18.44 25.87
N CYS F 99 18.01 -18.19 27.16
CA CYS F 99 18.38 -19.19 28.14
C CYS F 99 17.21 -19.43 29.07
N TYR F 100 16.86 -20.70 29.29
CA TYR F 100 15.75 -20.94 30.21
C TYR F 100 15.96 -22.25 30.96
N PRO F 101 15.46 -22.35 32.19
CA PRO F 101 15.63 -23.58 32.97
C PRO F 101 14.63 -24.64 32.54
N ARG F 102 14.76 -25.83 33.13
CA ARG F 102 13.89 -26.94 32.80
C ARG F 102 12.45 -26.65 33.22
N GLY F 103 11.51 -27.04 32.36
CA GLY F 103 10.11 -26.86 32.64
C GLY F 103 9.60 -25.44 32.55
N SER F 104 10.44 -24.50 32.15
CA SER F 104 10.03 -23.10 32.03
C SER F 104 9.70 -22.77 30.58
N LYS F 105 8.97 -21.68 30.41
CA LYS F 105 8.51 -21.19 29.12
C LYS F 105 9.51 -20.18 28.56
N PRO F 106 9.80 -20.23 27.25
CA PRO F 106 10.79 -19.29 26.69
C PRO F 106 10.45 -17.83 26.94
N GLU F 107 9.17 -17.47 26.89
CA GLU F 107 8.80 -16.08 27.14
C GLU F 107 8.84 -15.71 28.62
N ASP F 108 8.95 -16.71 29.51
CA ASP F 108 9.15 -16.41 30.92
C ASP F 108 10.57 -15.94 31.21
N ALA F 109 11.52 -16.24 30.34
CA ALA F 109 12.89 -15.79 30.53
C ALA F 109 12.95 -14.26 30.41
N ASN F 110 13.78 -13.66 31.25
CA ASN F 110 13.84 -12.21 31.37
C ASN F 110 15.00 -11.58 30.59
N PHE F 111 15.73 -12.34 29.79
CA PHE F 111 16.80 -11.78 28.97
C PHE F 111 16.82 -12.43 27.59
N TYR F 112 16.96 -11.58 26.57
CA TYR F 112 17.24 -12.01 25.20
C TYR F 112 18.56 -11.41 24.77
N LEU F 113 19.38 -12.20 24.10
CA LEU F 113 20.68 -11.71 23.61
C LEU F 113 20.67 -11.69 22.09
N TYR F 114 20.95 -10.53 21.51
CA TYR F 114 21.03 -10.38 20.06
C TYR F 114 22.50 -10.37 19.67
N LEU F 115 22.97 -11.50 19.16
CA LEU F 115 24.38 -11.69 18.85
C LEU F 115 24.57 -11.70 17.33
N ARG F 116 25.44 -10.82 16.85
CA ARG F 116 25.82 -10.79 15.44
C ARG F 116 27.33 -10.62 15.38
N ALA F 117 28.03 -11.65 14.90
CA ALA F 117 29.48 -11.67 14.99
C ALA F 117 30.08 -12.24 13.70
N ARG F 118 31.30 -11.82 13.42
CA ARG F 118 32.12 -12.38 12.36
C ARG F 118 33.30 -13.10 12.97
N VAL F 119 33.51 -14.36 12.57
CA VAL F 119 34.60 -15.15 13.11
C VAL F 119 35.63 -15.39 12.01
N CYS F 120 36.88 -15.53 12.44
CA CYS F 120 37.99 -15.77 11.54
C CYS F 120 38.95 -16.75 12.20
N GLU F 121 39.40 -17.75 11.43
CA GLU F 121 40.21 -18.81 12.00
C GLU F 121 41.54 -18.28 12.54
N ASN F 122 42.23 -17.46 11.75
CA ASN F 122 43.50 -16.86 12.14
C ASN F 122 43.41 -15.36 11.86
N CYS F 123 42.90 -14.61 12.84
CA CYS F 123 42.75 -13.16 12.72
C CYS F 123 43.04 -12.52 14.07
N MET F 124 44.22 -11.91 14.18
CA MET F 124 44.54 -11.16 15.39
C MET F 124 43.76 -9.85 15.41
N GLU F 125 43.27 -9.48 16.59
CA GLU F 125 42.45 -8.29 16.73
C GLU F 125 43.33 -7.11 17.10
N MET F 126 43.08 -5.97 16.45
CA MET F 126 43.88 -4.78 16.65
C MET F 126 43.10 -3.80 17.52
N ASP F 127 43.64 -3.52 18.70
CA ASP F 127 43.10 -2.48 19.59
C ASP F 127 44.26 -1.66 20.12
N VAL F 128 43.95 -0.71 21.01
CA VAL F 128 44.99 0.12 21.58
C VAL F 128 45.94 -0.70 22.44
N MET F 129 45.42 -1.72 23.13
CA MET F 129 46.25 -2.53 24.01
C MET F 129 47.28 -3.33 23.21
N SER F 130 46.83 -4.02 22.16
CA SER F 130 47.76 -4.82 21.36
C SER F 130 48.77 -3.94 20.65
N VAL F 131 48.32 -2.80 20.12
CA VAL F 131 49.24 -1.88 19.44
C VAL F 131 50.29 -1.36 20.42
N ALA F 132 49.85 -0.99 21.64
CA ALA F 132 50.80 -0.52 22.64
C ALA F 132 51.79 -1.61 23.03
N THR F 133 51.31 -2.85 23.16
CA THR F 133 52.21 -3.95 23.50
C THR F 133 53.25 -4.17 22.40
N ILE F 134 52.80 -4.13 21.14
CA ILE F 134 53.72 -4.33 20.02
C ILE F 134 54.75 -3.21 19.97
N VAL F 135 54.30 -1.97 20.19
CA VAL F 135 55.22 -0.83 20.21
C VAL F 135 56.25 -1.00 21.32
N ILE F 136 55.79 -1.37 22.51
CA ILE F 136 56.72 -1.53 23.63
C ILE F 136 57.76 -2.60 23.30
N VAL F 137 57.32 -3.75 22.80
CA VAL F 137 58.25 -4.86 22.62
C VAL F 137 59.22 -4.57 21.48
N ASP F 138 58.73 -4.06 20.34
CA ASP F 138 59.68 -3.87 19.25
C ASP F 138 60.64 -2.73 19.56
N ILE F 139 60.19 -1.71 20.29
CA ILE F 139 61.14 -0.69 20.77
C ILE F 139 62.18 -1.33 21.68
N CYS F 140 61.78 -2.22 22.58
CA CYS F 140 62.76 -2.74 23.54
C CYS F 140 63.80 -3.61 22.85
N ILE F 141 63.39 -4.51 21.96
CA ILE F 141 64.38 -5.30 21.21
C ILE F 141 65.24 -4.40 20.32
N THR F 142 64.64 -3.41 19.66
CA THR F 142 65.42 -2.52 18.81
C THR F 142 66.48 -1.78 19.62
N GLY F 143 66.10 -1.28 20.79
CA GLY F 143 67.06 -0.58 21.63
C GLY F 143 68.16 -1.49 22.14
N GLY F 144 67.80 -2.72 22.52
CA GLY F 144 68.81 -3.66 22.96
C GLY F 144 69.83 -3.95 21.87
N LEU F 145 69.35 -4.19 20.64
CA LEU F 145 70.25 -4.44 19.53
C LEU F 145 71.11 -3.22 19.23
N LEU F 146 70.51 -2.02 19.30
CA LEU F 146 71.26 -0.81 19.03
C LEU F 146 72.38 -0.61 20.04
N LEU F 147 72.09 -0.80 21.33
CA LEU F 147 73.14 -0.68 22.34
C LEU F 147 74.22 -1.74 22.15
N LEU F 148 73.82 -2.98 21.83
CA LEU F 148 74.82 -4.03 21.64
C LEU F 148 75.75 -3.70 20.47
N VAL F 149 75.19 -3.28 19.33
CA VAL F 149 76.02 -2.99 18.17
C VAL F 149 76.85 -1.73 18.41
N TYR F 150 76.32 -0.74 19.15
CA TYR F 150 77.11 0.43 19.47
C TYR F 150 78.29 0.08 20.35
N TYR F 151 78.09 -0.78 21.35
CA TYR F 151 79.18 -1.22 22.20
C TYR F 151 80.23 -1.97 21.40
N TRP F 152 79.79 -2.86 20.51
CA TRP F 152 80.74 -3.60 19.69
C TRP F 152 81.54 -2.67 18.78
N SER F 153 80.87 -1.68 18.18
CA SER F 153 81.56 -0.75 17.29
C SER F 153 82.51 0.15 18.05
N LYS F 154 82.16 0.53 19.27
CA LYS F 154 83.10 1.29 20.11
C LYS F 154 84.30 0.43 20.47
N ASN F 155 84.09 -0.85 20.77
CA ASN F 155 85.20 -1.72 21.13
C ASN F 155 86.14 -1.94 19.95
N ARG F 156 85.60 -2.17 18.75
CA ARG F 156 86.45 -2.38 17.59
C ARG F 156 87.19 -1.13 17.17
N LYS F 157 86.65 0.05 17.48
CA LYS F 157 87.28 1.30 17.10
C LYS F 157 87.28 2.30 18.27
N GLN G 23 10.54 -14.32 22.34
CA GLN G 23 10.27 -13.42 21.22
C GLN G 23 8.77 -13.31 20.98
N SER G 24 8.05 -12.88 22.02
CA SER G 24 6.60 -12.77 21.96
C SER G 24 6.16 -11.44 22.55
N ILE G 25 5.10 -10.87 21.98
CA ILE G 25 4.54 -9.62 22.51
C ILE G 25 4.07 -9.83 23.93
N LYS G 26 3.34 -10.92 24.18
CA LYS G 26 2.99 -11.29 25.53
C LYS G 26 4.24 -11.70 26.30
N GLY G 27 4.29 -11.31 27.57
CA GLY G 27 5.48 -11.48 28.36
C GLY G 27 6.36 -10.26 28.47
N ASN G 28 5.88 -9.09 28.05
CA ASN G 28 6.59 -7.82 28.17
C ASN G 28 7.90 -7.80 27.39
N HIS G 29 7.98 -8.58 26.32
CA HIS G 29 9.14 -8.57 25.42
C HIS G 29 8.76 -7.73 24.20
N LEU G 30 9.14 -6.45 24.24
CA LEU G 30 8.80 -5.52 23.17
C LEU G 30 10.00 -5.11 22.32
N VAL G 31 11.19 -5.08 22.88
CA VAL G 31 12.34 -4.50 22.19
C VAL G 31 12.87 -5.50 21.17
N LYS G 32 12.93 -5.08 19.91
CA LYS G 32 13.43 -5.87 18.80
C LYS G 32 14.43 -5.05 18.01
N VAL G 33 15.34 -5.74 17.33
CA VAL G 33 16.42 -5.12 16.59
C VAL G 33 16.06 -5.08 15.12
N TYR G 34 16.18 -3.91 14.51
CA TYR G 34 15.96 -3.72 13.09
C TYR G 34 17.32 -3.41 12.47
N ASP G 35 17.79 -4.33 11.63
CA ASP G 35 19.17 -4.35 11.16
C ASP G 35 19.20 -4.60 9.66
N TYR G 36 20.42 -4.74 9.12
CA TYR G 36 20.66 -5.02 7.71
C TYR G 36 20.07 -3.94 6.82
N GLN G 37 20.58 -2.72 6.99
CA GLN G 37 20.13 -1.59 6.20
C GLN G 37 21.17 -1.25 5.13
N GLU G 38 20.86 -0.23 4.32
CA GLU G 38 21.79 0.21 3.30
C GLU G 38 23.11 0.63 3.92
N ASP G 39 23.07 1.48 4.93
CA ASP G 39 24.23 1.85 5.72
C ASP G 39 24.38 0.89 6.89
N GLY G 40 25.39 1.12 7.72
CA GLY G 40 25.64 0.25 8.84
C GLY G 40 24.80 0.50 10.06
N SER G 41 23.77 1.34 9.94
CA SER G 41 22.98 1.75 11.10
C SER G 41 22.24 0.56 11.71
N VAL G 42 22.11 0.59 13.03
CA VAL G 42 21.39 -0.42 13.80
C VAL G 42 20.28 0.28 14.56
N LEU G 43 19.05 -0.23 14.47
CA LEU G 43 17.92 0.45 15.06
C LEU G 43 17.22 -0.46 16.07
N LEU G 44 16.53 0.16 17.03
CA LEU G 44 15.73 -0.55 18.02
C LEU G 44 14.28 -0.09 17.92
N THR G 45 13.36 -1.04 18.05
CA THR G 45 11.94 -0.75 17.97
C THR G 45 11.24 -1.52 19.08
N CYS G 46 10.08 -1.04 19.53
CA CYS G 46 9.30 -1.83 20.46
C CYS G 46 7.82 -1.63 20.21
N ASP G 47 7.02 -2.55 20.76
CA ASP G 47 5.62 -2.72 20.40
C ASP G 47 4.72 -1.67 21.02
N ALA G 48 5.22 -0.87 21.96
CA ALA G 48 4.39 0.11 22.66
C ALA G 48 3.72 1.05 21.68
N GLU G 49 2.41 1.24 21.85
CA GLU G 49 1.61 2.09 20.98
C GLU G 49 1.29 3.44 21.60
N ALA G 50 1.90 3.79 22.73
CA ALA G 50 1.76 5.12 23.27
C ALA G 50 2.43 6.14 22.35
N LYS G 51 2.03 7.41 22.50
CA LYS G 51 2.50 8.43 21.57
C LYS G 51 3.99 8.71 21.78
N ASN G 52 4.36 9.22 22.94
CA ASN G 52 5.75 9.53 23.25
C ASN G 52 6.32 8.37 24.08
N ILE G 53 7.40 7.77 23.57
CA ILE G 53 7.98 6.57 24.15
C ILE G 53 9.34 6.94 24.72
N THR G 54 9.58 6.60 25.99
CA THR G 54 10.84 6.90 26.65
C THR G 54 11.78 5.71 26.57
N TRP G 55 13.07 6.00 26.58
CA TRP G 55 14.13 5.03 26.31
C TRP G 55 15.06 4.92 27.51
N PHE G 56 15.58 3.71 27.74
CA PHE G 56 16.48 3.45 28.86
C PHE G 56 17.63 2.58 28.39
N LYS G 57 18.84 2.98 28.74
CA LYS G 57 20.03 2.16 28.56
C LYS G 57 20.62 1.88 29.93
N ASP G 58 20.66 0.61 30.33
CA ASP G 58 21.10 0.20 31.65
C ASP G 58 20.29 0.87 32.77
N GLY G 59 19.06 1.29 32.45
CA GLY G 59 18.20 1.91 33.43
C GLY G 59 18.07 3.41 33.28
N LYS G 60 19.17 4.09 32.98
CA LYS G 60 19.16 5.54 32.93
C LYS G 60 18.42 6.05 31.70
N MET G 61 17.80 7.22 31.83
CA MET G 61 17.15 7.87 30.71
C MET G 61 18.17 8.19 29.62
N ILE G 62 17.76 7.99 28.37
CA ILE G 62 18.63 8.27 27.23
C ILE G 62 17.89 9.07 26.17
N GLY G 63 16.59 9.22 26.31
CA GLY G 63 15.82 10.06 25.41
C GLY G 63 14.39 9.59 25.29
N PHE G 64 13.68 10.21 24.33
CA PHE G 64 12.29 9.91 24.07
C PHE G 64 11.99 10.17 22.60
N LEU G 65 10.91 9.57 22.12
CA LEU G 65 10.53 9.69 20.71
C LEU G 65 9.04 9.98 20.60
N THR G 66 8.68 10.88 19.68
CA THR G 66 7.32 11.29 19.44
C THR G 66 6.73 10.46 18.29
N GLU G 67 5.56 10.87 17.80
CA GLU G 67 4.85 10.10 16.78
C GLU G 67 5.63 10.02 15.47
N ASP G 68 6.50 11.01 15.21
CA ASP G 68 7.21 11.04 13.94
C ASP G 68 8.35 10.03 13.87
N LYS G 69 8.96 9.69 15.00
CA LYS G 69 10.07 8.76 15.06
C LYS G 69 9.63 7.52 15.82
N LYS G 70 9.75 6.36 15.18
CA LYS G 70 9.35 5.09 15.79
C LYS G 70 10.51 4.21 16.19
N LYS G 71 11.74 4.53 15.78
CA LYS G 71 12.89 3.68 16.00
C LYS G 71 14.01 4.51 16.61
N TRP G 72 14.76 3.89 17.52
CA TRP G 72 15.88 4.56 18.17
C TRP G 72 17.18 4.15 17.50
N ASN G 73 18.05 5.12 17.27
CA ASN G 73 19.28 4.92 16.51
C ASN G 73 20.43 4.58 17.44
N LEU G 74 21.24 3.61 17.03
CA LEU G 74 22.45 3.24 17.74
C LEU G 74 23.71 3.51 16.93
N GLY G 75 23.60 4.19 15.79
CA GLY G 75 24.74 4.44 14.96
C GLY G 75 25.16 3.21 14.17
N SER G 76 26.34 3.32 13.56
CA SER G 76 26.85 2.24 12.73
C SER G 76 27.19 1.01 13.57
N ASN G 77 27.09 -0.16 12.94
CA ASN G 77 27.44 -1.39 13.62
C ASN G 77 28.94 -1.64 13.68
N ALA G 78 29.73 -0.83 12.97
CA ALA G 78 31.19 -0.96 13.03
C ALA G 78 31.75 -0.57 14.39
N LYS G 79 30.96 0.10 15.23
CA LYS G 79 31.41 0.55 16.53
C LYS G 79 31.10 -0.46 17.63
N ASP G 80 30.52 -1.61 17.28
CA ASP G 80 30.18 -2.68 18.21
C ASP G 80 29.27 -2.18 19.33
N PRO G 81 28.04 -1.76 19.05
CA PRO G 81 27.14 -1.33 20.12
C PRO G 81 26.72 -2.50 20.99
N ARG G 82 26.95 -2.36 22.29
CA ARG G 82 26.61 -3.37 23.28
C ARG G 82 25.88 -2.72 24.44
N GLY G 83 25.05 -3.48 25.12
CA GLY G 83 24.40 -2.95 26.31
C GLY G 83 23.01 -3.51 26.50
N MET G 84 22.34 -2.97 27.53
CA MET G 84 21.02 -3.40 27.95
C MET G 84 20.04 -2.26 27.71
N TYR G 85 18.97 -2.53 26.96
CA TYR G 85 18.07 -1.47 26.52
C TYR G 85 16.62 -1.83 26.85
N GLN G 86 15.83 -0.79 27.12
CA GLN G 86 14.41 -0.93 27.46
C GLN G 86 13.66 0.28 26.94
N CYS G 87 12.35 0.13 26.73
CA CYS G 87 11.50 1.26 26.40
C CYS G 87 10.25 1.23 27.27
N LYS G 88 9.66 2.40 27.46
CA LYS G 88 8.44 2.50 28.24
C LYS G 88 7.46 3.46 27.58
N GLY G 89 6.19 3.06 27.53
CA GLY G 89 5.12 3.90 27.06
C GLY G 89 4.14 4.24 28.16
N SER G 90 2.98 3.57 28.09
CA SER G 90 1.91 3.63 29.07
C SER G 90 1.91 2.47 30.05
N GLN G 91 2.47 1.34 29.66
CA GLN G 91 2.65 0.17 30.51
C GLN G 91 3.92 0.31 31.34
N ASN G 92 4.33 -0.76 32.03
CA ASN G 92 5.55 -0.71 32.82
C ASN G 92 6.76 -0.79 31.89
N LYS G 93 7.95 -0.69 32.48
CA LYS G 93 9.18 -0.66 31.70
C LYS G 93 9.29 -1.96 30.93
N SER G 94 9.72 -1.88 29.68
CA SER G 94 9.82 -3.14 28.95
C SER G 94 10.97 -3.99 29.48
N LYS G 95 10.90 -5.28 29.19
CA LYS G 95 11.94 -6.20 29.64
C LYS G 95 13.27 -5.88 28.94
N PRO G 96 14.39 -6.21 29.57
CA PRO G 96 15.69 -5.86 28.99
C PRO G 96 15.93 -6.59 27.68
N LEU G 97 16.65 -5.92 26.78
CA LEU G 97 17.22 -6.55 25.60
C LEU G 97 18.72 -6.31 25.60
N GLN G 98 19.50 -7.37 25.44
CA GLN G 98 20.95 -7.29 25.45
C GLN G 98 21.48 -7.30 24.01
N VAL G 99 22.24 -6.29 23.65
CA VAL G 99 22.80 -6.13 22.31
C VAL G 99 24.30 -6.35 22.39
N TYR G 100 24.81 -7.25 21.54
CA TYR G 100 26.22 -7.62 21.48
C TYR G 100 26.66 -7.65 20.02
N TYR G 101 27.81 -7.06 19.74
CA TYR G 101 28.32 -6.95 18.38
C TYR G 101 29.82 -7.19 18.37
N ARG G 102 30.29 -7.90 17.33
CA ARG G 102 31.71 -7.89 17.00
C ARG G 102 31.82 -8.11 15.50
N MET G 103 32.26 -7.09 14.77
CA MET G 103 32.28 -7.16 13.31
C MET G 103 33.66 -7.39 12.71
N CYS G 104 34.74 -7.25 13.49
CA CYS G 104 36.10 -7.20 12.94
C CYS G 104 36.22 -6.20 11.80
N GLN G 105 36.04 -4.94 12.17
CA GLN G 105 36.57 -3.86 11.34
C GLN G 105 38.07 -3.71 11.53
N ASN G 106 38.66 -4.37 12.53
CA ASN G 106 40.09 -4.31 12.79
C ASN G 106 40.78 -5.67 12.88
N CYS G 107 40.06 -6.78 12.77
CA CYS G 107 40.71 -8.09 12.72
C CYS G 107 41.53 -8.22 11.43
N ILE G 108 42.73 -8.80 11.56
CA ILE G 108 43.68 -8.89 10.46
C ILE G 108 44.04 -10.35 10.23
N GLU G 109 43.93 -10.82 8.99
CA GLU G 109 44.34 -12.16 8.65
C GLU G 109 45.87 -12.28 8.68
N LEU G 110 46.37 -13.30 9.38
CA LEU G 110 47.81 -13.55 9.45
C LEU G 110 48.19 -14.55 8.36
N ASN G 111 48.27 -14.04 7.14
CA ASN G 111 48.62 -14.85 5.97
C ASN G 111 50.11 -14.71 5.68
N ALA G 112 50.55 -15.29 4.56
CA ALA G 112 51.96 -15.30 4.24
C ALA G 112 52.46 -13.92 3.82
N ALA G 113 51.69 -13.21 3.00
CA ALA G 113 52.14 -11.92 2.49
C ALA G 113 52.33 -10.90 3.62
N THR G 114 51.41 -10.90 4.59
CA THR G 114 51.50 -9.92 5.68
C THR G 114 52.76 -10.13 6.50
N ILE G 115 53.02 -11.36 6.93
CA ILE G 115 54.19 -11.62 7.76
C ILE G 115 55.47 -11.43 6.94
N SER G 116 55.44 -11.78 5.66
CA SER G 116 56.62 -11.56 4.82
C SER G 116 56.95 -10.08 4.71
N GLY G 117 55.94 -9.24 4.46
CA GLY G 117 56.18 -7.81 4.40
C GLY G 117 56.63 -7.24 5.72
N PHE G 118 56.05 -7.71 6.82
CA PHE G 118 56.45 -7.24 8.15
C PHE G 118 57.92 -7.57 8.42
N LEU G 119 58.33 -8.80 8.11
CA LEU G 119 59.72 -9.19 8.34
C LEU G 119 60.66 -8.40 7.44
N PHE G 120 60.27 -8.17 6.19
CA PHE G 120 61.10 -7.37 5.29
C PHE G 120 61.28 -5.96 5.82
N ALA G 121 60.19 -5.34 6.27
CA ALA G 121 60.28 -4.00 6.84
C ALA G 121 61.18 -3.98 8.08
N GLU G 122 61.01 -4.97 8.96
CA GLU G 122 61.81 -5.02 10.19
C GLU G 122 63.29 -5.14 9.88
N ILE G 123 63.65 -6.04 8.96
CA ILE G 123 65.07 -6.25 8.68
C ILE G 123 65.65 -5.01 7.99
N VAL G 124 64.92 -4.39 7.08
CA VAL G 124 65.43 -3.20 6.41
C VAL G 124 65.64 -2.07 7.42
N SER G 125 64.65 -1.86 8.29
CA SER G 125 64.76 -0.78 9.27
C SER G 125 65.90 -1.02 10.25
N ILE G 126 66.04 -2.26 10.73
CA ILE G 126 67.11 -2.54 11.70
C ILE G 126 68.47 -2.42 11.04
N PHE G 127 68.58 -2.81 9.75
CA PHE G 127 69.83 -2.64 9.03
C PHE G 127 70.20 -1.18 8.89
N VAL G 128 69.22 -0.35 8.51
CA VAL G 128 69.49 1.08 8.34
C VAL G 128 69.91 1.70 9.66
N LEU G 129 69.20 1.36 10.75
CA LEU G 129 69.56 1.90 12.06
C LEU G 129 70.94 1.44 12.50
N ALA G 130 71.28 0.17 12.22
CA ALA G 130 72.60 -0.33 12.58
C ALA G 130 73.69 0.41 11.82
N VAL G 131 73.50 0.66 10.53
CA VAL G 131 74.48 1.41 9.76
C VAL G 131 74.62 2.83 10.31
N GLY G 132 73.48 3.47 10.60
CA GLY G 132 73.53 4.83 11.11
C GLY G 132 74.26 4.93 12.43
N VAL G 133 74.03 3.98 13.33
CA VAL G 133 74.73 4.00 14.61
C VAL G 133 76.17 3.55 14.47
N TYR G 134 76.50 2.77 13.44
CA TYR G 134 77.86 2.32 13.25
C TYR G 134 78.75 3.46 12.74
N PHE G 135 78.24 4.29 11.84
CA PHE G 135 79.04 5.41 11.36
C PHE G 135 79.40 6.39 12.47
N ILE G 136 78.57 6.47 13.51
CA ILE G 136 78.79 7.41 14.59
C ILE G 136 79.42 6.72 15.80
N ALA G 137 80.09 5.59 15.59
CA ALA G 137 80.90 4.98 16.64
C ALA G 137 82.13 5.85 16.89
N GLY G 138 82.18 6.44 18.08
CA GLY G 138 83.27 7.35 18.43
C GLY G 138 83.20 8.67 17.69
N GLN H 34 13.48 28.67 -14.09
CA GLN H 34 13.00 28.06 -12.85
C GLN H 34 14.01 28.22 -11.73
N THR H 35 13.63 28.95 -10.69
CA THR H 35 14.50 29.15 -9.54
C THR H 35 14.37 27.95 -8.60
N PRO H 36 15.46 27.29 -8.26
CA PRO H 36 15.37 26.06 -7.46
C PRO H 36 15.28 26.35 -5.97
N TYR H 37 14.93 25.31 -5.21
CA TYR H 37 15.00 25.37 -3.76
C TYR H 37 16.43 25.67 -3.31
N LYS H 38 16.57 26.02 -2.04
CA LYS H 38 17.88 26.05 -1.41
C LYS H 38 17.89 25.03 -0.28
N VAL H 39 18.88 24.15 -0.28
CA VAL H 39 19.02 23.13 0.76
C VAL H 39 20.43 23.23 1.35
N SER H 40 20.51 23.35 2.67
CA SER H 40 21.79 23.44 3.35
C SER H 40 21.85 22.39 4.45
N ILE H 41 22.96 21.65 4.48
CA ILE H 41 23.19 20.57 5.44
C ILE H 41 24.30 20.99 6.38
N SER H 42 24.07 20.86 7.68
CA SER H 42 25.10 21.16 8.67
C SER H 42 24.92 20.22 9.85
N GLY H 43 25.83 19.26 10.00
CA GLY H 43 25.71 18.28 11.07
C GLY H 43 24.48 17.44 10.94
N THR H 44 23.51 17.65 11.84
CA THR H 44 22.22 16.98 11.78
C THR H 44 21.09 17.98 11.53
N THR H 45 21.39 19.08 10.84
CA THR H 45 20.43 20.15 10.60
C THR H 45 20.29 20.37 9.10
N VAL H 46 19.05 20.52 8.65
CA VAL H 46 18.72 20.79 7.26
C VAL H 46 17.90 22.07 7.21
N ILE H 47 18.29 23.00 6.34
CA ILE H 47 17.57 24.24 6.15
C ILE H 47 17.12 24.32 4.70
N LEU H 48 15.82 24.52 4.51
CA LEU H 48 15.22 24.63 3.19
C LEU H 48 14.68 26.04 2.99
N THR H 49 15.05 26.66 1.87
CA THR H 49 14.68 28.02 1.54
C THR H 49 13.85 28.01 0.25
N CYS H 50 12.68 28.64 0.32
CA CYS H 50 11.71 28.64 -0.76
C CYS H 50 12.00 29.79 -1.71
N PRO H 51 12.27 29.52 -2.99
CA PRO H 51 12.83 30.56 -3.86
C PRO H 51 11.88 31.63 -4.36
N GLN H 52 10.69 31.24 -4.84
CA GLN H 52 9.89 32.11 -5.69
C GLN H 52 8.75 32.81 -4.97
N TYR H 53 8.73 32.79 -3.63
CA TYR H 53 7.69 33.46 -2.86
C TYR H 53 8.35 34.38 -1.84
N PRO H 54 8.82 35.56 -2.27
CA PRO H 54 9.50 36.46 -1.34
C PRO H 54 8.57 37.36 -0.57
N GLY H 55 7.36 37.59 -1.08
CA GLY H 55 6.48 38.57 -0.47
C GLY H 55 5.17 38.02 0.05
N SER H 56 5.18 36.79 0.53
CA SER H 56 3.98 36.20 1.11
C SER H 56 4.40 35.14 2.13
N GLU H 57 3.48 34.87 3.07
CA GLU H 57 3.73 33.82 4.05
C GLU H 57 3.57 32.44 3.39
N ILE H 58 4.45 31.51 3.76
CA ILE H 58 4.52 30.22 3.10
C ILE H 58 4.36 29.10 4.12
N LEU H 59 3.83 27.98 3.64
CA LEU H 59 3.67 26.75 4.42
C LEU H 59 4.34 25.60 3.70
N TRP H 60 4.86 24.67 4.50
CA TRP H 60 5.59 23.51 4.01
C TRP H 60 4.74 22.27 4.26
N GLN H 61 4.69 21.38 3.28
CA GLN H 61 3.92 20.15 3.36
C GLN H 61 4.88 18.98 3.15
N HIS H 62 4.81 18.00 4.05
CA HIS H 62 5.73 16.85 4.04
C HIS H 62 4.93 15.56 3.90
N ASN H 63 5.04 14.92 2.74
CA ASN H 63 4.36 13.65 2.48
C ASN H 63 2.87 13.77 2.79
N ASP H 64 2.27 14.88 2.37
CA ASP H 64 0.86 15.17 2.62
C ASP H 64 0.55 15.19 4.12
N LYS H 65 1.24 16.08 4.82
CA LYS H 65 1.01 16.29 6.25
C LYS H 65 1.55 17.67 6.59
N ASN H 66 0.79 18.42 7.37
CA ASN H 66 1.20 19.77 7.73
C ASN H 66 2.40 19.71 8.67
N ILE H 67 3.52 20.28 8.24
CA ILE H 67 4.76 20.21 9.00
C ILE H 67 5.26 21.62 9.27
N GLY H 68 5.72 21.85 10.50
CA GLY H 68 6.26 23.14 10.87
C GLY H 68 5.19 24.17 11.14
N GLY H 69 5.61 25.28 11.76
CA GLY H 69 4.71 26.37 12.03
C GLY H 69 3.73 26.13 13.16
N ASP H 70 3.91 25.06 13.93
CA ASP H 70 2.99 24.71 15.01
C ASP H 70 3.41 25.29 16.34
N GLU H 71 4.50 26.06 16.39
CA GLU H 71 5.06 26.64 17.62
C GLU H 71 5.45 25.57 18.64
N ASP H 72 5.50 24.32 18.22
CA ASP H 72 5.96 23.21 19.05
C ASP H 72 6.90 22.36 18.18
N ASP H 73 7.21 21.15 18.66
CA ASP H 73 8.13 20.25 17.96
C ASP H 73 9.48 20.93 17.75
N LYS H 74 10.15 21.17 18.89
CA LYS H 74 11.42 21.89 18.97
C LYS H 74 12.37 21.55 17.83
N ASN H 75 12.43 20.27 17.45
CA ASN H 75 13.30 19.84 16.37
C ASN H 75 12.92 20.46 15.03
N ILE H 76 11.71 20.98 14.90
CA ILE H 76 11.20 21.52 13.64
C ILE H 76 10.85 23.00 13.86
N GLY H 77 11.35 23.85 12.99
CA GLY H 77 11.09 25.28 13.09
C GLY H 77 10.81 25.88 11.74
N SER H 78 10.00 26.95 11.75
CA SER H 78 9.62 27.66 10.54
C SER H 78 9.87 29.15 10.73
N ASP H 79 10.22 29.81 9.63
CA ASP H 79 10.61 31.22 9.65
C ASP H 79 9.96 31.90 8.46
N GLU H 80 10.45 33.11 8.13
CA GLU H 80 9.95 33.85 6.98
C GLU H 80 9.92 32.99 5.73
N ASP H 81 11.08 32.48 5.32
CA ASP H 81 11.15 31.60 4.15
C ASP H 81 12.12 30.44 4.38
N HIS H 82 12.31 30.04 5.63
CA HIS H 82 13.23 28.95 5.95
C HIS H 82 12.53 27.92 6.82
N LEU H 83 12.75 26.65 6.48
CA LEU H 83 12.29 25.53 7.28
C LEU H 83 13.51 24.79 7.81
N SER H 84 13.60 24.65 9.13
CA SER H 84 14.76 24.06 9.79
C SER H 84 14.35 22.74 10.44
N LEU H 85 15.06 21.67 10.08
CA LEU H 85 14.80 20.34 10.60
C LEU H 85 16.10 19.82 11.19
N LYS H 86 16.19 19.76 12.51
CA LYS H 86 17.33 19.18 13.19
C LYS H 86 16.98 17.79 13.73
N GLU H 87 18.04 17.04 14.05
CA GLU H 87 17.92 15.62 14.37
C GLU H 87 17.26 14.86 13.22
N PHE H 88 17.70 15.16 12.00
CA PHE H 88 17.18 14.52 10.79
C PHE H 88 17.46 13.03 10.81
N SER H 89 16.45 12.25 10.47
CA SER H 89 16.59 10.80 10.28
C SER H 89 16.28 10.48 8.82
N GLU H 90 17.21 9.79 8.16
CA GLU H 90 17.04 9.53 6.74
C GLU H 90 15.82 8.65 6.47
N LEU H 91 15.59 7.64 7.30
CA LEU H 91 14.54 6.66 7.02
C LEU H 91 13.16 7.26 7.22
N GLU H 92 12.98 8.13 8.20
CA GLU H 92 11.66 8.63 8.57
C GLU H 92 11.35 10.01 8.03
N GLN H 93 12.35 10.83 7.73
CA GLN H 93 12.11 12.20 7.30
C GLN H 93 12.27 12.41 5.80
N SER H 94 12.86 11.44 5.09
CA SER H 94 13.03 11.59 3.65
C SER H 94 11.70 11.44 2.92
N GLY H 95 11.56 12.17 1.83
CA GLY H 95 10.33 12.07 1.06
C GLY H 95 10.04 13.36 0.32
N TYR H 96 8.75 13.63 0.15
CA TYR H 96 8.30 14.78 -0.62
C TYR H 96 8.09 16.01 0.26
N TYR H 97 8.47 17.16 -0.29
CA TYR H 97 8.29 18.45 0.35
C TYR H 97 7.70 19.40 -0.67
N VAL H 98 6.78 20.26 -0.24
CA VAL H 98 6.25 21.29 -1.14
C VAL H 98 6.02 22.57 -0.36
N CYS H 99 6.28 23.70 -1.02
CA CYS H 99 6.17 25.04 -0.45
C CYS H 99 5.04 25.77 -1.15
N TYR H 100 4.03 26.20 -0.38
CA TYR H 100 2.90 26.90 -0.97
C TYR H 100 2.53 28.13 -0.16
N PRO H 101 2.15 29.22 -0.82
CA PRO H 101 1.71 30.42 -0.08
C PRO H 101 0.42 30.17 0.68
N ARG H 102 0.29 30.86 1.81
CA ARG H 102 -0.92 30.76 2.61
C ARG H 102 -2.11 31.35 1.85
N GLY H 103 -3.28 30.76 2.05
CA GLY H 103 -4.47 31.17 1.34
C GLY H 103 -4.74 30.42 0.05
N SER H 104 -3.86 29.50 -0.33
CA SER H 104 -4.03 28.68 -1.53
C SER H 104 -4.22 27.23 -1.12
N LYS H 105 -5.07 26.53 -1.86
CA LYS H 105 -5.30 25.11 -1.60
C LYS H 105 -4.02 24.33 -1.94
N PRO H 106 -3.47 23.54 -1.01
CA PRO H 106 -2.13 22.99 -1.23
C PRO H 106 -2.09 21.79 -2.16
N GLU H 107 -2.81 21.86 -3.27
CA GLU H 107 -2.64 20.93 -4.37
C GLU H 107 -2.36 21.61 -5.70
N ASP H 108 -2.57 22.93 -5.81
CA ASP H 108 -2.24 23.65 -7.03
C ASP H 108 -0.74 23.73 -7.26
N ALA H 109 0.07 23.58 -6.21
CA ALA H 109 1.51 23.69 -6.35
C ALA H 109 2.05 22.64 -7.30
N ASN H 110 2.95 23.05 -8.19
CA ASN H 110 3.54 22.20 -9.20
C ASN H 110 5.06 22.26 -9.15
N PHE H 111 5.62 22.34 -7.93
CA PHE H 111 7.07 22.32 -7.77
C PHE H 111 7.36 21.62 -6.44
N TYR H 112 7.63 20.32 -6.53
CA TYR H 112 7.92 19.48 -5.38
C TYR H 112 9.42 19.23 -5.26
N LEU H 113 9.82 18.80 -4.07
CA LEU H 113 11.19 18.40 -3.78
C LEU H 113 11.19 16.98 -3.23
N TYR H 114 12.03 16.12 -3.80
CA TYR H 114 12.27 14.79 -3.26
C TYR H 114 13.61 14.84 -2.53
N LEU H 115 13.59 14.60 -1.22
CA LEU H 115 14.78 14.72 -0.39
C LEU H 115 15.10 13.37 0.21
N ARG H 116 16.33 12.89 -0.03
CA ARG H 116 16.88 11.73 0.64
C ARG H 116 18.35 12.05 0.91
N ALA H 117 18.70 12.27 2.17
CA ALA H 117 20.04 12.71 2.53
C ALA H 117 20.55 11.89 3.69
N ARG H 118 21.87 11.72 3.74
CA ARG H 118 22.56 11.00 4.81
C ARG H 118 23.27 12.03 5.67
N VAL H 119 22.79 12.22 6.89
CA VAL H 119 23.36 13.16 7.83
C VAL H 119 24.15 12.40 8.89
N CYS H 120 25.20 13.03 9.40
CA CYS H 120 26.09 12.40 10.36
C CYS H 120 26.49 13.41 11.43
N GLU H 121 26.91 12.89 12.57
CA GLU H 121 27.32 13.71 13.71
C GLU H 121 28.80 14.04 13.55
N ASN H 122 29.09 15.33 13.34
CA ASN H 122 30.42 15.91 13.12
C ASN H 122 30.99 15.60 11.75
N CYS H 123 30.32 14.82 10.92
CA CYS H 123 30.82 14.53 9.58
C CYS H 123 30.68 15.76 8.69
N MET H 124 31.76 16.08 7.97
CA MET H 124 31.78 17.20 7.04
C MET H 124 32.39 16.75 5.73
N GLU H 125 31.92 17.37 4.64
CA GLU H 125 32.25 16.93 3.30
C GLU H 125 33.46 17.68 2.76
N MET H 126 34.42 16.95 2.21
CA MET H 126 35.58 17.53 1.58
C MET H 126 36.02 16.62 0.43
N ASP H 127 36.51 17.25 -0.65
CA ASP H 127 36.93 16.51 -1.82
C ASP H 127 38.43 16.22 -1.76
N VAL H 128 38.93 15.48 -2.74
CA VAL H 128 40.35 15.15 -2.78
C VAL H 128 41.20 16.39 -3.02
N MET H 129 40.64 17.39 -3.70
CA MET H 129 41.41 18.61 -3.98
C MET H 129 41.78 19.33 -2.71
N SER H 130 40.88 19.37 -1.72
CA SER H 130 41.18 20.02 -0.45
C SER H 130 42.33 19.31 0.27
N VAL H 131 42.32 17.99 0.28
CA VAL H 131 43.40 17.24 0.93
C VAL H 131 44.72 17.49 0.22
N ALA H 132 44.70 17.43 -1.11
CA ALA H 132 45.93 17.65 -1.87
C ALA H 132 46.49 19.05 -1.61
N THR H 133 45.61 20.06 -1.61
CA THR H 133 46.10 21.42 -1.42
C THR H 133 46.58 21.66 0.01
N ILE H 134 45.94 21.04 1.01
CA ILE H 134 46.42 21.24 2.38
C ILE H 134 47.77 20.56 2.56
N VAL H 135 47.97 19.37 1.96
CA VAL H 135 49.27 18.72 2.04
C VAL H 135 50.33 19.57 1.36
N ILE H 136 50.03 20.11 0.17
CA ILE H 136 51.06 20.83 -0.57
C ILE H 136 51.40 22.15 0.14
N VAL H 137 50.40 22.84 0.71
CA VAL H 137 50.71 24.08 1.42
C VAL H 137 51.49 23.77 2.69
N ASP H 138 51.17 22.67 3.37
CA ASP H 138 51.93 22.30 4.56
C ASP H 138 53.39 22.03 4.23
N ILE H 139 53.65 21.26 3.18
CA ILE H 139 55.03 20.96 2.82
C ILE H 139 55.75 22.23 2.35
N CYS H 140 55.03 23.12 1.65
CA CYS H 140 55.64 24.36 1.19
C CYS H 140 56.03 25.26 2.36
N ILE H 141 55.13 25.42 3.33
CA ILE H 141 55.45 26.27 4.47
C ILE H 141 56.56 25.65 5.30
N THR H 142 56.58 24.32 5.43
CA THR H 142 57.66 23.67 6.16
C THR H 142 59.00 23.93 5.49
N GLY H 143 59.05 23.78 4.16
CA GLY H 143 60.29 24.04 3.44
C GLY H 143 60.74 25.49 3.54
N GLY H 144 59.80 26.42 3.42
CA GLY H 144 60.16 27.83 3.54
C GLY H 144 60.70 28.19 4.91
N LEU H 145 60.02 27.73 5.97
CA LEU H 145 60.50 27.97 7.32
C LEU H 145 61.86 27.32 7.55
N LEU H 146 62.05 26.13 6.99
CA LEU H 146 63.31 25.42 7.14
C LEU H 146 64.45 26.21 6.51
N LEU H 147 64.23 26.72 5.30
CA LEU H 147 65.25 27.51 4.61
C LEU H 147 65.52 28.81 5.37
N LEU H 148 64.46 29.44 5.89
CA LEU H 148 64.64 30.66 6.67
C LEU H 148 65.50 30.41 7.90
N VAL H 149 65.22 29.33 8.62
CA VAL H 149 65.99 29.00 9.83
C VAL H 149 67.44 28.72 9.46
N TYR H 150 67.67 27.97 8.37
CA TYR H 150 69.03 27.68 7.96
C TYR H 150 69.80 28.95 7.61
N TYR H 151 69.17 29.86 6.87
CA TYR H 151 69.83 31.11 6.53
C TYR H 151 70.11 31.95 7.77
N TRP H 152 69.16 31.99 8.71
CA TRP H 152 69.36 32.79 9.92
C TRP H 152 70.47 32.21 10.79
N SER H 153 70.61 30.90 10.84
CA SER H 153 71.60 30.27 11.70
C SER H 153 72.98 30.12 11.05
N LYS H 154 73.07 30.19 9.73
CA LYS H 154 74.35 29.97 9.07
C LYS H 154 75.34 31.10 9.36
N ASN H 155 74.90 32.35 9.22
CA ASN H 155 75.83 33.46 9.36
C ASN H 155 76.36 33.58 10.79
N ARG H 156 75.50 33.39 11.77
CA ARG H 156 75.91 33.49 13.17
C ARG H 156 76.60 32.22 13.62
N GLY I 2 -58.63 -3.15 -18.86
CA GLY I 2 -57.76 -2.34 -19.69
C GLY I 2 -56.37 -2.19 -19.12
N SER I 3 -55.87 -0.96 -19.10
CA SER I 3 -54.53 -0.69 -18.59
C SER I 3 -54.51 -0.73 -17.06
N HIS I 4 -53.29 -0.73 -16.53
CA HIS I 4 -53.08 -0.64 -15.08
C HIS I 4 -51.80 0.13 -14.85
N SER I 5 -51.59 0.55 -13.61
CA SER I 5 -50.43 1.37 -13.30
C SER I 5 -50.03 1.19 -11.85
N MET I 6 -48.76 1.47 -11.56
CA MET I 6 -48.26 1.54 -10.20
C MET I 6 -47.47 2.83 -10.08
N ARG I 7 -47.74 3.59 -9.01
CA ARG I 7 -47.14 4.90 -8.81
C ARG I 7 -46.62 5.04 -7.40
N TYR I 8 -45.53 5.80 -7.26
CA TYR I 8 -44.94 6.09 -5.96
C TYR I 8 -44.64 7.57 -5.88
N PHE I 9 -45.16 8.21 -4.81
CA PHE I 9 -45.02 9.64 -4.56
C PHE I 9 -44.23 9.87 -3.28
N PHE I 10 -43.20 10.72 -3.35
CA PHE I 10 -42.37 11.06 -2.21
C PHE I 10 -42.32 12.57 -2.06
N THR I 11 -42.59 13.07 -0.86
CA THR I 11 -42.52 14.50 -0.59
C THR I 11 -41.70 14.77 0.66
N SER I 12 -40.90 15.83 0.62
CA SER I 12 -40.03 16.17 1.74
C SER I 12 -40.05 17.68 1.93
N VAL I 13 -40.33 18.12 3.15
CA VAL I 13 -40.46 19.53 3.49
C VAL I 13 -39.45 19.85 4.58
N SER I 14 -38.73 20.96 4.41
CA SER I 14 -37.70 21.35 5.35
C SER I 14 -38.26 22.28 6.41
N ARG I 15 -37.91 22.01 7.66
CA ARG I 15 -38.29 22.86 8.79
C ARG I 15 -37.02 23.52 9.31
N PRO I 16 -36.75 24.78 8.96
CA PRO I 16 -35.44 25.37 9.25
C PRO I 16 -35.17 25.62 10.71
N GLY I 17 -36.13 25.40 11.60
CA GLY I 17 -35.92 25.72 13.00
C GLY I 17 -35.97 24.52 13.93
N ARG I 18 -36.71 23.48 13.55
CA ARG I 18 -36.99 22.38 14.46
C ARG I 18 -36.86 21.04 13.73
N GLY I 19 -36.13 20.12 14.34
CA GLY I 19 -36.08 18.74 13.91
C GLY I 19 -35.57 18.54 12.48
N GLU I 20 -35.70 17.28 12.06
CA GLU I 20 -35.36 16.89 10.71
C GLU I 20 -36.51 17.17 9.76
N PRO I 21 -36.25 17.27 8.45
CA PRO I 21 -37.34 17.51 7.50
C PRO I 21 -38.40 16.43 7.56
N ARG I 22 -39.64 16.83 7.31
CA ARG I 22 -40.76 15.90 7.30
C ARG I 22 -40.86 15.20 5.96
N PHE I 23 -40.93 13.88 5.98
CA PHE I 23 -40.92 13.06 4.78
C PHE I 23 -42.16 12.18 4.76
N ILE I 24 -42.86 12.14 3.63
CA ILE I 24 -44.05 11.31 3.48
C ILE I 24 -43.98 10.60 2.13
N ALA I 25 -44.24 9.29 2.13
CA ALA I 25 -44.19 8.48 0.93
C ALA I 25 -45.46 7.64 0.83
N VAL I 26 -46.05 7.59 -0.37
CA VAL I 26 -47.25 6.80 -0.58
C VAL I 26 -47.13 6.04 -1.90
N GLY I 27 -47.87 4.93 -1.97
CA GLY I 27 -47.88 4.11 -3.17
C GLY I 27 -49.29 3.73 -3.58
N TYR I 28 -49.54 3.81 -4.88
CA TYR I 28 -50.86 3.60 -5.45
C TYR I 28 -50.82 2.53 -6.52
N VAL I 29 -51.85 1.68 -6.53
CA VAL I 29 -52.14 0.79 -7.66
C VAL I 29 -53.46 1.26 -8.25
N ASP I 30 -53.42 1.70 -9.52
CA ASP I 30 -54.55 2.40 -10.13
C ASP I 30 -54.96 3.58 -9.26
N ASP I 31 -56.14 3.52 -8.67
CA ASP I 31 -56.65 4.56 -7.79
C ASP I 31 -56.84 4.05 -6.36
N THR I 32 -56.13 3.00 -5.98
CA THR I 32 -56.19 2.45 -4.63
C THR I 32 -54.83 2.61 -3.97
N GLN I 33 -54.78 3.38 -2.90
CA GLN I 33 -53.56 3.47 -2.11
C GLN I 33 -53.33 2.18 -1.37
N PHE I 34 -52.10 1.66 -1.39
CA PHE I 34 -51.84 0.38 -0.76
C PHE I 34 -50.69 0.36 0.23
N VAL I 35 -50.03 1.49 0.48
CA VAL I 35 -48.89 1.52 1.40
C VAL I 35 -48.59 2.97 1.74
N ARG I 36 -47.97 3.18 2.90
CA ARG I 36 -47.67 4.54 3.37
C ARG I 36 -46.43 4.53 4.25
N PHE I 37 -45.83 5.70 4.42
CA PHE I 37 -44.72 5.89 5.35
C PHE I 37 -44.69 7.34 5.77
N ASP I 38 -44.79 7.60 7.07
CA ASP I 38 -44.77 8.95 7.61
C ASP I 38 -43.66 9.04 8.65
N SER I 39 -42.78 10.02 8.52
CA SER I 39 -41.65 10.12 9.43
C SER I 39 -42.05 10.62 10.81
N ASP I 40 -43.17 11.36 10.91
CA ASP I 40 -43.62 11.82 12.22
C ASP I 40 -44.35 10.74 13.01
N ALA I 41 -44.79 9.67 12.36
CA ALA I 41 -45.45 8.59 13.08
C ALA I 41 -44.46 7.86 13.98
N ALA I 42 -44.97 7.33 15.08
CA ALA I 42 -44.12 6.66 16.06
C ALA I 42 -43.64 5.30 15.58
N SER I 43 -44.36 4.67 14.66
CA SER I 43 -44.00 3.33 14.22
C SER I 43 -42.65 3.31 13.50
N GLN I 44 -42.40 4.31 12.66
CA GLN I 44 -41.18 4.37 11.85
C GLN I 44 -41.03 3.13 10.96
N ARG I 45 -42.17 2.64 10.46
CA ARG I 45 -42.22 1.46 9.62
C ARG I 45 -43.09 1.74 8.42
N MET I 46 -42.90 0.96 7.37
CA MET I 46 -43.74 1.04 6.18
C MET I 46 -45.02 0.26 6.45
N GLU I 47 -46.16 0.94 6.37
CA GLU I 47 -47.40 0.38 6.87
C GLU I 47 -48.36 0.04 5.74
N PRO I 48 -49.12 -1.04 5.87
CA PRO I 48 -50.10 -1.39 4.85
C PRO I 48 -51.34 -0.51 4.92
N ARG I 49 -52.06 -0.46 3.80
CA ARG I 49 -53.30 0.31 3.73
C ARG I 49 -54.41 -0.41 2.98
N ALA I 50 -54.20 -1.64 2.52
CA ALA I 50 -55.19 -2.41 1.80
C ALA I 50 -55.21 -3.83 2.34
N PRO I 51 -56.35 -4.51 2.28
CA PRO I 51 -56.42 -5.86 2.84
C PRO I 51 -55.53 -6.89 2.14
N TRP I 52 -55.33 -6.76 0.83
CA TRP I 52 -54.62 -7.77 0.06
C TRP I 52 -53.10 -7.64 0.12
N ILE I 53 -52.59 -6.58 0.76
CA ILE I 53 -51.15 -6.38 0.86
C ILE I 53 -50.58 -6.93 2.16
N GLU I 54 -51.43 -7.41 3.07
CA GLU I 54 -50.94 -7.92 4.35
C GLU I 54 -50.43 -9.35 4.26
N GLN I 55 -50.57 -10.02 3.11
CA GLN I 55 -50.06 -11.38 2.97
C GLN I 55 -48.55 -11.44 2.88
N GLU I 56 -47.87 -10.31 2.68
CA GLU I 56 -46.44 -10.33 2.47
C GLU I 56 -45.70 -10.67 3.75
N GLY I 57 -44.51 -11.25 3.60
CA GLY I 57 -43.72 -11.70 4.73
C GLY I 57 -42.92 -10.60 5.35
N PRO I 58 -42.32 -10.90 6.51
CA PRO I 58 -41.53 -9.89 7.22
C PRO I 58 -40.38 -9.32 6.42
N GLU I 59 -39.75 -10.13 5.55
CA GLU I 59 -38.63 -9.63 4.76
C GLU I 59 -39.09 -8.51 3.84
N TYR I 60 -40.30 -8.62 3.30
CA TYR I 60 -40.83 -7.58 2.43
C TYR I 60 -40.91 -6.26 3.17
N TRP I 61 -41.54 -6.25 4.35
CA TRP I 61 -41.71 -5.01 5.09
C TRP I 61 -40.38 -4.46 5.56
N ASP I 62 -39.45 -5.32 5.98
CA ASP I 62 -38.14 -4.84 6.40
C ASP I 62 -37.40 -4.17 5.25
N GLY I 63 -37.42 -4.78 4.08
CA GLY I 63 -36.75 -4.18 2.93
C GLY I 63 -37.38 -2.87 2.52
N GLU I 64 -38.71 -2.82 2.50
CA GLU I 64 -39.40 -1.58 2.13
C GLU I 64 -39.08 -0.46 3.10
N THR I 65 -39.11 -0.75 4.40
CA THR I 65 -38.77 0.26 5.40
C THR I 65 -37.35 0.78 5.19
N ARG I 66 -36.39 -0.13 5.05
CA ARG I 66 -35.00 0.29 4.96
C ARG I 66 -34.75 1.11 3.70
N LYS I 67 -35.40 0.74 2.59
CA LYS I 67 -35.13 1.50 1.39
C LYS I 67 -35.85 2.84 1.39
N VAL I 68 -37.06 2.93 1.96
CA VAL I 68 -37.71 4.23 1.94
C VAL I 68 -37.01 5.18 2.89
N LYS I 69 -36.40 4.66 3.97
CA LYS I 69 -35.58 5.53 4.81
C LYS I 69 -34.36 6.03 4.03
N ALA I 70 -33.78 5.17 3.18
CA ALA I 70 -32.69 5.65 2.33
C ALA I 70 -33.16 6.73 1.37
N HIS I 71 -34.37 6.57 0.82
CA HIS I 71 -34.98 7.62 0.00
C HIS I 71 -35.06 8.94 0.76
N SER I 72 -35.50 8.88 2.02
CA SER I 72 -35.63 10.10 2.81
C SER I 72 -34.28 10.77 3.03
N GLN I 73 -33.24 9.99 3.31
CA GLN I 73 -31.92 10.59 3.50
C GLN I 73 -31.43 11.25 2.21
N THR I 74 -31.67 10.60 1.07
CA THR I 74 -31.31 11.21 -0.21
C THR I 74 -32.05 12.53 -0.42
N HIS I 75 -33.33 12.58 -0.07
CA HIS I 75 -34.08 13.83 -0.20
C HIS I 75 -33.55 14.92 0.71
N ARG I 76 -33.14 14.55 1.93
CA ARG I 76 -32.58 15.55 2.84
C ARG I 76 -31.31 16.16 2.25
N VAL I 77 -30.42 15.31 1.71
CA VAL I 77 -29.21 15.83 1.09
C VAL I 77 -29.54 16.65 -0.15
N ASP I 78 -30.58 16.26 -0.89
CA ASP I 78 -31.01 17.03 -2.06
C ASP I 78 -31.48 18.42 -1.66
N LEU I 79 -32.23 18.51 -0.55
CA LEU I 79 -32.64 19.83 -0.05
C LEU I 79 -31.41 20.66 0.28
N GLY I 80 -30.45 20.05 0.99
CA GLY I 80 -29.25 20.78 1.34
C GLY I 80 -28.51 21.32 0.13
N THR I 81 -28.38 20.51 -0.92
CA THR I 81 -27.65 20.95 -2.10
C THR I 81 -28.44 21.99 -2.90
N LEU I 82 -29.74 21.74 -3.11
CA LEU I 82 -30.56 22.65 -3.90
C LEU I 82 -30.76 24.00 -3.24
N ARG I 83 -30.61 24.09 -1.91
CA ARG I 83 -30.50 25.41 -1.29
C ARG I 83 -29.24 26.12 -1.77
N GLY I 84 -28.15 25.38 -1.92
CA GLY I 84 -26.92 25.99 -2.40
C GLY I 84 -26.98 26.43 -3.85
N TYR I 85 -27.58 25.61 -4.72
CA TYR I 85 -27.61 25.95 -6.14
C TYR I 85 -28.40 27.22 -6.41
N TYR I 86 -29.48 27.45 -5.67
CA TYR I 86 -30.36 28.58 -5.94
C TYR I 86 -30.05 29.80 -5.08
N ASN I 87 -29.06 29.72 -4.20
CA ASN I 87 -28.61 30.86 -3.39
C ASN I 87 -29.77 31.45 -2.58
N GLN I 88 -30.29 30.63 -1.66
CA GLN I 88 -31.36 31.04 -0.78
C GLN I 88 -30.90 30.92 0.66
N SER I 89 -31.57 31.67 1.54
CA SER I 89 -31.18 31.72 2.93
C SER I 89 -31.46 30.39 3.63
N GLU I 90 -31.04 30.29 4.88
CA GLU I 90 -31.24 29.09 5.67
C GLU I 90 -32.56 29.11 6.43
N ALA I 91 -33.21 30.26 6.56
CA ALA I 91 -34.40 30.40 7.39
C ALA I 91 -35.70 30.12 6.63
N GLY I 92 -35.64 29.85 5.33
CA GLY I 92 -36.84 29.52 4.60
C GLY I 92 -37.25 28.06 4.75
N SER I 93 -38.43 27.75 4.22
CA SER I 93 -38.95 26.39 4.21
C SER I 93 -39.20 25.98 2.77
N HIS I 94 -38.61 24.86 2.36
CA HIS I 94 -38.65 24.44 0.96
C HIS I 94 -39.08 22.97 0.88
N THR I 95 -39.54 22.59 -0.31
CA THR I 95 -40.13 21.28 -0.55
C THR I 95 -39.52 20.64 -1.79
N VAL I 96 -39.24 19.34 -1.71
CA VAL I 96 -38.85 18.56 -2.88
C VAL I 96 -39.88 17.46 -3.06
N GLN I 97 -40.22 17.18 -4.32
CA GLN I 97 -41.20 16.17 -4.65
C GLN I 97 -40.63 15.26 -5.73
N ARG I 98 -40.96 13.98 -5.65
CA ARG I 98 -40.43 12.97 -6.55
C ARG I 98 -41.53 11.98 -6.87
N MET I 99 -41.59 11.54 -8.12
CA MET I 99 -42.61 10.57 -8.50
C MET I 99 -42.04 9.60 -9.52
N TYR I 100 -42.32 8.31 -9.33
CA TYR I 100 -41.93 7.34 -10.36
C TYR I 100 -42.90 6.18 -10.39
N GLY I 101 -42.97 5.52 -11.53
CA GLY I 101 -43.88 4.41 -11.66
C GLY I 101 -43.91 3.84 -13.07
N CYS I 102 -44.84 2.91 -13.28
CA CYS I 102 -44.91 2.17 -14.53
C CYS I 102 -46.35 1.87 -14.89
N ASP I 103 -46.57 1.64 -16.19
CA ASP I 103 -47.88 1.30 -16.74
C ASP I 103 -47.80 -0.03 -17.49
N VAL I 104 -48.90 -0.77 -17.46
CA VAL I 104 -49.01 -2.01 -18.23
C VAL I 104 -50.33 -2.01 -18.99
N GLY I 105 -50.32 -2.70 -20.13
CA GLY I 105 -51.47 -2.75 -21.01
C GLY I 105 -52.42 -3.88 -20.67
N SER I 106 -53.30 -4.18 -21.62
CA SER I 106 -54.33 -5.19 -21.42
C SER I 106 -53.73 -6.59 -21.25
N ASP I 107 -52.65 -6.87 -21.96
CA ASP I 107 -51.97 -8.16 -21.89
C ASP I 107 -50.91 -8.21 -20.79
N TRP I 108 -50.87 -7.21 -19.93
CA TRP I 108 -49.95 -7.16 -18.78
C TRP I 108 -48.49 -7.14 -19.24
N ARG I 109 -48.22 -6.42 -20.33
CA ARG I 109 -46.88 -6.14 -20.81
C ARG I 109 -46.51 -4.71 -20.45
N PHE I 110 -45.21 -4.42 -20.53
CA PHE I 110 -44.75 -3.07 -20.23
C PHE I 110 -45.20 -2.10 -21.32
N LEU I 111 -45.66 -0.92 -20.90
CA LEU I 111 -46.14 0.10 -21.82
C LEU I 111 -45.35 1.40 -21.72
N ARG I 112 -45.20 1.97 -20.52
CA ARG I 112 -44.40 3.17 -20.35
C ARG I 112 -44.02 3.32 -18.88
N GLY I 113 -43.11 4.24 -18.62
CA GLY I 113 -42.64 4.48 -17.26
C GLY I 113 -42.33 5.94 -17.04
N TYR I 114 -42.42 6.36 -15.78
CA TYR I 114 -42.31 7.76 -15.41
C TYR I 114 -41.29 7.94 -14.30
N HIS I 115 -40.51 9.01 -14.39
CA HIS I 115 -39.64 9.43 -13.30
C HIS I 115 -39.47 10.95 -13.39
N GLN I 116 -39.84 11.66 -12.31
CA GLN I 116 -39.85 13.11 -12.32
C GLN I 116 -39.46 13.67 -10.96
N TYR I 117 -38.82 14.85 -11.00
CA TYR I 117 -38.45 15.62 -9.82
C TYR I 117 -39.08 17.00 -9.90
N ALA I 118 -39.28 17.62 -8.73
CA ALA I 118 -39.77 18.99 -8.69
C ALA I 118 -39.27 19.65 -7.41
N TYR I 119 -38.86 20.91 -7.53
CA TYR I 119 -38.37 21.69 -6.40
C TYR I 119 -39.26 22.90 -6.24
N ASP I 120 -39.89 23.02 -5.07
CA ASP I 120 -40.79 24.13 -4.76
C ASP I 120 -41.91 24.25 -5.80
N GLY I 121 -42.46 23.11 -6.21
CA GLY I 121 -43.66 23.10 -7.03
C GLY I 121 -43.46 23.35 -8.51
N LYS I 122 -42.23 23.47 -8.98
CA LYS I 122 -41.95 23.66 -10.39
C LYS I 122 -40.99 22.58 -10.88
N ASP I 123 -41.10 22.22 -12.14
CA ASP I 123 -40.34 21.10 -12.68
C ASP I 123 -38.84 21.39 -12.63
N TYR I 124 -38.07 20.38 -12.23
CA TYR I 124 -36.62 20.48 -12.15
C TYR I 124 -35.93 19.58 -13.15
N ILE I 125 -36.18 18.27 -13.11
CA ILE I 125 -35.54 17.33 -14.02
C ILE I 125 -36.44 16.10 -14.16
N ALA I 126 -36.55 15.60 -15.39
CA ALA I 126 -37.44 14.49 -15.67
C ALA I 126 -36.77 13.51 -16.62
N LEU I 127 -37.32 12.31 -16.68
CA LEU I 127 -36.82 11.25 -17.55
C LEU I 127 -37.76 11.16 -18.75
N LYS I 128 -37.21 11.31 -19.96
CA LYS I 128 -38.03 11.40 -21.15
C LYS I 128 -38.86 10.14 -21.37
N GLU I 129 -39.85 10.25 -22.25
CA GLU I 129 -40.80 9.16 -22.45
C GLU I 129 -40.15 7.94 -23.09
N ASP I 130 -39.00 8.08 -23.73
CA ASP I 130 -38.28 6.94 -24.27
C ASP I 130 -37.25 6.38 -23.29
N LEU I 131 -37.17 6.93 -22.09
CA LEU I 131 -36.40 6.37 -20.98
C LEU I 131 -34.91 6.27 -21.27
N ARG I 132 -34.37 7.20 -22.06
CA ARG I 132 -32.94 7.19 -22.34
C ARG I 132 -32.22 8.48 -21.98
N SER I 133 -32.87 9.63 -22.08
CA SER I 133 -32.21 10.91 -21.90
C SER I 133 -33.04 11.79 -20.98
N TRP I 134 -32.37 12.71 -20.30
CA TRP I 134 -33.02 13.57 -19.32
C TRP I 134 -33.54 14.85 -19.95
N THR I 135 -34.40 15.54 -19.20
CA THR I 135 -34.92 16.85 -19.57
C THR I 135 -34.78 17.76 -18.36
N ALA I 136 -34.03 18.85 -18.53
CA ALA I 136 -33.81 19.83 -17.49
C ALA I 136 -34.37 21.17 -17.94
N ALA I 137 -35.05 21.87 -17.03
CA ALA I 137 -35.75 23.10 -17.39
C ALA I 137 -34.85 24.32 -17.32
N ASP I 138 -34.28 24.61 -16.15
CA ASP I 138 -33.51 25.81 -15.92
C ASP I 138 -32.02 25.53 -16.05
N MET I 139 -31.20 26.54 -15.75
CA MET I 139 -29.75 26.39 -15.81
C MET I 139 -29.19 25.63 -14.61
N ALA I 140 -29.83 25.76 -13.45
CA ALA I 140 -29.33 25.07 -12.26
C ALA I 140 -29.45 23.56 -12.36
N ALA I 141 -30.35 23.06 -13.22
CA ALA I 141 -30.51 21.63 -13.42
C ALA I 141 -29.51 21.05 -14.41
N GLN I 142 -28.80 21.89 -15.15
CA GLN I 142 -27.83 21.39 -16.11
C GLN I 142 -26.67 20.69 -15.42
N THR I 143 -26.24 21.18 -14.27
CA THR I 143 -25.16 20.52 -13.54
C THR I 143 -25.57 19.13 -13.09
N THR I 144 -26.78 19.00 -12.55
CA THR I 144 -27.28 17.68 -12.17
C THR I 144 -27.44 16.79 -13.39
N LYS I 145 -27.90 17.35 -14.50
CA LYS I 145 -28.04 16.57 -15.72
C LYS I 145 -26.69 16.02 -16.17
N HIS I 146 -25.65 16.84 -16.16
CA HIS I 146 -24.32 16.37 -16.54
C HIS I 146 -23.81 15.31 -15.58
N LYS I 147 -23.99 15.54 -14.27
CA LYS I 147 -23.51 14.57 -13.28
C LYS I 147 -24.20 13.23 -13.45
N TRP I 148 -25.52 13.24 -13.71
CA TRP I 148 -26.26 12.00 -13.88
C TRP I 148 -26.00 11.35 -15.23
N GLU I 149 -25.72 12.15 -16.25
CA GLU I 149 -25.41 11.62 -17.58
C GLU I 149 -24.01 11.03 -17.65
N ALA I 150 -23.12 11.42 -16.74
CA ALA I 150 -21.78 10.87 -16.70
C ALA I 150 -21.68 9.58 -15.91
N ALA I 151 -22.73 9.19 -15.19
CA ALA I 151 -22.71 7.99 -14.37
C ALA I 151 -23.75 6.96 -14.80
N HIS I 152 -24.34 7.11 -15.98
CA HIS I 152 -25.40 6.22 -16.47
C HIS I 152 -26.45 5.98 -15.40
N VAL I 153 -27.16 7.05 -15.03
CA VAL I 153 -28.24 6.91 -14.08
C VAL I 153 -29.56 6.57 -14.77
N ALA I 154 -29.76 7.02 -16.01
CA ALA I 154 -31.02 6.74 -16.70
C ALA I 154 -31.19 5.28 -17.03
N GLU I 155 -30.13 4.47 -16.90
CA GLU I 155 -30.21 3.06 -17.24
C GLU I 155 -30.26 2.17 -16.02
N GLN I 156 -29.78 2.67 -14.88
CA GLN I 156 -30.08 1.99 -13.64
C GLN I 156 -31.56 2.10 -13.35
N LEU I 157 -32.14 3.26 -13.67
CA LEU I 157 -33.56 3.47 -13.46
C LEU I 157 -34.37 2.75 -14.53
N ARG I 158 -33.89 2.75 -15.78
CA ARG I 158 -34.62 2.05 -16.82
C ARG I 158 -34.69 0.55 -16.54
N ALA I 159 -33.62 -0.03 -15.98
CA ALA I 159 -33.65 -1.45 -15.65
C ALA I 159 -34.73 -1.77 -14.62
N TYR I 160 -34.94 -0.87 -13.66
CA TYR I 160 -36.00 -1.08 -12.68
C TYR I 160 -37.37 -0.86 -13.27
N LEU I 161 -37.54 0.22 -14.05
CA LEU I 161 -38.88 0.61 -14.49
C LEU I 161 -39.49 -0.43 -15.42
N GLU I 162 -38.68 -1.08 -16.24
CA GLU I 162 -39.22 -2.06 -17.18
C GLU I 162 -39.40 -3.43 -16.54
N GLY I 163 -38.38 -3.93 -15.86
CA GLY I 163 -38.49 -5.26 -15.29
C GLY I 163 -39.21 -5.39 -13.97
N THR I 164 -38.64 -4.82 -12.91
CA THR I 164 -39.11 -5.14 -11.56
C THR I 164 -40.42 -4.43 -11.23
N CYS I 165 -40.63 -3.22 -11.75
CA CYS I 165 -41.92 -2.56 -11.54
C CYS I 165 -43.05 -3.40 -12.12
N VAL I 166 -42.87 -3.92 -13.33
CA VAL I 166 -43.91 -4.72 -13.96
C VAL I 166 -44.08 -6.05 -13.24
N GLU I 167 -42.97 -6.66 -12.79
CA GLU I 167 -43.08 -7.88 -12.02
C GLU I 167 -43.93 -7.66 -10.77
N TRP I 168 -43.63 -6.59 -10.03
CA TRP I 168 -44.39 -6.28 -8.82
C TRP I 168 -45.84 -5.97 -9.14
N LEU I 169 -46.09 -5.25 -10.24
CA LEU I 169 -47.46 -4.88 -10.57
C LEU I 169 -48.30 -6.09 -10.90
N ARG I 170 -47.76 -7.04 -11.66
CA ARG I 170 -48.49 -8.27 -11.92
C ARG I 170 -48.68 -9.08 -10.64
N ARG I 171 -47.66 -9.07 -9.76
CA ARG I 171 -47.79 -9.74 -8.47
C ARG I 171 -48.98 -9.20 -7.69
N TYR I 172 -49.09 -7.87 -7.58
CA TYR I 172 -50.21 -7.28 -6.83
C TYR I 172 -51.53 -7.50 -7.55
N LEU I 173 -51.55 -7.38 -8.88
CA LEU I 173 -52.79 -7.54 -9.62
C LEU I 173 -53.35 -8.94 -9.48
N GLU I 174 -52.49 -9.95 -9.35
CA GLU I 174 -52.97 -11.30 -9.10
C GLU I 174 -53.30 -11.54 -7.63
N ASN I 175 -52.58 -10.90 -6.70
CA ASN I 175 -52.89 -11.09 -5.30
C ASN I 175 -54.24 -10.48 -4.91
N GLY I 176 -54.63 -9.38 -5.54
CA GLY I 176 -55.83 -8.69 -5.12
C GLY I 176 -56.85 -8.57 -6.23
N LYS I 177 -57.03 -9.65 -6.99
CA LYS I 177 -57.92 -9.62 -8.15
C LYS I 177 -59.36 -9.33 -7.78
N GLU I 178 -59.76 -9.63 -6.54
CA GLU I 178 -61.15 -9.41 -6.13
C GLU I 178 -61.50 -7.93 -6.11
N THR I 179 -60.57 -7.08 -5.68
CA THR I 179 -60.83 -5.66 -5.52
C THR I 179 -60.18 -4.78 -6.58
N LEU I 180 -59.00 -5.15 -7.07
CA LEU I 180 -58.29 -4.29 -8.01
C LEU I 180 -58.88 -4.34 -9.41
N GLN I 181 -59.41 -5.48 -9.83
CA GLN I 181 -59.92 -5.64 -11.18
C GLN I 181 -61.43 -5.50 -11.25
N ARG I 182 -62.08 -5.08 -10.16
CA ARG I 182 -63.51 -4.87 -10.16
C ARG I 182 -63.86 -3.62 -10.96
N THR I 183 -65.15 -3.42 -11.17
CA THR I 183 -65.64 -2.21 -11.84
C THR I 183 -67.09 -1.99 -11.44
N ASP I 184 -67.40 -0.76 -11.01
CA ASP I 184 -68.72 -0.41 -10.52
C ASP I 184 -69.39 0.56 -11.46
N ALA I 185 -70.69 0.36 -11.68
CA ALA I 185 -71.46 1.25 -12.52
C ALA I 185 -71.95 2.45 -11.71
N PRO I 186 -71.92 3.65 -12.30
CA PRO I 186 -72.42 4.83 -11.57
C PRO I 186 -73.92 4.77 -11.38
N LYS I 187 -74.36 5.07 -10.16
CA LYS I 187 -75.79 5.15 -9.85
C LYS I 187 -76.24 6.57 -10.17
N THR I 188 -76.94 6.72 -11.29
CA THR I 188 -77.22 8.03 -11.87
C THR I 188 -78.66 8.44 -11.62
N HIS I 189 -78.84 9.66 -11.11
CA HIS I 189 -80.16 10.27 -10.98
C HIS I 189 -79.98 11.77 -11.06
N MET I 190 -81.08 12.47 -11.35
CA MET I 190 -81.03 13.89 -11.62
C MET I 190 -82.12 14.60 -10.83
N THR I 191 -81.78 15.78 -10.29
CA THR I 191 -82.67 16.55 -9.44
C THR I 191 -82.89 17.96 -10.00
N HIS I 192 -83.97 18.58 -9.52
CA HIS I 192 -84.45 19.86 -10.00
C HIS I 192 -84.61 20.82 -8.82
N HIS I 193 -84.21 22.07 -9.02
CA HIS I 193 -84.35 23.09 -7.98
C HIS I 193 -84.66 24.43 -8.62
N ALA I 194 -85.85 24.96 -8.36
CA ALA I 194 -86.18 26.30 -8.83
C ALA I 194 -85.43 27.34 -8.00
N VAL I 195 -84.79 28.30 -8.68
CA VAL I 195 -83.92 29.23 -7.96
C VAL I 195 -84.73 30.28 -7.21
N SER I 196 -85.42 31.17 -7.93
CA SER I 196 -86.37 32.08 -7.28
C SER I 196 -87.78 31.92 -7.82
N ASP I 197 -88.03 32.26 -9.08
CA ASP I 197 -89.34 32.04 -9.68
C ASP I 197 -89.31 31.58 -11.13
N HIS I 198 -88.26 31.87 -11.91
CA HIS I 198 -88.26 31.63 -13.33
C HIS I 198 -87.21 30.62 -13.75
N GLU I 199 -85.94 30.84 -13.42
CA GLU I 199 -84.90 29.91 -13.79
C GLU I 199 -84.95 28.68 -12.88
N ALA I 200 -84.21 27.65 -13.28
CA ALA I 200 -84.12 26.45 -12.46
C ALA I 200 -82.79 25.77 -12.74
N THR I 201 -82.37 24.94 -11.79
CA THR I 201 -81.14 24.17 -11.90
C THR I 201 -81.48 22.70 -12.01
N LEU I 202 -80.97 22.05 -13.05
CA LEU I 202 -81.04 20.61 -13.21
C LEU I 202 -79.64 20.05 -12.98
N ARG I 203 -79.54 19.08 -12.07
CA ARG I 203 -78.25 18.56 -11.63
C ARG I 203 -78.28 17.04 -11.76
N CYS I 204 -77.48 16.49 -12.66
CA CYS I 204 -77.36 15.05 -12.82
C CYS I 204 -76.15 14.56 -12.04
N TRP I 205 -76.36 13.55 -11.21
CA TRP I 205 -75.35 13.04 -10.29
C TRP I 205 -74.67 11.80 -10.85
N ALA I 206 -73.67 11.33 -10.13
CA ALA I 206 -72.99 10.08 -10.45
C ALA I 206 -72.35 9.60 -9.16
N LEU I 207 -72.85 8.51 -8.59
CA LEU I 207 -72.47 8.07 -7.26
C LEU I 207 -71.86 6.68 -7.31
N SER I 208 -70.84 6.46 -6.48
CA SER I 208 -70.35 5.13 -6.17
C SER I 208 -69.92 4.37 -7.43
N PHE I 209 -68.88 4.89 -8.08
CA PHE I 209 -68.32 4.25 -9.25
C PHE I 209 -66.81 4.14 -9.12
N TYR I 210 -66.27 3.04 -9.61
CA TYR I 210 -64.83 2.76 -9.63
C TYR I 210 -64.49 2.13 -10.97
N PRO I 211 -63.39 2.54 -11.62
CA PRO I 211 -62.42 3.54 -11.19
C PRO I 211 -62.94 4.97 -11.29
N ALA I 212 -62.06 5.94 -11.10
CA ALA I 212 -62.46 7.34 -10.97
C ALA I 212 -62.66 8.04 -12.30
N GLU I 213 -62.41 7.37 -13.43
CA GLU I 213 -62.51 8.02 -14.74
C GLU I 213 -63.95 7.91 -15.23
N ILE I 214 -64.65 9.06 -15.27
CA ILE I 214 -66.04 9.13 -15.71
C ILE I 214 -66.17 10.37 -16.59
N THR I 215 -67.21 10.39 -17.43
CA THR I 215 -67.48 11.56 -18.25
C THR I 215 -68.96 11.92 -18.20
N LEU I 216 -69.23 13.20 -17.93
CA LEU I 216 -70.58 13.75 -17.86
C LEU I 216 -70.71 14.87 -18.87
N THR I 217 -71.81 14.86 -19.63
CA THR I 217 -72.07 15.89 -20.63
C THR I 217 -73.53 16.31 -20.56
N TRP I 218 -73.80 17.55 -20.95
CA TRP I 218 -75.14 18.10 -21.03
C TRP I 218 -75.46 18.45 -22.47
N GLN I 219 -76.65 18.07 -22.93
CA GLN I 219 -77.06 18.31 -24.30
C GLN I 219 -78.47 18.86 -24.35
N ARG I 220 -78.73 19.66 -25.38
CA ARG I 220 -80.05 20.25 -25.64
C ARG I 220 -80.43 19.92 -27.07
N ASP I 221 -81.20 18.84 -27.25
CA ASP I 221 -81.65 18.40 -28.57
C ASP I 221 -80.47 18.20 -29.52
N GLY I 222 -79.39 17.61 -29.01
CA GLY I 222 -78.19 17.39 -29.79
C GLY I 222 -77.18 18.50 -29.73
N GLU I 223 -77.49 19.61 -29.06
CA GLU I 223 -76.55 20.72 -28.95
C GLU I 223 -75.62 20.46 -27.78
N ASP I 224 -74.31 20.48 -28.04
CA ASP I 224 -73.32 20.27 -26.99
C ASP I 224 -73.17 21.55 -26.19
N GLN I 225 -73.55 21.51 -24.91
CA GLN I 225 -73.49 22.68 -24.04
C GLN I 225 -72.14 22.69 -23.33
N THR I 226 -71.10 23.11 -24.05
CA THR I 226 -69.78 23.25 -23.46
C THR I 226 -69.72 24.40 -22.46
N GLN I 227 -70.68 25.32 -22.51
CA GLN I 227 -70.77 26.43 -21.58
C GLN I 227 -72.12 26.40 -20.86
N ASP I 228 -72.31 27.35 -19.96
CA ASP I 228 -73.52 27.48 -19.14
C ASP I 228 -73.74 26.27 -18.24
N THR I 229 -72.75 25.40 -18.09
CA THR I 229 -72.84 24.23 -17.24
C THR I 229 -71.68 24.25 -16.25
N GLU I 230 -71.90 23.66 -15.08
CA GLU I 230 -70.89 23.61 -14.04
C GLU I 230 -70.73 22.16 -13.59
N LEU I 231 -69.50 21.66 -13.65
CA LEU I 231 -69.17 20.35 -13.12
C LEU I 231 -68.01 20.49 -12.15
N VAL I 232 -68.08 19.78 -11.04
CA VAL I 232 -67.08 19.87 -10.00
C VAL I 232 -66.06 18.76 -10.18
N GLU I 233 -64.90 18.94 -9.56
CA GLU I 233 -63.85 17.93 -9.63
C GLU I 233 -64.33 16.64 -8.99
N THR I 234 -63.90 15.51 -9.55
CA THR I 234 -64.26 14.22 -8.99
C THR I 234 -63.72 14.10 -7.58
N ARG I 235 -64.58 13.64 -6.66
CA ARG I 235 -64.22 13.65 -5.26
C ARG I 235 -64.34 12.25 -4.67
N PRO I 236 -63.42 11.84 -3.81
CA PRO I 236 -63.54 10.53 -3.16
C PRO I 236 -64.70 10.50 -2.19
N ALA I 237 -65.24 9.30 -1.99
CA ALA I 237 -66.31 9.10 -1.03
C ALA I 237 -65.83 8.52 0.30
N GLY I 238 -64.56 8.14 0.39
CA GLY I 238 -64.00 7.61 1.61
C GLY I 238 -64.05 6.11 1.76
N ASP I 239 -64.75 5.40 0.88
CA ASP I 239 -64.82 3.94 0.94
C ASP I 239 -64.27 3.29 -0.32
N GLY I 240 -63.52 4.03 -1.13
CA GLY I 240 -63.00 3.51 -2.37
C GLY I 240 -63.82 3.83 -3.58
N THR I 241 -64.97 4.47 -3.42
CA THR I 241 -65.82 4.87 -4.53
C THR I 241 -65.64 6.36 -4.79
N PHE I 242 -66.31 6.86 -5.83
CA PHE I 242 -66.16 8.24 -6.25
C PHE I 242 -67.52 8.84 -6.57
N GLN I 243 -67.60 10.16 -6.47
CA GLN I 243 -68.83 10.89 -6.72
C GLN I 243 -68.56 12.06 -7.66
N LYS I 244 -69.61 12.50 -8.33
CA LYS I 244 -69.52 13.67 -9.21
C LYS I 244 -70.92 14.15 -9.49
N TRP I 245 -71.02 15.40 -9.98
CA TRP I 245 -72.31 15.88 -10.47
C TRP I 245 -72.06 17.04 -11.43
N ALA I 246 -73.04 17.26 -12.31
CA ALA I 246 -72.98 18.37 -13.25
C ALA I 246 -74.35 19.04 -13.31
N ALA I 247 -74.36 20.37 -13.27
CA ALA I 247 -75.58 21.14 -13.18
C ALA I 247 -75.65 22.17 -14.30
N VAL I 248 -76.87 22.51 -14.68
CA VAL I 248 -77.13 23.50 -15.72
C VAL I 248 -78.39 24.28 -15.34
N VAL I 249 -78.38 25.58 -15.64
CA VAL I 249 -79.50 26.46 -15.34
C VAL I 249 -80.30 26.68 -16.64
N VAL I 250 -81.61 26.49 -16.55
CA VAL I 250 -82.48 26.60 -17.72
C VAL I 250 -83.73 27.36 -17.35
N PRO I 251 -84.36 28.00 -18.34
CA PRO I 251 -85.68 28.60 -18.11
C PRO I 251 -86.72 27.53 -17.84
N SER I 252 -87.75 27.91 -17.09
CA SER I 252 -88.79 26.96 -16.70
C SER I 252 -89.59 26.49 -17.91
N GLY I 253 -90.03 25.24 -17.85
CA GLY I 253 -90.83 24.65 -18.89
C GLY I 253 -90.07 23.98 -20.01
N GLN I 254 -88.74 24.12 -20.04
CA GLN I 254 -87.91 23.53 -21.08
C GLN I 254 -87.02 22.42 -20.53
N GLU I 255 -87.43 21.80 -19.42
CA GLU I 255 -86.60 20.76 -18.81
C GLU I 255 -86.48 19.55 -19.73
N GLN I 256 -87.57 19.18 -20.41
CA GLN I 256 -87.53 18.04 -21.32
C GLN I 256 -86.61 18.28 -22.51
N ARG I 257 -86.28 19.53 -22.80
CA ARG I 257 -85.37 19.85 -23.89
C ARG I 257 -83.92 19.52 -23.56
N TYR I 258 -83.60 19.25 -22.29
CA TYR I 258 -82.24 19.02 -21.85
C TYR I 258 -82.07 17.58 -21.39
N THR I 259 -80.86 17.05 -21.55
CA THR I 259 -80.55 15.70 -21.12
C THR I 259 -79.08 15.60 -20.72
N CYS I 260 -78.79 14.59 -19.90
CA CYS I 260 -77.45 14.38 -19.36
C CYS I 260 -76.94 13.01 -19.79
N HIS I 261 -75.75 12.98 -20.39
CA HIS I 261 -75.12 11.74 -20.82
C HIS I 261 -73.96 11.42 -19.89
N VAL I 262 -73.93 10.19 -19.38
CA VAL I 262 -72.85 9.70 -18.54
C VAL I 262 -72.23 8.48 -19.20
N GLN I 263 -70.90 8.48 -19.31
CA GLN I 263 -70.17 7.34 -19.83
C GLN I 263 -69.06 6.96 -18.85
N HIS I 264 -69.02 5.68 -18.50
CA HIS I 264 -68.07 5.11 -17.57
C HIS I 264 -67.53 3.81 -18.17
N GLU I 265 -66.42 3.33 -17.60
CA GLU I 265 -65.87 2.07 -18.07
C GLU I 265 -66.73 0.87 -17.68
N GLY I 266 -67.57 1.02 -16.66
CA GLY I 266 -68.46 -0.06 -16.26
C GLY I 266 -69.78 -0.12 -16.96
N LEU I 267 -70.08 0.86 -17.82
CA LEU I 267 -71.34 0.88 -18.56
C LEU I 267 -71.14 0.26 -19.93
N PRO I 268 -71.86 -0.81 -20.28
CA PRO I 268 -71.76 -1.35 -21.64
C PRO I 268 -72.15 -0.34 -22.70
N LYS I 269 -73.08 0.57 -22.40
CA LYS I 269 -73.56 1.56 -23.35
C LYS I 269 -73.80 2.86 -22.60
N PRO I 270 -73.33 4.00 -23.12
CA PRO I 270 -73.47 5.27 -22.39
C PRO I 270 -74.93 5.60 -22.12
N LEU I 271 -75.18 6.14 -20.93
CA LEU I 271 -76.54 6.38 -20.48
C LEU I 271 -77.06 7.72 -20.99
N THR I 272 -78.36 7.94 -20.78
CA THR I 272 -78.99 9.20 -21.14
C THR I 272 -80.14 9.44 -20.18
N LEU I 273 -80.08 10.55 -19.44
CA LEU I 273 -81.03 10.87 -18.39
C LEU I 273 -81.82 12.11 -18.79
N ARG I 274 -83.14 12.03 -18.65
CA ARG I 274 -84.05 13.13 -18.91
C ARG I 274 -85.01 13.25 -17.73
N TRP I 275 -85.49 14.48 -17.49
CA TRP I 275 -86.31 14.75 -16.31
C TRP I 275 -87.60 13.95 -16.32
N GLU I 276 -87.78 13.12 -15.29
CA GLU I 276 -88.96 12.27 -15.14
C GLU I 276 -89.22 11.41 -16.36
N MET J 1 -40.65 30.57 -5.76
CA MET J 1 -41.69 29.72 -5.21
C MET J 1 -43.07 30.22 -5.64
N ILE J 2 -43.90 29.31 -6.12
CA ILE J 2 -45.26 29.61 -6.56
C ILE J 2 -46.23 29.07 -5.52
N GLN J 3 -47.29 29.84 -5.27
CA GLN J 3 -48.30 29.47 -4.30
C GLN J 3 -49.68 29.46 -4.95
N ARG J 4 -50.45 28.43 -4.67
CA ARG J 4 -51.80 28.27 -5.21
C ARG J 4 -52.80 28.19 -4.08
N THR J 5 -54.02 28.63 -4.35
CA THR J 5 -55.00 28.64 -3.27
C THR J 5 -55.89 27.39 -3.32
N PRO J 6 -56.24 26.83 -2.18
CA PRO J 6 -56.96 25.55 -2.17
C PRO J 6 -58.40 25.69 -2.64
N LYS J 7 -58.94 24.57 -3.12
CA LYS J 7 -60.34 24.45 -3.48
C LYS J 7 -61.01 23.47 -2.52
N ILE J 8 -62.19 23.84 -2.01
CA ILE J 8 -62.83 23.17 -0.89
C ILE J 8 -64.15 22.60 -1.33
N GLN J 9 -64.47 21.40 -0.84
CA GLN J 9 -65.78 20.80 -1.07
C GLN J 9 -66.27 20.13 0.21
N VAL J 10 -67.52 20.39 0.58
CA VAL J 10 -68.13 19.78 1.76
C VAL J 10 -69.27 18.90 1.29
N TYR J 11 -69.26 17.64 1.71
CA TYR J 11 -70.28 16.70 1.23
C TYR J 11 -70.39 15.54 2.21
N SER J 12 -71.17 14.54 1.83
CA SER J 12 -71.41 13.37 2.65
C SER J 12 -71.11 12.11 1.86
N ARG J 13 -70.72 11.05 2.57
CA ARG J 13 -70.36 9.80 1.91
C ARG J 13 -71.56 9.19 1.19
N HIS J 14 -72.68 9.07 1.88
CA HIS J 14 -73.92 8.57 1.31
C HIS J 14 -74.94 9.69 1.17
N PRO J 15 -75.93 9.55 0.28
CA PRO J 15 -77.01 10.53 0.23
C PRO J 15 -77.70 10.65 1.58
N ALA J 16 -78.06 11.88 1.94
CA ALA J 16 -78.41 12.23 3.31
C ALA J 16 -79.92 12.18 3.51
N GLU J 17 -80.34 11.48 4.55
CA GLU J 17 -81.70 11.56 5.06
C GLU J 17 -81.65 11.44 6.57
N ASN J 18 -82.50 12.20 7.25
CA ASN J 18 -82.36 12.40 8.69
C ASN J 18 -82.52 11.09 9.44
N GLY J 19 -81.73 10.93 10.50
CA GLY J 19 -81.93 9.83 11.42
C GLY J 19 -80.79 8.83 11.49
N LYS J 20 -80.20 8.50 10.34
CA LYS J 20 -79.23 7.42 10.25
C LYS J 20 -77.81 7.97 10.23
N SER J 21 -76.86 7.11 10.56
CA SER J 21 -75.46 7.49 10.58
C SER J 21 -74.97 7.79 9.17
N ASN J 22 -73.92 8.61 9.10
CA ASN J 22 -73.37 9.05 7.82
C ASN J 22 -71.99 9.64 8.10
N PHE J 23 -71.32 10.05 7.03
CA PHE J 23 -69.97 10.62 7.12
C PHE J 23 -69.94 11.99 6.47
N LEU J 24 -69.31 12.95 7.14
CA LEU J 24 -69.11 14.29 6.62
C LEU J 24 -67.67 14.43 6.16
N ASN J 25 -67.48 14.95 4.95
CA ASN J 25 -66.17 15.08 4.33
C ASN J 25 -65.93 16.51 3.89
N CYS J 26 -64.76 17.03 4.23
CA CYS J 26 -64.24 18.27 3.70
C CYS J 26 -62.99 17.91 2.89
N TYR J 27 -63.03 18.18 1.60
CA TYR J 27 -62.00 17.74 0.65
C TYR J 27 -61.34 18.98 0.06
N VAL J 28 -60.03 19.12 0.29
CA VAL J 28 -59.28 20.28 -0.17
C VAL J 28 -58.28 19.82 -1.22
N SER J 29 -58.16 20.59 -2.30
CA SER J 29 -57.32 20.16 -3.40
C SER J 29 -56.66 21.34 -4.08
N GLY J 30 -55.55 21.07 -4.76
CA GLY J 30 -54.90 22.05 -5.59
C GLY J 30 -54.25 23.21 -4.87
N PHE J 31 -53.59 22.96 -3.74
CA PHE J 31 -52.90 24.01 -3.02
C PHE J 31 -51.41 23.73 -2.97
N HIS J 32 -50.66 24.76 -2.61
CA HIS J 32 -49.21 24.71 -2.48
C HIS J 32 -48.75 25.94 -1.71
N PRO J 33 -47.92 25.79 -0.66
CA PRO J 33 -47.28 24.58 -0.12
C PRO J 33 -48.19 23.64 0.66
N SER J 34 -47.60 22.75 1.44
CA SER J 34 -48.31 21.63 2.06
C SER J 34 -48.84 21.93 3.45
N ASP J 35 -48.67 23.15 3.94
CA ASP J 35 -49.13 23.51 5.28
C ASP J 35 -50.53 24.10 5.20
N ILE J 36 -51.52 23.39 5.72
CA ILE J 36 -52.90 23.84 5.71
C ILE J 36 -53.51 23.55 7.08
N GLU J 37 -54.59 24.26 7.40
CA GLU J 37 -55.31 24.07 8.66
C GLU J 37 -56.79 23.90 8.35
N VAL J 38 -57.35 22.74 8.67
CA VAL J 38 -58.73 22.42 8.35
C VAL J 38 -59.46 21.94 9.60
N ASP J 39 -60.65 22.48 9.83
CA ASP J 39 -61.49 22.09 10.95
C ASP J 39 -62.90 21.81 10.47
N LEU J 40 -63.58 20.89 11.14
CA LEU J 40 -64.97 20.56 10.84
C LEU J 40 -65.85 21.05 11.97
N LEU J 41 -66.79 21.94 11.65
CA LEU J 41 -67.58 22.66 12.62
C LEU J 41 -69.02 22.19 12.63
N LYS J 42 -69.57 21.98 13.82
CA LYS J 42 -70.98 21.71 14.03
C LYS J 42 -71.56 22.82 14.89
N ASN J 43 -72.53 23.55 14.34
CA ASN J 43 -73.11 24.72 15.01
C ASN J 43 -72.04 25.74 15.38
N GLY J 44 -71.04 25.89 14.51
CA GLY J 44 -70.01 26.88 14.69
C GLY J 44 -68.88 26.49 15.62
N GLU J 45 -68.88 25.28 16.15
CA GLU J 45 -67.85 24.84 17.08
C GLU J 45 -67.13 23.62 16.55
N ARG J 46 -65.88 23.47 16.96
CA ARG J 46 -65.03 22.40 16.45
C ARG J 46 -65.56 21.03 16.84
N ILE J 47 -65.22 20.04 16.01
CA ILE J 47 -65.44 18.63 16.33
C ILE J 47 -64.09 18.03 16.66
N GLU J 48 -64.01 17.38 17.83
CA GLU J 48 -62.69 16.99 18.35
C GLU J 48 -62.11 15.80 17.59
N LYS J 49 -62.94 14.85 17.19
CA LYS J 49 -62.47 13.61 16.59
C LYS J 49 -62.57 13.71 15.07
N VAL J 50 -61.46 14.06 14.43
CA VAL J 50 -61.41 14.14 12.97
C VAL J 50 -60.12 13.48 12.51
N GLU J 51 -60.22 12.64 11.49
CA GLU J 51 -59.09 11.96 10.90
C GLU J 51 -58.91 12.40 9.46
N HIS J 52 -57.70 12.24 8.94
CA HIS J 52 -57.39 12.62 7.57
C HIS J 52 -56.45 11.60 6.95
N SER J 53 -56.40 11.61 5.61
CA SER J 53 -55.59 10.67 4.87
C SER J 53 -54.15 11.17 4.79
N ASP J 54 -53.35 10.54 3.93
CA ASP J 54 -51.95 10.91 3.75
C ASP J 54 -51.78 11.86 2.57
N LEU J 55 -50.84 12.79 2.72
CA LEU J 55 -50.62 13.83 1.73
C LEU J 55 -50.14 13.23 0.42
N SER J 56 -50.73 13.69 -0.68
CA SER J 56 -50.32 13.29 -2.01
C SER J 56 -50.46 14.48 -2.94
N PHE J 57 -49.97 14.35 -4.16
CA PHE J 57 -50.03 15.44 -5.11
C PHE J 57 -50.47 14.93 -6.46
N SER J 58 -50.77 15.87 -7.36
CA SER J 58 -51.32 15.59 -8.67
C SER J 58 -50.24 15.72 -9.73
N LYS J 59 -50.66 15.66 -11.00
CA LYS J 59 -49.73 15.73 -12.11
C LYS J 59 -48.98 17.05 -12.15
N ASP J 60 -49.54 18.11 -11.55
CA ASP J 60 -48.92 19.43 -11.54
C ASP J 60 -48.37 19.80 -10.17
N TRP J 61 -48.04 18.81 -9.33
CA TRP J 61 -47.35 19.01 -8.06
C TRP J 61 -48.19 19.82 -7.06
N SER J 62 -49.50 19.67 -7.08
CA SER J 62 -50.39 20.37 -6.16
C SER J 62 -51.07 19.36 -5.25
N PHE J 63 -50.97 19.59 -3.94
CA PHE J 63 -51.39 18.62 -2.95
C PHE J 63 -52.91 18.55 -2.84
N TYR J 64 -53.39 17.49 -2.18
CA TYR J 64 -54.79 17.39 -1.80
C TYR J 64 -54.92 16.56 -0.53
N LEU J 65 -56.04 16.74 0.16
CA LEU J 65 -56.31 16.06 1.42
C LEU J 65 -57.80 15.89 1.60
N LEU J 66 -58.17 14.94 2.47
CA LEU J 66 -59.56 14.65 2.81
C LEU J 66 -59.68 14.53 4.32
N TYR J 67 -60.63 15.27 4.91
CA TYR J 67 -60.96 15.14 6.32
C TYR J 67 -62.38 14.62 6.46
N TYR J 68 -62.57 13.62 7.31
CA TYR J 68 -63.88 13.00 7.45
C TYR J 68 -64.19 12.70 8.91
N THR J 69 -65.48 12.72 9.24
CA THR J 69 -65.94 12.37 10.58
C THR J 69 -67.33 11.77 10.49
N GLU J 70 -67.75 11.12 11.57
CA GLU J 70 -69.05 10.47 11.61
C GLU J 70 -70.09 11.38 12.26
N PHE J 71 -71.30 11.36 11.71
CA PHE J 71 -72.35 12.23 12.21
C PHE J 71 -73.70 11.67 11.79
N THR J 72 -74.74 12.12 12.49
CA THR J 72 -76.12 11.72 12.18
C THR J 72 -76.89 12.98 11.79
N PRO J 73 -77.12 13.20 10.50
CA PRO J 73 -77.74 14.47 10.07
C PRO J 73 -79.11 14.65 10.68
N THR J 74 -79.42 15.90 11.04
CA THR J 74 -80.69 16.25 11.66
C THR J 74 -81.20 17.51 10.98
N GLU J 75 -82.53 17.70 11.04
CA GLU J 75 -83.15 18.82 10.33
C GLU J 75 -82.75 20.16 10.93
N LYS J 76 -82.40 20.20 12.22
CA LYS J 76 -82.21 21.44 12.94
C LYS J 76 -80.76 21.65 13.37
N ASP J 77 -79.82 21.34 12.48
CA ASP J 77 -78.39 21.50 12.75
C ASP J 77 -77.72 22.18 11.56
N GLU J 78 -76.48 22.59 11.78
CA GLU J 78 -75.66 23.20 10.74
C GLU J 78 -74.26 22.63 10.81
N TYR J 79 -73.70 22.31 9.64
CA TYR J 79 -72.36 21.74 9.54
C TYR J 79 -71.55 22.52 8.51
N ALA J 80 -70.26 22.64 8.75
CA ALA J 80 -69.38 23.38 7.85
C ALA J 80 -67.96 22.90 8.03
N CYS J 81 -67.06 23.39 7.18
CA CYS J 81 -65.63 23.18 7.40
C CYS J 81 -64.90 24.49 7.12
N ARG J 82 -63.91 24.77 7.94
CA ARG J 82 -63.16 26.02 7.92
C ARG J 82 -61.70 25.74 7.58
N VAL J 83 -61.19 26.46 6.59
CA VAL J 83 -59.86 26.21 6.02
C VAL J 83 -59.04 27.49 6.09
N ASN J 84 -57.79 27.35 6.51
CA ASN J 84 -56.83 28.45 6.53
C ASN J 84 -55.53 28.00 5.88
N HIS J 85 -54.95 28.89 5.07
CA HIS J 85 -53.75 28.61 4.32
C HIS J 85 -52.87 29.84 4.34
N VAL J 86 -51.60 29.67 3.98
CA VAL J 86 -50.67 30.79 3.96
C VAL J 86 -51.00 31.79 2.87
N THR J 87 -51.82 31.40 1.89
CA THR J 87 -52.23 32.30 0.82
C THR J 87 -53.58 32.94 1.04
N LEU J 88 -54.25 32.64 2.15
CA LEU J 88 -55.57 33.19 2.44
C LEU J 88 -55.43 34.34 3.42
N SER J 89 -55.99 35.50 3.05
CA SER J 89 -55.97 36.65 3.95
C SER J 89 -56.82 36.39 5.18
N GLN J 90 -57.97 35.76 5.01
CA GLN J 90 -58.84 35.41 6.12
C GLN J 90 -59.35 33.99 5.92
N PRO J 91 -59.69 33.29 7.01
CA PRO J 91 -60.15 31.91 6.88
C PRO J 91 -61.40 31.81 6.04
N LYS J 92 -61.56 30.66 5.38
CA LYS J 92 -62.70 30.42 4.51
C LYS J 92 -63.59 29.36 5.14
N ILE J 93 -64.86 29.69 5.34
CA ILE J 93 -65.83 28.80 5.96
C ILE J 93 -66.83 28.37 4.90
N VAL J 94 -66.95 27.07 4.68
CA VAL J 94 -67.84 26.52 3.66
C VAL J 94 -68.90 25.69 4.35
N LYS J 95 -70.16 26.02 4.11
CA LYS J 95 -71.28 25.34 4.74
C LYS J 95 -71.73 24.14 3.92
N TRP J 96 -72.25 23.14 4.62
CA TRP J 96 -72.75 21.94 3.98
C TRP J 96 -74.15 22.17 3.42
N ASP J 97 -74.37 21.72 2.19
CA ASP J 97 -75.68 21.79 1.55
C ASP J 97 -76.09 20.40 1.12
N ARG J 98 -77.29 19.98 1.52
CA ARG J 98 -77.76 18.64 1.19
C ARG J 98 -77.97 18.46 -0.30
N ASP J 99 -78.14 19.55 -1.05
CA ASP J 99 -78.33 19.49 -2.48
C ASP J 99 -77.02 19.59 -3.25
N MET J 100 -75.89 19.61 -2.57
CA MET J 100 -74.59 19.64 -3.21
C MET J 100 -73.62 18.70 -2.52
N GLY K 1 -43.36 -2.46 -4.26
CA GLY K 1 -41.92 -2.61 -4.28
C GLY K 1 -41.19 -1.36 -4.72
N VAL K 2 -40.56 -0.68 -3.76
CA VAL K 2 -39.83 0.54 -4.09
C VAL K 2 -38.61 0.21 -4.95
N TYR K 3 -38.06 1.24 -5.57
CA TYR K 3 -36.92 1.09 -6.46
C TYR K 3 -35.71 0.56 -5.70
N ASP K 4 -35.18 -0.57 -6.16
CA ASP K 4 -34.09 -1.28 -5.48
C ASP K 4 -32.82 -1.17 -6.32
N GLY K 5 -32.11 -0.07 -6.14
CA GLY K 5 -30.88 0.18 -6.89
C GLY K 5 -29.93 0.99 -6.07
N ARG K 6 -29.26 1.94 -6.71
CA ARG K 6 -28.27 2.78 -6.06
C ARG K 6 -28.79 4.20 -6.00
N GLU K 7 -28.84 4.77 -4.79
CA GLU K 7 -29.37 6.12 -4.63
C GLU K 7 -28.42 7.15 -5.20
N HIS K 8 -28.96 8.03 -6.05
CA HIS K 8 -28.21 9.13 -6.65
C HIS K 8 -28.87 10.44 -6.25
N THR K 9 -28.07 11.38 -5.79
CA THR K 9 -28.56 12.66 -5.30
C THR K 9 -28.53 13.71 -6.41
N VAL K 10 -29.25 14.80 -6.17
CA VAL K 10 -29.32 15.89 -7.14
C VAL K 10 -27.98 16.60 -7.24
#